data_2MOM
#
_entry.id   2MOM
#
_entity_poly.entity_id   1
_entity_poly.type   'polypeptide(L)'
_entity_poly.pdbx_seq_one_letter_code
;SADDDNFLVPIAVGAALAGVLILVLLAYFIGLKHHHAGYEQF
;
_entity_poly.pdbx_strand_id   A,B,C
#
# COMPACT_ATOMS: atom_id res chain seq x y z
N SER A 1 -13.73 22.12 -12.21
CA SER A 1 -13.37 21.46 -13.49
C SER A 1 -12.24 20.47 -13.24
N ALA A 2 -12.02 20.14 -11.97
CA ALA A 2 -10.96 19.20 -11.60
C ALA A 2 -11.31 17.79 -12.09
N ASP A 3 -10.28 17.05 -12.51
CA ASP A 3 -10.48 15.69 -13.00
C ASP A 3 -11.51 15.67 -14.12
N ASP A 4 -11.50 16.71 -14.94
CA ASP A 4 -12.44 16.81 -16.06
C ASP A 4 -12.22 15.66 -17.04
N ASP A 5 -10.96 15.27 -17.23
CA ASP A 5 -10.63 14.19 -18.13
C ASP A 5 -11.27 12.88 -17.66
N ASN A 6 -11.22 12.64 -16.36
CA ASN A 6 -11.79 11.43 -15.78
C ASN A 6 -13.28 11.62 -15.51
N PHE A 7 -14.11 10.95 -16.29
CA PHE A 7 -15.56 11.05 -16.12
C PHE A 7 -15.99 10.54 -14.75
N LEU A 8 -15.37 9.44 -14.32
CA LEU A 8 -15.69 8.84 -13.03
C LEU A 8 -14.82 9.45 -11.93
N VAL A 9 -15.45 9.86 -10.84
CA VAL A 9 -14.73 10.46 -9.72
C VAL A 9 -15.50 10.24 -8.42
N PRO A 10 -15.88 9.01 -8.16
CA PRO A 10 -16.64 8.64 -6.92
C PRO A 10 -15.81 8.89 -5.66
N ILE A 11 -16.49 9.35 -4.60
CA ILE A 11 -15.80 9.62 -3.33
C ILE A 11 -15.28 8.33 -2.70
N ALA A 12 -16.09 7.29 -2.73
CA ALA A 12 -15.71 6.00 -2.15
C ALA A 12 -14.24 5.68 -2.49
N VAL A 13 -13.71 6.32 -3.53
CA VAL A 13 -12.32 6.08 -3.93
C VAL A 13 -11.37 6.42 -2.79
N GLY A 14 -11.61 7.55 -2.13
CA GLY A 14 -10.77 7.96 -1.02
C GLY A 14 -10.85 6.95 0.12
N ALA A 15 -12.03 6.38 0.33
CA ALA A 15 -12.22 5.39 1.39
C ALA A 15 -11.33 4.19 1.15
N ALA A 16 -11.22 3.75 -0.09
CA ALA A 16 -10.39 2.61 -0.43
C ALA A 16 -8.92 2.91 -0.15
N LEU A 17 -8.52 4.16 -0.40
CA LEU A 17 -7.13 4.56 -0.18
C LEU A 17 -6.76 4.38 1.29
N ALA A 18 -7.65 4.83 2.18
CA ALA A 18 -7.40 4.72 3.60
C ALA A 18 -7.28 3.26 4.01
N GLY A 19 -8.06 2.41 3.37
CA GLY A 19 -8.03 0.98 3.66
C GLY A 19 -6.67 0.37 3.33
N VAL A 20 -6.06 0.85 2.26
CA VAL A 20 -4.75 0.36 1.84
C VAL A 20 -3.70 0.71 2.88
N LEU A 21 -3.78 1.93 3.39
CA LEU A 21 -2.83 2.39 4.40
C LEU A 21 -2.93 1.55 5.67
N ILE A 22 -4.15 1.17 6.03
CA ILE A 22 -4.37 0.35 7.22
C ILE A 22 -3.70 -1.01 7.03
N LEU A 23 -3.82 -1.57 5.84
CA LEU A 23 -3.24 -2.87 5.54
C LEU A 23 -1.71 -2.80 5.69
N VAL A 24 -1.13 -1.71 5.22
CA VAL A 24 0.32 -1.54 5.31
C VAL A 24 0.77 -1.42 6.76
N LEU A 25 0.02 -0.68 7.55
CA LEU A 25 0.35 -0.48 8.97
C LEU A 25 0.33 -1.81 9.70
N LEU A 26 -0.66 -2.63 9.41
CA LEU A 26 -0.75 -3.93 10.06
C LEU A 26 0.46 -4.77 9.71
N ALA A 27 0.85 -4.71 8.43
CA ALA A 27 2.00 -5.47 7.96
C ALA A 27 3.23 -5.07 8.77
N TYR A 28 3.45 -3.77 8.89
CA TYR A 28 4.58 -3.24 9.66
C TYR A 28 4.43 -3.59 11.14
N PHE A 29 3.18 -3.60 11.61
CA PHE A 29 2.90 -3.90 13.02
C PHE A 29 3.42 -5.29 13.37
N ILE A 30 3.16 -6.26 12.50
CA ILE A 30 3.61 -7.63 12.73
C ILE A 30 5.14 -7.67 12.72
N GLY A 31 5.75 -6.96 11.77
CA GLY A 31 7.20 -6.93 11.68
C GLY A 31 7.82 -6.27 12.89
N LEU A 32 7.12 -5.28 13.45
CA LEU A 32 7.62 -4.58 14.62
C LEU A 32 7.76 -5.54 15.79
N LYS A 33 6.78 -6.42 15.94
CA LYS A 33 6.80 -7.40 17.04
C LYS A 33 6.88 -6.69 18.39
N HIS A 34 6.70 -5.37 18.37
CA HIS A 34 6.74 -4.59 19.60
C HIS A 34 7.92 -5.03 20.48
N HIS A 35 9.10 -4.50 20.18
CA HIS A 35 10.30 -4.85 20.93
C HIS A 35 10.32 -4.10 22.26
N HIS A 36 10.65 -4.81 23.33
CA HIS A 36 10.71 -4.20 24.65
C HIS A 36 12.04 -3.49 24.85
N ALA A 37 11.98 -2.26 25.38
CA ALA A 37 13.18 -1.48 25.62
C ALA A 37 13.88 -1.94 26.89
N GLY A 38 13.19 -2.78 27.67
CA GLY A 38 13.75 -3.29 28.92
C GLY A 38 14.99 -4.13 28.64
N TYR A 39 14.95 -4.90 27.56
CA TYR A 39 16.08 -5.76 27.19
C TYR A 39 16.74 -5.24 25.91
N GLU A 40 18.08 -5.23 25.89
CA GLU A 40 18.81 -4.76 24.71
C GLU A 40 19.34 -5.94 23.90
N GLN A 41 19.04 -5.97 22.62
CA GLN A 41 19.50 -7.06 21.76
C GLN A 41 21.01 -7.23 21.92
N PHE A 42 21.47 -8.47 21.85
CA PHE A 42 22.90 -8.75 21.99
C PHE A 42 23.64 -8.34 20.72
N SER B 1 -8.51 26.45 -6.52
CA SER B 1 -8.57 27.44 -7.63
C SER B 1 -7.62 27.01 -8.74
N ALA B 2 -8.09 26.10 -9.59
CA ALA B 2 -7.28 25.61 -10.70
C ALA B 2 -8.16 24.96 -11.76
N ASP B 3 -7.69 24.95 -13.01
CA ASP B 3 -8.44 24.36 -14.11
C ASP B 3 -7.50 23.59 -15.03
N ASP B 4 -7.50 22.26 -14.89
CA ASP B 4 -6.65 21.42 -15.71
C ASP B 4 -5.18 21.84 -15.59
N ASP B 5 -4.73 22.03 -14.36
CA ASP B 5 -3.34 22.44 -14.11
C ASP B 5 -2.38 21.37 -14.61
N ASN B 6 -2.75 20.11 -14.42
CA ASN B 6 -1.92 18.99 -14.85
C ASN B 6 -2.15 18.69 -16.33
N PHE B 7 -1.16 18.99 -17.16
CA PHE B 7 -1.27 18.75 -18.59
C PHE B 7 -1.48 17.27 -18.86
N LEU B 8 -0.73 16.43 -18.16
CA LEU B 8 -0.84 14.98 -18.34
C LEU B 8 -1.72 14.39 -17.24
N VAL B 9 -2.74 13.63 -17.66
CA VAL B 9 -3.66 13.01 -16.72
C VAL B 9 -4.13 11.66 -17.26
N PRO B 10 -3.20 10.83 -17.69
CA PRO B 10 -3.51 9.48 -18.23
C PRO B 10 -4.18 8.58 -17.19
N ILE B 11 -5.09 7.72 -17.66
CA ILE B 11 -5.80 6.82 -16.77
C ILE B 11 -4.87 5.75 -16.19
N ALA B 12 -3.81 5.43 -16.93
CA ALA B 12 -2.84 4.42 -16.48
C ALA B 12 -2.55 4.58 -14.98
N VAL B 13 -2.83 5.78 -14.45
CA VAL B 13 -2.58 6.04 -13.05
C VAL B 13 -3.46 5.14 -12.17
N GLY B 14 -4.73 5.01 -12.54
CA GLY B 14 -5.65 4.19 -11.78
C GLY B 14 -5.23 2.72 -11.83
N ALA B 15 -4.75 2.28 -12.98
CA ALA B 15 -4.31 0.90 -13.14
C ALA B 15 -3.15 0.59 -12.20
N ALA B 16 -2.24 1.55 -12.05
CA ALA B 16 -1.10 1.37 -11.17
C ALA B 16 -1.55 1.25 -9.73
N LEU B 17 -2.59 2.00 -9.37
CA LEU B 17 -3.10 1.98 -8.01
C LEU B 17 -3.57 0.57 -7.65
N ALA B 18 -4.31 -0.06 -8.57
CA ALA B 18 -4.81 -1.41 -8.34
C ALA B 18 -3.65 -2.39 -8.18
N GLY B 19 -2.59 -2.18 -8.96
CA GLY B 19 -1.42 -3.05 -8.91
C GLY B 19 -0.79 -3.02 -7.53
N VAL B 20 -0.74 -1.83 -6.93
CA VAL B 20 -0.16 -1.67 -5.59
C VAL B 20 -0.99 -2.45 -4.57
N LEU B 21 -2.31 -2.36 -4.71
CA LEU B 21 -3.22 -3.05 -3.80
C LEU B 21 -2.97 -4.56 -3.83
N ILE B 22 -2.70 -5.08 -5.02
CA ILE B 22 -2.43 -6.51 -5.17
C ILE B 22 -1.16 -6.88 -4.43
N LEU B 23 -0.14 -6.04 -4.55
CA LEU B 23 1.13 -6.29 -3.89
C LEU B 23 0.96 -6.35 -2.38
N VAL B 24 0.14 -5.45 -1.85
CA VAL B 24 -0.11 -5.40 -0.41
C VAL B 24 -0.78 -6.68 0.07
N LEU B 25 -1.72 -7.18 -0.72
CA LEU B 25 -2.44 -8.41 -0.36
C LEU B 25 -1.47 -9.58 -0.25
N LEU B 26 -0.54 -9.65 -1.19
CA LEU B 26 0.43 -10.73 -1.16
C LEU B 26 1.25 -10.65 0.11
N ALA B 27 1.63 -9.43 0.47
CA ALA B 27 2.42 -9.22 1.68
C ALA B 27 1.68 -9.80 2.89
N TYR B 28 0.40 -9.46 3.00
CA TYR B 28 -0.43 -9.95 4.09
C TYR B 28 -0.55 -11.47 4.02
N PHE B 29 -0.60 -12.00 2.81
CA PHE B 29 -0.73 -13.45 2.61
C PHE B 29 0.42 -14.18 3.30
N ILE B 30 1.63 -13.66 3.13
CA ILE B 30 2.81 -14.26 3.75
C ILE B 30 2.71 -14.14 5.28
N GLY B 31 2.26 -12.97 5.74
CA GLY B 31 2.12 -12.74 7.17
C GLY B 31 1.10 -13.69 7.78
N LEU B 32 0.04 -13.97 7.05
CA LEU B 32 -1.00 -14.86 7.54
C LEU B 32 -0.43 -16.26 7.76
N LYS B 33 0.41 -16.71 6.84
CA LYS B 33 1.02 -18.04 6.93
C LYS B 33 -0.06 -19.11 7.01
N HIS B 34 -0.14 -19.94 5.97
CA HIS B 34 -1.13 -21.01 5.94
C HIS B 34 -0.74 -22.12 6.90
N HIS B 35 -1.71 -22.59 7.68
CA HIS B 35 -1.47 -23.65 8.64
C HIS B 35 -1.35 -24.99 7.93
N HIS B 36 -0.27 -25.72 8.21
CA HIS B 36 -0.07 -27.02 7.59
C HIS B 36 -0.98 -28.07 8.22
N ALA B 37 -1.60 -28.89 7.38
CA ALA B 37 -2.51 -29.93 7.86
C ALA B 37 -1.73 -31.10 8.42
N GLY B 38 -0.42 -31.11 8.17
CA GLY B 38 0.45 -32.18 8.66
C GLY B 38 0.47 -32.20 10.19
N TYR B 39 0.42 -31.02 10.80
CA TYR B 39 0.43 -30.90 12.26
C TYR B 39 -0.95 -30.51 12.78
N GLU B 40 -1.41 -31.18 13.83
CA GLU B 40 -2.73 -30.87 14.41
C GLU B 40 -2.56 -30.11 15.72
N GLN B 41 -3.20 -28.94 15.81
CA GLN B 41 -3.11 -28.11 17.01
C GLN B 41 -4.51 -27.74 17.49
N PHE B 42 -4.76 -27.98 18.78
CA PHE B 42 -6.07 -27.66 19.35
C PHE B 42 -6.33 -26.16 19.31
N SER C 1 -16.34 12.98 6.99
CA SER C 1 -15.33 13.24 8.06
C SER C 1 -14.05 12.47 7.74
N ALA C 2 -14.22 11.21 7.36
CA ALA C 2 -13.07 10.36 7.04
C ALA C 2 -12.37 10.89 5.79
N ASP C 3 -13.16 11.35 4.82
CA ASP C 3 -12.61 11.88 3.57
C ASP C 3 -12.46 13.40 3.67
N ASP C 4 -11.20 13.85 3.74
CA ASP C 4 -10.92 15.28 3.83
C ASP C 4 -11.33 16.00 2.55
N ASP C 5 -11.83 17.22 2.71
CA ASP C 5 -12.27 18.00 1.55
C ASP C 5 -11.09 18.29 0.62
N ASN C 6 -9.95 18.61 1.21
CA ASN C 6 -8.75 18.90 0.43
C ASN C 6 -9.02 20.06 -0.54
N PHE C 7 -9.82 21.02 -0.09
CA PHE C 7 -10.14 22.18 -0.92
C PHE C 7 -8.87 22.95 -1.27
N LEU C 8 -8.04 23.19 -0.26
CA LEU C 8 -6.80 23.93 -0.47
C LEU C 8 -5.70 23.01 -1.00
N VAL C 9 -5.11 23.39 -2.13
CA VAL C 9 -4.05 22.59 -2.73
C VAL C 9 -4.42 21.11 -2.72
N PRO C 10 -5.33 20.72 -3.57
CA PRO C 10 -5.79 19.30 -3.66
C PRO C 10 -4.75 18.40 -4.35
N ILE C 11 -3.77 19.02 -4.99
CA ILE C 11 -2.73 18.28 -5.70
C ILE C 11 -1.91 17.42 -4.72
N ALA C 12 -1.55 17.99 -3.58
CA ALA C 12 -0.77 17.28 -2.58
C ALA C 12 -1.26 15.82 -2.44
N VAL C 13 -2.49 15.56 -2.89
CA VAL C 13 -3.06 14.21 -2.81
C VAL C 13 -2.22 13.24 -3.62
N GLY C 14 -1.80 13.65 -4.82
CA GLY C 14 -0.98 12.79 -5.67
C GLY C 14 0.36 12.50 -5.01
N ALA C 15 0.93 13.52 -4.37
CA ALA C 15 2.22 13.36 -3.71
C ALA C 15 2.13 12.33 -2.60
N ALA C 16 1.02 12.34 -1.87
CA ALA C 16 0.82 11.38 -0.79
C ALA C 16 0.71 9.96 -1.32
N LEU C 17 0.12 9.83 -2.51
CA LEU C 17 -0.05 8.51 -3.12
C LEU C 17 1.33 7.88 -3.38
N ALA C 18 2.25 8.67 -3.91
CA ALA C 18 3.59 8.17 -4.20
C ALA C 18 4.28 7.76 -2.90
N GLY C 19 4.04 8.52 -1.84
CA GLY C 19 4.66 8.24 -0.54
C GLY C 19 4.23 6.86 -0.04
N VAL C 20 2.95 6.52 -0.24
CA VAL C 20 2.43 5.23 0.20
C VAL C 20 3.15 4.10 -0.53
N LEU C 21 3.34 4.27 -1.84
CA LEU C 21 3.99 3.25 -2.65
C LEU C 21 5.40 2.99 -2.10
N ILE C 22 6.08 4.04 -1.65
CA ILE C 22 7.41 3.88 -1.09
C ILE C 22 7.37 3.03 0.17
N LEU C 23 6.38 3.28 1.02
CA LEU C 23 6.24 2.53 2.25
C LEU C 23 6.03 1.05 1.96
N VAL C 24 5.25 0.76 0.94
CA VAL C 24 4.97 -0.62 0.56
C VAL C 24 6.25 -1.32 0.10
N LEU C 25 7.08 -0.59 -0.65
CA LEU C 25 8.33 -1.17 -1.14
C LEU C 25 9.24 -1.56 0.01
N LEU C 26 9.30 -0.70 1.02
CA LEU C 26 10.14 -1.00 2.17
C LEU C 26 9.66 -2.27 2.84
N ALA C 27 8.35 -2.40 2.96
CA ALA C 27 7.75 -3.58 3.58
C ALA C 27 8.23 -4.83 2.87
N TYR C 28 8.13 -4.81 1.54
CA TYR C 28 8.56 -5.94 0.71
C TYR C 28 10.06 -6.15 0.84
N PHE C 29 10.80 -5.04 0.99
CA PHE C 29 12.25 -5.10 1.10
C PHE C 29 12.65 -5.96 2.30
N ILE C 30 11.98 -5.74 3.43
CA ILE C 30 12.26 -6.50 4.64
C ILE C 30 11.91 -7.97 4.43
N GLY C 31 10.77 -8.22 3.78
CA GLY C 31 10.33 -9.59 3.52
C GLY C 31 11.26 -10.28 2.53
N LEU C 32 12.03 -9.49 1.79
CA LEU C 32 12.94 -10.05 0.80
C LEU C 32 13.97 -10.94 1.49
N LYS C 33 14.46 -10.50 2.65
CA LYS C 33 15.47 -11.27 3.38
C LYS C 33 15.22 -12.76 3.26
N HIS C 34 16.28 -13.55 3.35
CA HIS C 34 16.15 -14.99 3.24
C HIS C 34 15.33 -15.37 2.02
N HIS C 35 16.00 -15.60 0.90
CA HIS C 35 15.32 -15.97 -0.34
C HIS C 35 14.90 -17.43 -0.29
N HIS C 36 13.74 -17.73 -0.87
CA HIS C 36 13.24 -19.10 -0.90
C HIS C 36 14.00 -19.93 -1.92
N ALA C 37 14.28 -21.19 -1.56
CA ALA C 37 15.01 -22.08 -2.46
C ALA C 37 14.09 -22.60 -3.56
N GLY C 38 12.78 -22.39 -3.40
CA GLY C 38 11.81 -22.83 -4.37
C GLY C 38 11.98 -22.09 -5.69
N TYR C 39 12.33 -20.80 -5.59
CA TYR C 39 12.54 -19.98 -6.79
C TYR C 39 13.95 -20.15 -7.32
N GLU C 40 14.08 -20.45 -8.62
CA GLU C 40 15.41 -20.62 -9.22
C GLU C 40 15.90 -19.29 -9.79
N GLN C 41 17.01 -18.79 -9.24
CA GLN C 41 17.58 -17.53 -9.72
C GLN C 41 18.28 -17.74 -11.06
N PHE C 42 18.07 -16.81 -11.99
CA PHE C 42 18.69 -16.92 -13.30
C PHE C 42 20.18 -16.60 -13.22
N SER A 1 -15.83 19.82 -17.82
CA SER A 1 -16.20 18.78 -16.83
C SER A 1 -16.28 17.42 -17.52
N ALA A 2 -16.66 16.40 -16.77
CA ALA A 2 -16.78 15.06 -17.32
C ALA A 2 -17.80 14.25 -16.53
N ASP A 3 -18.38 13.25 -17.19
CA ASP A 3 -19.38 12.38 -16.55
C ASP A 3 -18.75 11.07 -16.10
N ASP A 4 -18.59 10.91 -14.80
CA ASP A 4 -17.99 9.69 -14.24
C ASP A 4 -18.98 8.54 -14.29
N ASP A 5 -18.45 7.33 -14.46
CA ASP A 5 -19.31 6.14 -14.52
C ASP A 5 -19.93 5.85 -13.16
N ASN A 6 -21.18 5.41 -13.16
CA ASN A 6 -21.87 5.09 -11.92
C ASN A 6 -21.20 3.92 -11.20
N PHE A 7 -20.79 2.92 -11.98
CA PHE A 7 -20.13 1.74 -11.41
C PHE A 7 -18.84 2.12 -10.72
N LEU A 8 -18.04 2.96 -11.38
CA LEU A 8 -16.75 3.40 -10.83
C LEU A 8 -16.75 4.91 -10.64
N VAL A 9 -16.43 5.35 -9.43
CA VAL A 9 -16.40 6.78 -9.14
C VAL A 9 -15.15 7.13 -8.32
N PRO A 10 -14.64 8.32 -8.47
CA PRO A 10 -13.42 8.78 -7.72
C PRO A 10 -13.67 8.86 -6.21
N ILE A 11 -14.93 8.99 -5.82
CA ILE A 11 -15.28 9.09 -4.41
C ILE A 11 -14.89 7.82 -3.66
N ALA A 12 -15.22 6.66 -4.24
CA ALA A 12 -14.91 5.38 -3.61
C ALA A 12 -13.42 5.08 -3.67
N VAL A 13 -12.72 5.74 -4.60
CA VAL A 13 -11.28 5.53 -4.75
C VAL A 13 -10.53 6.06 -3.53
N GLY A 14 -10.93 7.24 -3.05
CA GLY A 14 -10.28 7.83 -1.88
C GLY A 14 -10.48 6.97 -0.65
N ALA A 15 -11.69 6.43 -0.49
CA ALA A 15 -11.99 5.58 0.65
C ALA A 15 -11.10 4.34 0.66
N ALA A 16 -10.90 3.77 -0.53
CA ALA A 16 -10.05 2.59 -0.65
C ALA A 16 -8.60 2.91 -0.28
N LEU A 17 -8.16 4.12 -0.62
CA LEU A 17 -6.80 4.54 -0.34
C LEU A 17 -6.56 4.54 1.18
N ALA A 18 -7.53 5.07 1.93
CA ALA A 18 -7.41 5.11 3.37
C ALA A 18 -7.37 3.70 3.95
N GLY A 19 -8.15 2.81 3.35
CA GLY A 19 -8.19 1.42 3.81
C GLY A 19 -6.84 0.73 3.64
N VAL A 20 -6.18 1.00 2.52
CA VAL A 20 -4.86 0.42 2.24
C VAL A 20 -3.85 0.90 3.26
N LEU A 21 -3.90 2.19 3.59
CA LEU A 21 -2.96 2.76 4.54
C LEU A 21 -3.10 2.05 5.89
N ILE A 22 -4.33 1.72 6.27
CA ILE A 22 -4.57 1.03 7.52
C ILE A 22 -3.93 -0.36 7.49
N LEU A 23 -4.09 -1.04 6.35
CA LEU A 23 -3.53 -2.38 6.19
C LEU A 23 -2.00 -2.34 6.32
N VAL A 24 -1.39 -1.33 5.73
CA VAL A 24 0.06 -1.18 5.77
C VAL A 24 0.54 -0.97 7.21
N LEU A 25 -0.20 -0.16 7.95
CA LEU A 25 0.15 0.14 9.34
C LEU A 25 0.16 -1.14 10.17
N LEU A 26 -0.82 -1.99 9.94
CA LEU A 26 -0.90 -3.24 10.68
C LEU A 26 0.33 -4.07 10.41
N ALA A 27 0.74 -4.10 9.15
CA ALA A 27 1.93 -4.85 8.75
C ALA A 27 3.14 -4.38 9.56
N TYR A 28 3.31 -3.07 9.61
CA TYR A 28 4.41 -2.46 10.35
C TYR A 28 4.24 -2.71 11.84
N PHE A 29 2.98 -2.71 12.30
CA PHE A 29 2.69 -2.93 13.71
C PHE A 29 3.25 -4.27 14.17
N ILE A 30 3.03 -5.32 13.36
CA ILE A 30 3.53 -6.64 13.69
C ILE A 30 5.07 -6.64 13.68
N GLY A 31 5.65 -5.98 12.69
CA GLY A 31 7.11 -5.91 12.58
C GLY A 31 7.71 -5.16 13.77
N LEU A 32 6.98 -4.19 14.28
CA LEU A 32 7.44 -3.41 15.41
C LEU A 32 7.59 -4.29 16.65
N LYS A 33 6.65 -5.20 16.82
CA LYS A 33 6.67 -6.11 17.97
C LYS A 33 6.71 -5.33 19.27
N HIS A 34 6.25 -4.08 19.22
CA HIS A 34 6.23 -3.23 20.42
C HIS A 34 7.54 -3.37 21.20
N HIS A 35 8.52 -2.55 20.85
CA HIS A 35 9.81 -2.58 21.52
C HIS A 35 9.71 -1.94 22.90
N HIS A 36 10.34 -2.59 23.89
CA HIS A 36 10.31 -2.09 25.26
C HIS A 36 11.37 -1.00 25.44
N ALA A 37 10.99 0.09 26.11
CA ALA A 37 11.91 1.20 26.34
C ALA A 37 12.88 0.85 27.47
N GLY A 38 12.58 -0.23 28.19
CA GLY A 38 13.43 -0.66 29.29
C GLY A 38 14.82 -1.05 28.80
N TYR A 39 14.87 -1.71 27.64
CA TYR A 39 16.14 -2.14 27.07
C TYR A 39 16.81 -0.97 26.34
N GLU A 40 18.10 -0.76 26.59
CA GLU A 40 18.83 0.32 25.94
C GLU A 40 19.09 -0.03 24.48
N GLN A 41 18.60 0.81 23.57
CA GLN A 41 18.81 0.58 22.15
C GLN A 41 20.30 0.39 21.86
N PHE A 42 20.62 -0.51 20.94
CA PHE A 42 22.02 -0.75 20.58
C PHE A 42 22.71 0.57 20.26
N SER B 1 8.18 13.12 -16.42
CA SER B 1 8.52 13.41 -14.99
C SER B 1 8.56 14.92 -14.79
N ALA B 2 8.38 15.66 -15.88
CA ALA B 2 8.40 17.12 -15.83
C ALA B 2 7.17 17.64 -15.10
N ASP B 3 7.34 18.74 -14.37
CA ASP B 3 6.24 19.35 -13.63
C ASP B 3 5.12 19.77 -14.59
N ASP B 4 5.51 20.38 -15.69
CA ASP B 4 4.54 20.83 -16.69
C ASP B 4 3.93 19.65 -17.43
N ASP B 5 2.65 19.75 -17.74
CA ASP B 5 1.96 18.68 -18.45
C ASP B 5 2.06 17.37 -17.66
N ASN B 6 2.04 17.48 -16.34
CA ASN B 6 2.14 16.30 -15.48
C ASN B 6 0.93 15.39 -15.68
N PHE B 7 -0.24 15.99 -15.82
CA PHE B 7 -1.47 15.23 -16.01
C PHE B 7 -1.41 14.43 -17.31
N LEU B 8 -0.79 13.25 -17.23
CA LEU B 8 -0.66 12.37 -18.40
C LEU B 8 -1.34 11.04 -18.14
N VAL B 9 -2.16 10.61 -19.10
CA VAL B 9 -2.89 9.36 -18.97
C VAL B 9 -3.55 9.25 -17.60
N PRO B 10 -4.58 10.01 -17.37
CA PRO B 10 -5.32 10.00 -16.09
C PRO B 10 -5.80 8.60 -15.69
N ILE B 11 -6.16 7.80 -16.70
CA ILE B 11 -6.65 6.45 -16.46
C ILE B 11 -5.57 5.58 -15.82
N ALA B 12 -4.34 5.67 -16.33
CA ALA B 12 -3.24 4.88 -15.82
C ALA B 12 -3.12 5.02 -14.30
N VAL B 13 -3.71 6.08 -13.76
CA VAL B 13 -3.67 6.31 -12.32
C VAL B 13 -4.46 5.23 -11.58
N GLY B 14 -5.63 4.89 -12.11
CA GLY B 14 -6.48 3.88 -11.49
C GLY B 14 -5.80 2.51 -11.55
N ALA B 15 -5.11 2.24 -12.65
CA ALA B 15 -4.43 0.97 -12.81
C ALA B 15 -3.32 0.82 -11.77
N ALA B 16 -2.61 1.91 -11.51
CA ALA B 16 -1.52 1.89 -10.55
C ALA B 16 -2.06 1.57 -9.16
N LEU B 17 -3.22 2.13 -8.85
CA LEU B 17 -3.81 1.89 -7.53
C LEU B 17 -4.10 0.41 -7.34
N ALA B 18 -4.74 -0.20 -8.33
CA ALA B 18 -5.07 -1.61 -8.25
C ALA B 18 -3.80 -2.45 -8.18
N GLY B 19 -2.78 -2.03 -8.92
CA GLY B 19 -1.51 -2.75 -8.93
C GLY B 19 -0.89 -2.79 -7.52
N VAL B 20 -0.94 -1.66 -6.83
CA VAL B 20 -0.39 -1.58 -5.48
C VAL B 20 -1.18 -2.45 -4.51
N LEU B 21 -2.50 -2.41 -4.64
CA LEU B 21 -3.36 -3.21 -3.75
C LEU B 21 -3.03 -4.69 -3.90
N ILE B 22 -2.80 -5.13 -5.13
CA ILE B 22 -2.47 -6.52 -5.38
C ILE B 22 -1.12 -6.86 -4.76
N LEU B 23 -0.17 -5.95 -4.91
CA LEU B 23 1.17 -6.17 -4.36
C LEU B 23 1.11 -6.34 -2.84
N VAL B 24 0.29 -5.52 -2.19
CA VAL B 24 0.15 -5.59 -0.75
C VAL B 24 -0.39 -6.95 -0.31
N LEU B 25 -1.37 -7.44 -1.06
CA LEU B 25 -1.99 -8.73 -0.73
C LEU B 25 -0.94 -9.84 -0.79
N LEU B 26 -0.09 -9.80 -1.79
CA LEU B 26 0.94 -10.81 -1.93
C LEU B 26 1.86 -10.77 -0.72
N ALA B 27 2.20 -9.56 -0.30
CA ALA B 27 3.07 -9.38 0.86
C ALA B 27 2.46 -10.08 2.08
N TYR B 28 1.18 -9.80 2.31
CA TYR B 28 0.47 -10.40 3.43
C TYR B 28 0.33 -11.91 3.22
N PHE B 29 0.17 -12.32 1.96
CA PHE B 29 0.01 -13.74 1.64
C PHE B 29 1.22 -14.53 2.15
N ILE B 30 2.43 -14.01 1.90
CA ILE B 30 3.65 -14.66 2.34
C ILE B 30 3.69 -14.70 3.87
N GLY B 31 3.31 -13.59 4.50
CA GLY B 31 3.32 -13.49 5.95
C GLY B 31 2.36 -14.50 6.56
N LEU B 32 1.25 -14.76 5.87
CA LEU B 32 0.25 -15.70 6.36
C LEU B 32 0.85 -17.09 6.48
N LYS B 33 1.66 -17.46 5.50
CA LYS B 33 2.29 -18.79 5.50
C LYS B 33 1.24 -19.89 5.55
N HIS B 34 0.75 -20.28 4.38
CA HIS B 34 -0.27 -21.33 4.31
C HIS B 34 0.34 -22.68 4.65
N HIS B 35 -0.32 -23.41 5.54
CA HIS B 35 0.17 -24.73 5.95
C HIS B 35 0.07 -25.72 4.80
N HIS B 36 1.08 -26.56 4.66
CA HIS B 36 1.09 -27.56 3.59
C HIS B 36 0.08 -28.66 3.88
N ALA B 37 -0.62 -29.09 2.84
CA ALA B 37 -1.63 -30.14 2.99
C ALA B 37 -0.96 -31.51 3.08
N GLY B 38 0.33 -31.55 2.78
CA GLY B 38 1.07 -32.81 2.82
C GLY B 38 1.13 -33.36 4.24
N TYR B 39 1.26 -32.46 5.22
CA TYR B 39 1.32 -32.88 6.61
C TYR B 39 -0.10 -33.12 7.14
N GLU B 40 -0.30 -34.24 7.84
CA GLU B 40 -1.61 -34.57 8.40
C GLU B 40 -1.61 -34.36 9.92
N GLN B 41 -2.48 -33.46 10.38
CA GLN B 41 -2.56 -33.19 11.81
C GLN B 41 -2.76 -34.50 12.59
N PHE B 42 -2.19 -34.58 13.78
CA PHE B 42 -2.33 -35.78 14.58
C PHE B 42 -1.84 -35.52 16.01
N SER C 1 -25.29 15.81 -14.86
CA SER C 1 -24.01 15.33 -15.43
C SER C 1 -23.04 15.01 -14.30
N ALA C 2 -23.49 15.23 -13.07
CA ALA C 2 -22.64 14.97 -11.90
C ALA C 2 -23.51 14.74 -10.67
N ASP C 3 -23.01 13.92 -9.74
CA ASP C 3 -23.74 13.63 -8.51
C ASP C 3 -22.83 13.80 -7.30
N ASP C 4 -22.94 14.96 -6.66
CA ASP C 4 -22.13 15.26 -5.47
C ASP C 4 -20.65 15.09 -5.79
N ASP C 5 -20.28 15.34 -7.06
CA ASP C 5 -18.89 15.22 -7.48
C ASP C 5 -18.03 16.29 -6.80
N ASN C 6 -16.81 15.90 -6.43
CA ASN C 6 -15.90 16.84 -5.78
C ASN C 6 -15.18 17.69 -6.81
N PHE C 7 -15.12 19.00 -6.58
CA PHE C 7 -14.44 19.91 -7.49
C PHE C 7 -13.07 20.31 -6.96
N LEU C 8 -12.67 19.65 -5.87
CA LEU C 8 -11.36 19.93 -5.25
C LEU C 8 -10.44 18.72 -5.37
N VAL C 9 -9.21 18.97 -5.80
CA VAL C 9 -8.23 17.90 -5.95
C VAL C 9 -6.81 18.45 -5.88
N PRO C 10 -6.34 18.75 -4.70
CA PRO C 10 -4.98 19.30 -4.48
C PRO C 10 -3.88 18.34 -4.98
N ILE C 11 -2.80 18.91 -5.51
CA ILE C 11 -1.70 18.09 -6.02
C ILE C 11 -1.06 17.28 -4.89
N ALA C 12 -0.83 17.93 -3.74
CA ALA C 12 -0.21 17.26 -2.60
C ALA C 12 -0.77 15.85 -2.43
N VAL C 13 -1.95 15.60 -3.01
CA VAL C 13 -2.57 14.29 -2.92
C VAL C 13 -1.72 13.24 -3.63
N GLY C 14 -1.22 13.59 -4.81
CA GLY C 14 -0.40 12.66 -5.58
C GLY C 14 0.90 12.34 -4.83
N ALA C 15 1.44 13.34 -4.15
CA ALA C 15 2.68 13.15 -3.40
C ALA C 15 2.49 12.11 -2.31
N ALA C 16 1.33 12.16 -1.64
CA ALA C 16 1.03 11.20 -0.58
C ALA C 16 0.93 9.79 -1.15
N LEU C 17 0.37 9.69 -2.36
CA LEU C 17 0.21 8.38 -3.00
C LEU C 17 1.57 7.72 -3.20
N ALA C 18 2.54 8.49 -3.69
CA ALA C 18 3.88 7.97 -3.92
C ALA C 18 4.52 7.54 -2.60
N GLY C 19 4.25 8.31 -1.55
CA GLY C 19 4.81 8.00 -0.23
C GLY C 19 4.33 6.63 0.27
N VAL C 20 3.04 6.34 0.04
CA VAL C 20 2.47 5.07 0.46
C VAL C 20 3.16 3.91 -0.28
N LEU C 21 3.39 4.09 -1.58
CA LEU C 21 4.03 3.05 -2.38
C LEU C 21 5.42 2.75 -1.81
N ILE C 22 6.13 3.78 -1.37
CA ILE C 22 7.45 3.60 -0.80
C ILE C 22 7.36 2.74 0.46
N LEU C 23 6.37 3.03 1.29
CA LEU C 23 6.19 2.28 2.52
C LEU C 23 5.95 0.81 2.23
N VAL C 24 5.16 0.53 1.20
CA VAL C 24 4.85 -0.84 0.82
C VAL C 24 6.11 -1.56 0.37
N LEU C 25 6.94 -0.88 -0.41
CA LEU C 25 8.17 -1.48 -0.91
C LEU C 25 9.08 -1.88 0.24
N LEU C 26 9.17 -1.03 1.25
CA LEU C 26 10.00 -1.34 2.39
C LEU C 26 9.51 -2.61 3.06
N ALA C 27 8.19 -2.70 3.20
CA ALA C 27 7.58 -3.87 3.83
C ALA C 27 7.84 -5.10 2.98
N TYR C 28 7.80 -4.93 1.67
CA TYR C 28 8.04 -6.02 0.73
C TYR C 28 9.45 -6.60 0.92
N PHE C 29 10.42 -5.71 1.04
CA PHE C 29 11.81 -6.13 1.22
C PHE C 29 11.97 -6.87 2.53
N ILE C 30 11.36 -6.35 3.59
CA ILE C 30 11.44 -6.98 4.89
C ILE C 30 10.77 -8.36 4.85
N GLY C 31 9.62 -8.43 4.19
CA GLY C 31 8.90 -9.68 4.08
C GLY C 31 9.73 -10.73 3.34
N LEU C 32 10.49 -10.28 2.34
CA LEU C 32 11.32 -11.19 1.57
C LEU C 32 12.37 -11.84 2.46
N LYS C 33 12.98 -11.04 3.34
CA LYS C 33 14.01 -11.53 4.25
C LYS C 33 15.12 -12.21 3.46
N HIS C 34 16.30 -11.59 3.47
CA HIS C 34 17.44 -12.14 2.76
C HIS C 34 17.90 -13.44 3.42
N HIS C 35 17.84 -13.47 4.75
CA HIS C 35 18.26 -14.66 5.49
C HIS C 35 17.21 -15.77 5.35
N HIS C 36 17.68 -16.98 5.06
CA HIS C 36 16.78 -18.11 4.90
C HIS C 36 16.21 -18.52 6.26
N ALA C 37 14.91 -18.83 6.28
CA ALA C 37 14.25 -19.23 7.51
C ALA C 37 14.59 -20.69 7.84
N GLY C 38 15.18 -21.39 6.89
CA GLY C 38 15.55 -22.78 7.08
C GLY C 38 16.59 -22.92 8.19
N TYR C 39 17.52 -21.98 8.24
CA TYR C 39 18.57 -22.00 9.27
C TYR C 39 18.04 -21.40 10.57
N GLU C 40 18.36 -22.04 11.69
CA GLU C 40 17.92 -21.53 12.99
C GLU C 40 18.90 -20.49 13.52
N GLN C 41 18.41 -19.26 13.68
CA GLN C 41 19.26 -18.17 14.19
C GLN C 41 19.74 -18.50 15.59
N PHE C 42 21.00 -18.18 15.89
CA PHE C 42 21.56 -18.46 17.20
C PHE C 42 21.22 -19.89 17.64
N SER A 1 -10.39 24.71 -15.79
CA SER A 1 -11.72 24.43 -15.19
C SER A 1 -11.66 24.66 -13.68
N ALA A 2 -12.59 25.47 -13.18
CA ALA A 2 -12.63 25.76 -11.75
C ALA A 2 -12.94 24.49 -10.96
N ASP A 3 -13.79 23.65 -11.53
CA ASP A 3 -14.16 22.38 -10.88
C ASP A 3 -13.12 21.30 -11.18
N ASP A 4 -12.31 20.97 -10.19
CA ASP A 4 -11.27 19.94 -10.36
C ASP A 4 -11.80 18.57 -9.96
N ASP A 5 -13.07 18.53 -9.56
CA ASP A 5 -13.69 17.27 -9.14
C ASP A 5 -14.14 16.48 -10.37
N ASN A 6 -13.92 17.05 -11.55
CA ASN A 6 -14.30 16.39 -12.79
C ASN A 6 -13.52 15.08 -12.95
N PHE A 7 -12.24 15.12 -12.63
CA PHE A 7 -11.39 13.94 -12.75
C PHE A 7 -11.89 12.84 -11.82
N LEU A 8 -12.21 13.23 -10.58
CA LEU A 8 -12.70 12.28 -9.60
C LEU A 8 -14.18 12.47 -9.35
N VAL A 9 -14.97 11.48 -9.75
CA VAL A 9 -16.42 11.51 -9.58
C VAL A 9 -16.85 10.57 -8.45
N PRO A 10 -16.24 9.40 -8.37
CA PRO A 10 -16.57 8.39 -7.33
C PRO A 10 -15.82 8.65 -6.02
N ILE A 11 -16.56 9.04 -4.99
CA ILE A 11 -15.94 9.30 -3.69
C ILE A 11 -15.36 8.04 -3.08
N ALA A 12 -16.09 6.93 -3.18
CA ALA A 12 -15.63 5.65 -2.63
C ALA A 12 -14.13 5.45 -2.87
N VAL A 13 -13.59 6.18 -3.85
CA VAL A 13 -12.17 6.08 -4.16
C VAL A 13 -11.33 6.56 -2.98
N GLY A 14 -11.75 7.67 -2.37
CA GLY A 14 -11.01 8.21 -1.22
C GLY A 14 -10.98 7.21 -0.08
N ALA A 15 -12.11 6.54 0.15
CA ALA A 15 -12.19 5.54 1.21
C ALA A 15 -11.31 4.34 0.90
N ALA A 16 -11.25 3.98 -0.37
CA ALA A 16 -10.45 2.83 -0.79
C ALA A 16 -8.98 3.03 -0.42
N LEU A 17 -8.48 4.23 -0.68
CA LEU A 17 -7.09 4.55 -0.36
C LEU A 17 -6.87 4.51 1.15
N ALA A 18 -7.83 5.03 1.90
CA ALA A 18 -7.74 5.04 3.35
C ALA A 18 -7.72 3.61 3.89
N GLY A 19 -8.51 2.75 3.27
CA GLY A 19 -8.58 1.35 3.69
C GLY A 19 -7.27 0.62 3.44
N VAL A 20 -6.65 0.90 2.30
CA VAL A 20 -5.38 0.26 1.93
C VAL A 20 -4.28 0.74 2.88
N LEU A 21 -4.29 2.03 3.18
CA LEU A 21 -3.30 2.65 4.05
C LEU A 21 -3.31 1.99 5.43
N ILE A 22 -4.50 1.69 5.94
CA ILE A 22 -4.62 1.04 7.24
C ILE A 22 -4.06 -0.37 7.18
N LEU A 23 -4.37 -1.06 6.08
CA LEU A 23 -3.90 -2.43 5.90
C LEU A 23 -2.38 -2.49 5.89
N VAL A 24 -1.77 -1.52 5.22
CA VAL A 24 -0.32 -1.46 5.13
C VAL A 24 0.29 -1.23 6.51
N LEU A 25 -0.32 -0.35 7.28
CA LEU A 25 0.18 -0.04 8.63
C LEU A 25 0.18 -1.29 9.50
N LEU A 26 -0.89 -2.07 9.40
CA LEU A 26 -0.97 -3.28 10.19
C LEU A 26 0.17 -4.23 9.81
N ALA A 27 0.42 -4.33 8.51
CA ALA A 27 1.49 -5.19 8.02
C ALA A 27 2.82 -4.75 8.63
N TYR A 28 3.08 -3.46 8.58
CA TYR A 28 4.30 -2.90 9.14
C TYR A 28 4.36 -3.12 10.64
N PHE A 29 3.20 -3.03 11.29
CA PHE A 29 3.11 -3.20 12.73
C PHE A 29 3.71 -4.56 13.14
N ILE A 30 3.34 -5.60 12.40
CA ILE A 30 3.85 -6.94 12.67
C ILE A 30 5.36 -6.98 12.45
N GLY A 31 5.82 -6.34 11.37
CA GLY A 31 7.24 -6.32 11.06
C GLY A 31 8.04 -5.64 12.18
N LEU A 32 7.42 -4.67 12.83
CA LEU A 32 8.10 -3.96 13.91
C LEU A 32 8.44 -4.91 15.04
N LYS A 33 7.53 -5.83 15.34
CA LYS A 33 7.75 -6.79 16.42
C LYS A 33 9.11 -7.47 16.26
N HIS A 34 9.87 -7.55 17.36
CA HIS A 34 11.18 -8.17 17.34
C HIS A 34 11.97 -7.71 16.11
N HIS A 35 12.64 -6.57 16.25
CA HIS A 35 13.44 -6.03 15.16
C HIS A 35 14.78 -6.75 15.06
N HIS A 36 15.10 -7.21 13.85
CA HIS A 36 16.36 -7.93 13.64
C HIS A 36 17.54 -6.96 13.74
N ALA A 37 18.54 -7.36 14.52
CA ALA A 37 19.73 -6.54 14.71
C ALA A 37 20.67 -6.68 13.51
N GLY A 38 20.39 -7.66 12.66
CA GLY A 38 21.23 -7.90 11.49
C GLY A 38 21.19 -6.70 10.54
N TYR A 39 20.02 -6.10 10.40
CA TYR A 39 19.86 -4.94 9.53
C TYR A 39 20.38 -3.69 10.22
N GLU A 40 21.13 -2.87 9.50
CA GLU A 40 21.67 -1.64 10.08
C GLU A 40 20.56 -0.60 10.24
N GLN A 41 20.30 -0.20 11.48
CA GLN A 41 19.25 0.79 11.74
C GLN A 41 19.68 2.15 11.18
N PHE A 42 18.85 2.71 10.31
CA PHE A 42 19.14 4.01 9.71
C PHE A 42 17.88 4.61 9.11
N SER B 1 1.91 0.64 -22.45
CA SER B 1 1.87 -0.12 -23.74
C SER B 1 1.84 0.88 -24.90
N ALA B 2 0.90 1.81 -24.84
CA ALA B 2 0.77 2.81 -25.89
C ALA B 2 2.01 3.69 -25.95
N ASP B 3 2.57 4.00 -24.78
CA ASP B 3 3.76 4.83 -24.71
C ASP B 3 3.51 6.19 -25.36
N ASP B 4 2.31 6.72 -25.15
CA ASP B 4 1.94 8.01 -25.73
C ASP B 4 2.68 9.13 -25.03
N ASP B 5 3.18 8.86 -23.82
CA ASP B 5 3.91 9.86 -23.06
C ASP B 5 3.06 11.11 -22.88
N ASN B 6 1.75 10.91 -22.75
CA ASN B 6 0.83 12.03 -22.57
C ASN B 6 0.91 12.57 -21.15
N PHE B 7 0.69 13.88 -21.01
CA PHE B 7 0.75 14.52 -19.71
C PHE B 7 -0.30 13.94 -18.78
N LEU B 8 -1.51 13.72 -19.31
CA LEU B 8 -2.61 13.17 -18.52
C LEU B 8 -3.04 11.82 -19.08
N VAL B 9 -3.16 10.83 -18.21
CA VAL B 9 -3.56 9.50 -18.61
C VAL B 9 -4.16 8.73 -17.43
N PRO B 10 -5.36 9.06 -17.06
CA PRO B 10 -6.07 8.40 -15.92
C PRO B 10 -6.22 6.89 -16.14
N ILE B 11 -6.18 6.47 -17.41
CA ILE B 11 -6.35 5.06 -17.73
C ILE B 11 -5.21 4.23 -17.14
N ALA B 12 -3.98 4.70 -17.27
CA ALA B 12 -2.82 3.99 -16.74
C ALA B 12 -2.73 4.14 -15.23
N VAL B 13 -3.39 5.18 -14.70
CA VAL B 13 -3.37 5.42 -13.26
C VAL B 13 -4.10 4.29 -12.52
N GLY B 14 -5.24 3.87 -13.06
CA GLY B 14 -6.02 2.81 -12.44
C GLY B 14 -5.20 1.52 -12.37
N ALA B 15 -4.50 1.22 -13.45
CA ALA B 15 -3.67 0.02 -13.50
C ALA B 15 -2.54 0.10 -12.47
N ALA B 16 -1.96 1.28 -12.33
CA ALA B 16 -0.87 1.49 -11.38
C ALA B 16 -1.34 1.23 -9.95
N LEU B 17 -2.50 1.78 -9.62
CA LEU B 17 -3.06 1.60 -8.28
C LEU B 17 -3.41 0.13 -8.05
N ALA B 18 -3.96 -0.51 -9.07
CA ALA B 18 -4.34 -1.91 -8.97
C ALA B 18 -3.11 -2.78 -8.71
N GLY B 19 -2.01 -2.42 -9.35
CA GLY B 19 -0.78 -3.18 -9.18
C GLY B 19 -0.27 -3.09 -7.75
N VAL B 20 -0.43 -1.91 -7.14
CA VAL B 20 0.01 -1.70 -5.76
C VAL B 20 -0.82 -2.54 -4.80
N LEU B 21 -2.13 -2.58 -5.01
CA LEU B 21 -2.99 -3.36 -4.13
C LEU B 21 -2.55 -4.82 -4.14
N ILE B 22 -2.17 -5.32 -5.31
CA ILE B 22 -1.73 -6.71 -5.43
C ILE B 22 -0.47 -6.92 -4.61
N LEU B 23 0.46 -5.97 -4.70
CA LEU B 23 1.72 -6.07 -3.97
C LEU B 23 1.46 -6.10 -2.46
N VAL B 24 0.52 -5.30 -2.02
CA VAL B 24 0.18 -5.24 -0.60
C VAL B 24 -0.34 -6.60 -0.12
N LEU B 25 -1.13 -7.25 -0.97
CA LEU B 25 -1.70 -8.55 -0.61
C LEU B 25 -0.60 -9.57 -0.38
N LEU B 26 0.42 -9.54 -1.22
CA LEU B 26 1.53 -10.46 -1.07
C LEU B 26 2.18 -10.25 0.28
N ALA B 27 2.36 -8.99 0.65
CA ALA B 27 2.97 -8.65 1.93
C ALA B 27 2.13 -9.23 3.07
N TYR B 28 0.82 -9.01 2.97
CA TYR B 28 -0.11 -9.51 3.98
C TYR B 28 -0.08 -11.03 4.03
N PHE B 29 0.14 -11.65 2.87
CA PHE B 29 0.17 -13.11 2.78
C PHE B 29 1.29 -13.66 3.67
N ILE B 30 2.47 -13.03 3.60
CA ILE B 30 3.61 -13.47 4.40
C ILE B 30 3.34 -13.19 5.88
N GLY B 31 2.76 -12.02 6.17
CA GLY B 31 2.46 -11.65 7.54
C GLY B 31 1.43 -12.60 8.16
N LEU B 32 0.53 -13.09 7.33
CA LEU B 32 -0.50 -14.01 7.80
C LEU B 32 0.13 -15.28 8.35
N LYS B 33 1.15 -15.79 7.65
CA LYS B 33 1.83 -17.01 8.07
C LYS B 33 2.98 -16.68 9.01
N HIS B 34 2.91 -17.20 10.23
CA HIS B 34 3.95 -16.95 11.22
C HIS B 34 3.94 -18.03 12.29
N HIS B 35 5.12 -18.43 12.75
CA HIS B 35 5.24 -19.46 13.77
C HIS B 35 5.64 -18.83 15.11
N HIS B 36 4.85 -19.10 16.14
CA HIS B 36 5.12 -18.56 17.48
C HIS B 36 5.68 -19.65 18.39
N ALA B 37 6.81 -19.36 19.01
CA ALA B 37 7.44 -20.32 19.91
C ALA B 37 6.71 -20.37 21.25
N GLY B 38 6.25 -19.21 21.71
CA GLY B 38 5.54 -19.14 22.98
C GLY B 38 4.23 -19.94 22.92
N TYR B 39 3.59 -19.94 21.75
CA TYR B 39 2.33 -20.66 21.57
C TYR B 39 2.57 -21.94 20.76
N GLU B 40 1.95 -23.04 21.20
CA GLU B 40 2.10 -24.32 20.51
C GLU B 40 0.73 -24.95 20.27
N GLN B 41 0.59 -25.67 19.15
CA GLN B 41 -0.68 -26.32 18.84
C GLN B 41 -0.92 -27.49 19.79
N PHE B 42 -2.11 -27.53 20.38
CA PHE B 42 -2.44 -28.61 21.30
C PHE B 42 -2.64 -29.92 20.54
N SER C 1 -4.82 37.64 0.85
CA SER C 1 -6.30 37.70 0.72
C SER C 1 -6.83 36.33 0.31
N ALA C 2 -5.97 35.32 0.37
CA ALA C 2 -6.36 33.97 0.00
C ALA C 2 -5.47 32.94 0.70
N ASP C 3 -6.00 31.74 0.90
CA ASP C 3 -5.26 30.68 1.56
C ASP C 3 -5.72 29.31 1.05
N ASP C 4 -5.06 28.27 1.51
CA ASP C 4 -5.40 26.90 1.10
C ASP C 4 -6.44 26.32 2.04
N ASP C 5 -7.65 26.12 1.52
CA ASP C 5 -8.74 25.57 2.33
C ASP C 5 -8.42 24.14 2.74
N ASN C 6 -8.78 23.80 3.98
CA ASN C 6 -8.53 22.45 4.49
C ASN C 6 -9.32 21.42 3.70
N PHE C 7 -10.56 21.76 3.35
CA PHE C 7 -11.41 20.85 2.60
C PHE C 7 -10.79 20.52 1.26
N LEU C 8 -10.22 21.54 0.60
CA LEU C 8 -9.59 21.35 -0.70
C LEU C 8 -8.07 21.36 -0.56
N VAL C 9 -7.44 20.26 -0.96
CA VAL C 9 -5.98 20.14 -0.90
C VAL C 9 -5.53 18.85 -1.59
N PRO C 10 -5.83 18.71 -2.85
CA PRO C 10 -5.45 17.51 -3.63
C PRO C 10 -3.93 17.41 -3.83
N ILE C 11 -3.25 18.54 -3.66
CA ILE C 11 -1.80 18.57 -3.85
C ILE C 11 -1.08 17.68 -2.82
N ALA C 12 -1.50 17.79 -1.56
CA ALA C 12 -0.88 17.00 -0.50
C ALA C 12 -1.32 15.53 -0.59
N VAL C 13 -2.43 15.28 -1.27
CA VAL C 13 -2.93 13.92 -1.43
C VAL C 13 -1.98 13.10 -2.29
N GLY C 14 -1.50 13.70 -3.38
CA GLY C 14 -0.58 13.00 -4.28
C GLY C 14 0.71 12.66 -3.57
N ALA C 15 1.19 13.58 -2.73
CA ALA C 15 2.43 13.35 -2.00
C ALA C 15 2.29 12.16 -1.06
N ALA C 16 1.13 12.06 -0.42
CA ALA C 16 0.87 10.96 0.50
C ALA C 16 0.85 9.63 -0.24
N LEU C 17 0.33 9.65 -1.47
CA LEU C 17 0.24 8.43 -2.27
C LEU C 17 1.65 7.86 -2.51
N ALA C 18 2.58 8.74 -2.88
CA ALA C 18 3.95 8.31 -3.13
C ALA C 18 4.58 7.76 -1.86
N GLY C 19 4.26 8.38 -0.73
CA GLY C 19 4.81 7.94 0.55
C GLY C 19 4.36 6.52 0.89
N VAL C 20 3.10 6.21 0.59
CA VAL C 20 2.56 4.88 0.85
C VAL C 20 3.29 3.84 0.02
N LEU C 21 3.55 4.16 -1.25
CA LEU C 21 4.23 3.24 -2.14
C LEU C 21 5.61 2.91 -1.59
N ILE C 22 6.29 3.90 -1.02
CA ILE C 22 7.61 3.70 -0.45
C ILE C 22 7.53 2.72 0.72
N LEU C 23 6.51 2.89 1.55
CA LEU C 23 6.33 2.01 2.70
C LEU C 23 6.11 0.57 2.25
N VAL C 24 5.35 0.40 1.18
CA VAL C 24 5.08 -0.94 0.65
C VAL C 24 6.36 -1.60 0.18
N LEU C 25 7.22 -0.83 -0.47
CA LEU C 25 8.48 -1.36 -0.98
C LEU C 25 9.32 -1.89 0.16
N LEU C 26 9.36 -1.16 1.26
CA LEU C 26 10.15 -1.60 2.41
C LEU C 26 9.61 -2.92 2.91
N ALA C 27 8.29 -3.02 3.01
CA ALA C 27 7.64 -4.24 3.46
C ALA C 27 7.86 -5.36 2.46
N TYR C 28 7.86 -5.00 1.17
CA TYR C 28 8.07 -5.98 0.11
C TYR C 28 9.42 -6.66 0.26
N PHE C 29 10.45 -5.86 0.54
CA PHE C 29 11.80 -6.40 0.70
C PHE C 29 11.86 -7.36 1.89
N ILE C 30 11.26 -6.95 3.00
CA ILE C 30 11.24 -7.77 4.20
C ILE C 30 10.46 -9.07 3.93
N GLY C 31 9.33 -8.94 3.24
CA GLY C 31 8.51 -10.10 2.91
C GLY C 31 9.25 -11.05 2.00
N LEU C 32 10.05 -10.50 1.09
CA LEU C 32 10.80 -11.33 0.15
C LEU C 32 11.80 -12.22 0.91
N LYS C 33 12.46 -11.65 1.91
CA LYS C 33 13.43 -12.40 2.69
C LYS C 33 12.74 -13.17 3.81
N HIS C 34 12.53 -14.47 3.58
CA HIS C 34 11.89 -15.32 4.57
C HIS C 34 12.78 -15.48 5.79
N HIS C 35 14.09 -15.59 5.55
CA HIS C 35 15.05 -15.76 6.64
C HIS C 35 15.70 -14.42 6.99
N HIS C 36 15.80 -14.16 8.29
CA HIS C 36 16.40 -12.90 8.76
C HIS C 36 17.91 -12.93 8.57
N ALA C 37 18.50 -11.77 8.34
CA ALA C 37 19.94 -11.66 8.15
C ALA C 37 20.67 -11.76 9.49
N GLY C 38 19.91 -11.65 10.57
CA GLY C 38 20.50 -11.74 11.91
C GLY C 38 21.12 -13.11 12.15
N TYR C 39 20.48 -14.15 11.62
CA TYR C 39 20.99 -15.50 11.78
C TYR C 39 22.09 -15.79 10.77
N GLU C 40 23.21 -16.35 11.24
CA GLU C 40 24.33 -16.68 10.36
C GLU C 40 24.89 -18.07 10.69
N GLN C 41 25.36 -18.77 9.67
CA GLN C 41 25.91 -20.11 9.87
C GLN C 41 26.99 -20.06 10.97
N PHE C 42 27.09 -21.12 11.74
CA PHE C 42 28.08 -21.18 12.81
C PHE C 42 29.49 -21.00 12.26
N SER A 1 -28.62 6.42 -13.18
CA SER A 1 -28.33 6.50 -11.72
C SER A 1 -27.92 5.12 -11.23
N ALA A 2 -27.42 4.29 -12.14
CA ALA A 2 -27.00 2.93 -11.78
C ALA A 2 -25.81 2.98 -10.83
N ASP A 3 -24.92 3.94 -11.05
CA ASP A 3 -23.73 4.10 -10.20
C ASP A 3 -23.96 5.19 -9.16
N ASP A 4 -24.05 4.78 -7.89
CA ASP A 4 -24.27 5.73 -6.81
C ASP A 4 -23.10 6.69 -6.69
N ASP A 5 -21.89 6.18 -6.90
CA ASP A 5 -20.69 7.00 -6.81
C ASP A 5 -20.65 8.02 -7.95
N ASN A 6 -20.14 9.20 -7.65
CA ASN A 6 -20.05 10.26 -8.66
C ASN A 6 -19.20 9.82 -9.84
N PHE A 7 -19.57 10.25 -11.03
CA PHE A 7 -18.83 9.89 -12.24
C PHE A 7 -17.39 10.40 -12.17
N LEU A 8 -17.24 11.64 -11.71
CA LEU A 8 -15.91 12.27 -11.59
C LEU A 8 -15.59 12.55 -10.13
N VAL A 9 -14.39 12.18 -9.72
CA VAL A 9 -13.95 12.40 -8.35
C VAL A 9 -14.86 11.65 -7.38
N PRO A 10 -15.02 10.35 -7.57
CA PRO A 10 -15.87 9.51 -6.70
C PRO A 10 -15.31 9.39 -5.27
N ILE A 11 -16.21 9.26 -4.30
CA ILE A 11 -15.79 9.14 -2.90
C ILE A 11 -15.05 7.82 -2.65
N ALA A 12 -15.36 6.81 -3.47
CA ALA A 12 -14.72 5.51 -3.32
C ALA A 12 -13.20 5.65 -3.30
N VAL A 13 -12.69 6.76 -3.83
CA VAL A 13 -11.26 7.00 -3.86
C VAL A 13 -10.72 7.21 -2.44
N GLY A 14 -11.45 7.99 -1.65
CA GLY A 14 -11.03 8.26 -0.27
C GLY A 14 -11.11 7.01 0.57
N ALA A 15 -12.20 6.27 0.43
CA ALA A 15 -12.39 5.04 1.19
C ALA A 15 -11.38 3.98 0.77
N ALA A 16 -11.11 3.90 -0.53
CA ALA A 16 -10.15 2.92 -1.04
C ALA A 16 -8.76 3.20 -0.50
N LEU A 17 -8.38 4.48 -0.51
CA LEU A 17 -7.06 4.88 -0.01
C LEU A 17 -6.96 4.63 1.49
N ALA A 18 -8.04 4.94 2.21
CA ALA A 18 -8.06 4.75 3.65
C ALA A 18 -7.96 3.27 4.00
N GLY A 19 -8.65 2.44 3.21
CA GLY A 19 -8.63 1.00 3.44
C GLY A 19 -7.23 0.44 3.28
N VAL A 20 -6.54 0.88 2.24
CA VAL A 20 -5.18 0.41 1.97
C VAL A 20 -4.22 0.88 3.05
N LEU A 21 -4.36 2.14 3.45
CA LEU A 21 -3.48 2.69 4.47
C LEU A 21 -3.58 1.88 5.76
N ILE A 22 -4.79 1.48 6.13
CA ILE A 22 -4.99 0.69 7.32
C ILE A 22 -4.33 -0.68 7.17
N LEU A 23 -4.49 -1.28 5.98
CA LEU A 23 -3.92 -2.59 5.72
C LEU A 23 -2.39 -2.54 5.82
N VAL A 24 -1.80 -1.49 5.26
CA VAL A 24 -0.35 -1.31 5.28
C VAL A 24 0.15 -1.12 6.70
N LEU A 25 -0.58 -0.32 7.47
CA LEU A 25 -0.20 -0.04 8.85
C LEU A 25 -0.19 -1.32 9.67
N LEU A 26 -1.18 -2.16 9.46
CA LEU A 26 -1.26 -3.41 10.20
C LEU A 26 -0.04 -4.26 9.88
N ALA A 27 0.31 -4.32 8.61
CA ALA A 27 1.48 -5.09 8.18
C ALA A 27 2.74 -4.52 8.82
N TYR A 28 2.87 -3.20 8.74
CA TYR A 28 4.03 -2.51 9.32
C TYR A 28 4.07 -2.72 10.83
N PHE A 29 2.89 -2.77 11.45
CA PHE A 29 2.80 -2.96 12.89
C PHE A 29 3.49 -4.25 13.31
N ILE A 30 3.21 -5.33 12.57
CA ILE A 30 3.82 -6.63 12.86
C ILE A 30 5.33 -6.58 12.57
N GLY A 31 5.69 -5.92 11.46
CA GLY A 31 7.09 -5.81 11.08
C GLY A 31 7.90 -5.13 12.17
N LEU A 32 7.24 -4.29 12.95
CA LEU A 32 7.92 -3.58 14.03
C LEU A 32 8.44 -4.57 15.07
N LYS A 33 7.66 -5.61 15.36
CA LYS A 33 8.05 -6.61 16.33
C LYS A 33 9.27 -7.39 15.86
N HIS A 34 10.09 -7.82 16.80
CA HIS A 34 11.30 -8.57 16.46
C HIS A 34 12.14 -7.81 15.44
N HIS A 35 13.14 -7.09 15.92
CA HIS A 35 14.02 -6.32 15.04
C HIS A 35 14.98 -7.24 14.31
N HIS A 36 15.21 -6.95 13.02
CA HIS A 36 16.12 -7.75 12.22
C HIS A 36 17.57 -7.49 12.63
N ALA A 37 18.38 -8.56 12.66
CA ALA A 37 19.78 -8.42 13.03
C ALA A 37 20.59 -7.85 11.87
N GLY A 38 19.98 -7.83 10.69
CA GLY A 38 20.66 -7.30 9.51
C GLY A 38 20.97 -5.82 9.68
N TYR A 39 20.04 -5.09 10.28
CA TYR A 39 20.20 -3.65 10.51
C TYR A 39 20.19 -3.35 12.01
N GLU A 40 21.06 -2.43 12.42
CA GLU A 40 21.13 -2.06 13.84
C GLU A 40 20.06 -1.03 14.17
N GLN A 41 19.15 -1.39 15.07
CA GLN A 41 18.07 -0.48 15.47
C GLN A 41 18.45 0.25 16.75
N PHE A 42 18.28 1.56 16.76
CA PHE A 42 18.60 2.36 17.94
C PHE A 42 17.82 1.87 19.14
N SER B 1 -12.57 14.84 -33.24
CA SER B 1 -12.36 15.26 -31.83
C SER B 1 -13.14 14.33 -30.90
N ALA B 2 -12.74 13.07 -30.88
CA ALA B 2 -13.41 12.07 -30.04
C ALA B 2 -13.26 12.45 -28.57
N ASP B 3 -12.07 12.92 -28.19
CA ASP B 3 -11.80 13.31 -26.82
C ASP B 3 -10.68 14.33 -26.77
N ASP B 4 -10.45 14.88 -25.58
CA ASP B 4 -9.39 15.88 -25.40
C ASP B 4 -8.02 15.24 -25.52
N ASP B 5 -7.07 15.98 -26.08
CA ASP B 5 -5.70 15.47 -26.24
C ASP B 5 -5.08 15.19 -24.87
N ASN B 6 -5.29 16.09 -23.92
CA ASN B 6 -4.75 15.94 -22.58
C ASN B 6 -5.66 15.06 -21.74
N PHE B 7 -5.06 14.25 -20.86
CA PHE B 7 -5.83 13.35 -19.99
C PHE B 7 -5.66 13.75 -18.53
N LEU B 8 -6.69 14.40 -17.99
CA LEU B 8 -6.66 14.85 -16.60
C LEU B 8 -6.57 13.64 -15.67
N VAL B 9 -7.33 12.60 -15.98
CA VAL B 9 -7.35 11.38 -15.17
C VAL B 9 -7.15 10.15 -16.05
N PRO B 10 -5.92 9.87 -16.42
CA PRO B 10 -5.57 8.69 -17.27
C PRO B 10 -6.02 7.37 -16.64
N ILE B 11 -6.42 6.42 -17.48
CA ILE B 11 -6.88 5.12 -16.98
C ILE B 11 -5.73 4.39 -16.27
N ALA B 12 -4.54 4.42 -16.87
CA ALA B 12 -3.39 3.74 -16.29
C ALA B 12 -3.32 4.00 -14.78
N VAL B 13 -3.98 5.06 -14.32
CA VAL B 13 -3.98 5.39 -12.90
C VAL B 13 -4.66 4.28 -12.09
N GLY B 14 -5.78 3.78 -12.60
CA GLY B 14 -6.52 2.72 -11.91
C GLY B 14 -5.67 1.46 -11.82
N ALA B 15 -4.96 1.15 -12.90
CA ALA B 15 -4.12 -0.04 -12.93
C ALA B 15 -2.97 0.10 -11.93
N ALA B 16 -2.44 1.31 -11.81
CA ALA B 16 -1.32 1.56 -10.89
C ALA B 16 -1.75 1.28 -9.45
N LEU B 17 -2.91 1.79 -9.08
CA LEU B 17 -3.43 1.59 -7.73
C LEU B 17 -3.72 0.11 -7.48
N ALA B 18 -4.29 -0.56 -8.48
CA ALA B 18 -4.62 -1.97 -8.36
C ALA B 18 -3.34 -2.80 -8.20
N GLY B 19 -2.29 -2.40 -8.92
CA GLY B 19 -1.02 -3.10 -8.85
C GLY B 19 -0.44 -3.05 -7.43
N VAL B 20 -0.54 -1.90 -6.79
CA VAL B 20 -0.04 -1.74 -5.42
C VAL B 20 -0.85 -2.59 -4.46
N LEU B 21 -2.16 -2.59 -4.63
CA LEU B 21 -3.07 -3.34 -3.76
C LEU B 21 -2.74 -4.84 -3.82
N ILE B 22 -2.44 -5.35 -5.01
CA ILE B 22 -2.10 -6.75 -5.18
C ILE B 22 -0.78 -7.05 -4.47
N LEU B 23 0.18 -6.14 -4.62
CA LEU B 23 1.48 -6.31 -4.00
C LEU B 23 1.36 -6.41 -2.48
N VAL B 24 0.50 -5.58 -1.92
CA VAL B 24 0.29 -5.58 -0.48
C VAL B 24 -0.31 -6.90 -0.01
N LEU B 25 -1.26 -7.41 -0.79
CA LEU B 25 -1.92 -8.67 -0.44
C LEU B 25 -0.91 -9.81 -0.40
N LEU B 26 -0.01 -9.84 -1.37
CA LEU B 26 1.00 -10.88 -1.42
C LEU B 26 1.87 -10.79 -0.17
N ALA B 27 2.23 -9.57 0.19
CA ALA B 27 3.06 -9.35 1.37
C ALA B 27 2.39 -9.96 2.60
N TYR B 28 1.11 -9.64 2.77
CA TYR B 28 0.34 -10.14 3.88
C TYR B 28 0.18 -11.66 3.77
N PHE B 29 0.08 -12.15 2.54
CA PHE B 29 -0.08 -13.58 2.30
C PHE B 29 1.08 -14.36 2.92
N ILE B 30 2.30 -13.87 2.69
CA ILE B 30 3.49 -14.51 3.24
C ILE B 30 3.46 -14.46 4.76
N GLY B 31 3.07 -13.31 5.32
CA GLY B 31 3.00 -13.15 6.75
C GLY B 31 1.94 -14.08 7.36
N LEU B 32 0.86 -14.30 6.62
CA LEU B 32 -0.20 -15.18 7.10
C LEU B 32 0.32 -16.60 7.29
N LYS B 33 1.13 -17.05 6.34
CA LYS B 33 1.68 -18.40 6.41
C LYS B 33 0.57 -19.44 6.52
N HIS B 34 0.30 -20.12 5.41
CA HIS B 34 -0.74 -21.14 5.39
C HIS B 34 -0.21 -22.45 5.97
N HIS B 35 -0.96 -23.02 6.91
CA HIS B 35 -0.56 -24.27 7.54
C HIS B 35 -1.00 -25.46 6.69
N HIS B 36 -0.05 -26.33 6.36
CA HIS B 36 -0.35 -27.50 5.55
C HIS B 36 -0.97 -28.59 6.41
N ALA B 37 -1.95 -29.30 5.84
CA ALA B 37 -2.63 -30.37 6.58
C ALA B 37 -1.76 -31.63 6.61
N GLY B 38 -0.73 -31.65 5.77
CA GLY B 38 0.17 -32.80 5.72
C GLY B 38 0.92 -32.97 7.04
N TYR B 39 1.29 -31.86 7.65
CA TYR B 39 2.01 -31.89 8.91
C TYR B 39 1.03 -32.14 10.06
N GLU B 40 1.41 -33.06 10.96
CA GLU B 40 0.55 -33.38 12.10
C GLU B 40 0.78 -32.38 13.24
N GLN B 41 -0.27 -31.65 13.59
CA GLN B 41 -0.17 -30.66 14.67
C GLN B 41 0.04 -31.37 16.01
N PHE B 42 0.98 -30.87 16.80
CA PHE B 42 1.25 -31.47 18.10
C PHE B 42 0.02 -31.39 18.99
N SER C 1 -20.87 28.58 -8.17
CA SER C 1 -20.74 27.09 -8.29
C SER C 1 -21.43 26.44 -7.10
N ALA C 2 -22.75 26.25 -7.22
CA ALA C 2 -23.51 25.62 -6.14
C ALA C 2 -23.07 24.18 -5.94
N ASP C 3 -22.75 23.51 -7.05
CA ASP C 3 -22.30 22.13 -6.99
C ASP C 3 -20.94 22.02 -6.28
N ASP C 4 -20.19 23.12 -6.31
CA ASP C 4 -18.88 23.14 -5.67
C ASP C 4 -18.00 22.02 -6.20
N ASP C 5 -18.15 21.73 -7.50
CA ASP C 5 -17.35 20.67 -8.12
C ASP C 5 -16.02 21.21 -8.60
N ASN C 6 -15.80 22.50 -8.40
CA ASN C 6 -14.56 23.15 -8.81
C ASN C 6 -13.55 23.12 -7.67
N PHE C 7 -13.93 22.53 -6.55
CA PHE C 7 -13.04 22.44 -5.39
C PHE C 7 -11.78 21.67 -5.74
N LEU C 8 -11.95 20.54 -6.43
CA LEU C 8 -10.83 19.70 -6.82
C LEU C 8 -10.04 19.25 -5.60
N VAL C 9 -9.51 18.04 -5.66
CA VAL C 9 -8.73 17.49 -4.56
C VAL C 9 -7.37 18.22 -4.44
N PRO C 10 -6.83 18.29 -3.26
CA PRO C 10 -5.50 18.96 -3.03
C PRO C 10 -4.36 18.20 -3.70
N ILE C 11 -3.36 18.95 -4.16
CA ILE C 11 -2.21 18.34 -4.83
C ILE C 11 -1.44 17.43 -3.88
N ALA C 12 -1.22 17.91 -2.65
CA ALA C 12 -0.49 17.13 -1.65
C ALA C 12 -0.92 15.65 -1.69
N VAL C 13 -2.10 15.39 -2.27
CA VAL C 13 -2.60 14.03 -2.34
C VAL C 13 -1.64 13.14 -3.11
N GLY C 14 -1.11 13.66 -4.22
CA GLY C 14 -0.16 12.90 -5.03
C GLY C 14 1.11 12.61 -4.25
N ALA C 15 1.56 13.60 -3.48
CA ALA C 15 2.78 13.44 -2.68
C ALA C 15 2.60 12.33 -1.65
N ALA C 16 1.42 12.28 -1.03
CA ALA C 16 1.12 11.26 -0.04
C ALA C 16 1.11 9.87 -0.68
N LEU C 17 0.62 9.80 -1.92
CA LEU C 17 0.55 8.53 -2.63
C LEU C 17 1.95 7.95 -2.80
N ALA C 18 2.90 8.80 -3.18
CA ALA C 18 4.27 8.35 -3.37
C ALA C 18 4.86 7.84 -2.05
N GLY C 19 4.51 8.52 -0.97
CA GLY C 19 5.01 8.14 0.36
C GLY C 19 4.53 6.74 0.74
N VAL C 20 3.27 6.46 0.44
CA VAL C 20 2.70 5.15 0.74
C VAL C 20 3.36 4.06 -0.12
N LEU C 21 3.57 4.37 -1.39
CA LEU C 21 4.18 3.39 -2.30
C LEU C 21 5.56 3.00 -1.80
N ILE C 22 6.33 3.97 -1.31
CA ILE C 22 7.66 3.69 -0.79
C ILE C 22 7.56 2.80 0.45
N LEU C 23 6.60 3.11 1.31
CA LEU C 23 6.42 2.34 2.54
C LEU C 23 6.09 0.89 2.21
N VAL C 24 5.26 0.68 1.19
CA VAL C 24 4.87 -0.66 0.79
C VAL C 24 6.08 -1.44 0.27
N LEU C 25 6.92 -0.76 -0.49
CA LEU C 25 8.11 -1.40 -1.06
C LEU C 25 9.03 -1.89 0.06
N LEU C 26 9.16 -1.10 1.10
CA LEU C 26 10.02 -1.50 2.21
C LEU C 26 9.48 -2.77 2.83
N ALA C 27 8.16 -2.82 2.99
CA ALA C 27 7.51 -4.00 3.57
C ALA C 27 7.85 -5.24 2.74
N TYR C 28 7.67 -5.11 1.43
CA TYR C 28 7.97 -6.20 0.51
C TYR C 28 9.46 -6.53 0.53
N PHE C 29 10.28 -5.50 0.71
CA PHE C 29 11.72 -5.70 0.74
C PHE C 29 12.10 -6.70 1.82
N ILE C 30 11.52 -6.55 3.01
CA ILE C 30 11.79 -7.46 4.11
C ILE C 30 11.29 -8.87 3.76
N GLY C 31 10.10 -8.94 3.16
CA GLY C 31 9.52 -10.23 2.78
C GLY C 31 10.39 -10.94 1.75
N LEU C 32 11.10 -10.17 0.93
CA LEU C 32 11.96 -10.73 -0.08
C LEU C 32 13.06 -11.57 0.56
N LYS C 33 13.60 -11.08 1.67
CA LYS C 33 14.67 -11.79 2.37
C LYS C 33 14.27 -13.24 2.61
N HIS C 34 15.20 -14.16 2.37
CA HIS C 34 14.95 -15.59 2.57
C HIS C 34 15.03 -15.95 4.04
N HIS C 35 15.58 -15.03 4.84
CA HIS C 35 15.71 -15.26 6.26
C HIS C 35 14.34 -15.23 6.93
N HIS C 36 14.09 -16.20 7.82
CA HIS C 36 12.81 -16.29 8.52
C HIS C 36 12.93 -15.68 9.91
N ALA C 37 12.07 -14.71 10.21
CA ALA C 37 12.07 -14.05 11.51
C ALA C 37 10.94 -14.57 12.38
N GLY C 38 9.87 -15.04 11.74
CA GLY C 38 8.72 -15.57 12.47
C GLY C 38 9.11 -16.82 13.26
N TYR C 39 9.94 -17.67 12.66
CA TYR C 39 10.38 -18.90 13.32
C TYR C 39 11.59 -18.62 14.20
N GLU C 40 11.53 -19.07 15.45
CA GLU C 40 12.64 -18.87 16.40
C GLU C 40 12.93 -20.16 17.17
N GLN C 41 14.19 -20.36 17.54
CA GLN C 41 14.57 -21.56 18.28
C GLN C 41 14.03 -21.48 19.71
N PHE C 42 13.32 -22.52 20.13
CA PHE C 42 12.75 -22.55 21.47
C PHE C 42 12.17 -23.93 21.77
N SER A 1 -13.10 -3.52 -21.26
CA SER A 1 -12.48 -3.05 -19.99
C SER A 1 -13.23 -1.81 -19.49
N ALA A 2 -14.38 -1.54 -20.11
CA ALA A 2 -15.18 -0.39 -19.73
C ALA A 2 -15.68 -0.53 -18.30
N ASP A 3 -16.02 -1.76 -17.93
CA ASP A 3 -16.51 -2.05 -16.58
C ASP A 3 -15.46 -1.68 -15.54
N ASP A 4 -14.20 -1.99 -15.87
CA ASP A 4 -13.09 -1.69 -14.97
C ASP A 4 -12.94 -0.18 -14.77
N ASP A 5 -13.17 0.58 -15.84
CA ASP A 5 -13.06 2.03 -15.78
C ASP A 5 -14.39 2.65 -15.37
N ASN A 6 -14.45 3.17 -14.15
CA ASN A 6 -15.68 3.79 -13.66
C ASN A 6 -15.73 5.26 -14.06
N PHE A 7 -16.54 5.58 -15.05
CA PHE A 7 -16.67 6.95 -15.52
C PHE A 7 -17.27 7.84 -14.43
N LEU A 8 -18.26 7.31 -13.72
CA LEU A 8 -18.91 8.05 -12.66
C LEU A 8 -17.92 8.36 -11.54
N VAL A 9 -17.08 7.38 -11.24
CA VAL A 9 -16.07 7.55 -10.18
C VAL A 9 -16.76 7.85 -8.85
N PRO A 10 -17.36 6.86 -8.24
CA PRO A 10 -18.05 7.01 -6.93
C PRO A 10 -17.10 7.47 -5.82
N ILE A 11 -17.63 8.24 -4.87
CA ILE A 11 -16.81 8.73 -3.77
C ILE A 11 -16.28 7.58 -2.91
N ALA A 12 -17.15 6.61 -2.62
CA ALA A 12 -16.76 5.46 -1.82
C ALA A 12 -15.35 4.97 -2.19
N VAL A 13 -14.89 5.33 -3.40
CA VAL A 13 -13.57 4.93 -3.87
C VAL A 13 -12.49 5.46 -2.94
N GLY A 14 -12.63 6.73 -2.54
CA GLY A 14 -11.65 7.33 -1.64
C GLY A 14 -11.65 6.61 -0.28
N ALA A 15 -12.83 6.23 0.19
CA ALA A 15 -12.94 5.54 1.47
C ALA A 15 -12.17 4.22 1.44
N ALA A 16 -12.28 3.51 0.32
CA ALA A 16 -11.58 2.24 0.17
C ALA A 16 -10.07 2.45 0.20
N LEU A 17 -9.62 3.56 -0.37
CA LEU A 17 -8.19 3.86 -0.42
C LEU A 17 -7.63 3.99 1.01
N ALA A 18 -8.37 4.68 1.86
CA ALA A 18 -7.93 4.86 3.24
C ALA A 18 -7.88 3.51 3.95
N GLY A 19 -8.83 2.63 3.64
CA GLY A 19 -8.88 1.31 4.26
C GLY A 19 -7.63 0.50 3.92
N VAL A 20 -7.15 0.61 2.68
CA VAL A 20 -5.96 -0.11 2.24
C VAL A 20 -4.75 0.39 3.04
N LEU A 21 -4.67 1.70 3.24
CA LEU A 21 -3.57 2.31 3.98
C LEU A 21 -3.52 1.77 5.41
N ILE A 22 -4.69 1.54 6.00
CA ILE A 22 -4.75 1.01 7.36
C ILE A 22 -4.16 -0.39 7.39
N LEU A 23 -4.50 -1.19 6.38
CA LEU A 23 -4.00 -2.56 6.30
C LEU A 23 -2.48 -2.58 6.23
N VAL A 24 -1.92 -1.65 5.47
CA VAL A 24 -0.48 -1.57 5.30
C VAL A 24 0.21 -1.27 6.63
N LEU A 25 -0.40 -0.38 7.41
CA LEU A 25 0.17 -0.01 8.71
C LEU A 25 0.25 -1.23 9.62
N LEU A 26 -0.78 -2.05 9.60
CA LEU A 26 -0.80 -3.25 10.42
C LEU A 26 0.36 -4.16 10.02
N ALA A 27 0.57 -4.28 8.71
CA ALA A 27 1.65 -5.11 8.21
C ALA A 27 2.97 -4.65 8.78
N TYR A 28 3.21 -3.34 8.71
CA TYR A 28 4.44 -2.75 9.25
C TYR A 28 4.50 -2.94 10.76
N PHE A 29 3.34 -2.86 11.42
CA PHE A 29 3.27 -3.01 12.86
C PHE A 29 3.85 -4.36 13.29
N ILE A 30 3.48 -5.42 12.57
CA ILE A 30 3.98 -6.76 12.88
C ILE A 30 5.49 -6.81 12.65
N GLY A 31 5.95 -6.20 11.56
CA GLY A 31 7.37 -6.18 11.24
C GLY A 31 8.15 -5.41 12.30
N LEU A 32 7.54 -4.36 12.84
CA LEU A 32 8.21 -3.56 13.85
C LEU A 32 8.48 -4.39 15.11
N LYS A 33 7.50 -5.21 15.49
CA LYS A 33 7.64 -6.05 16.67
C LYS A 33 8.73 -7.10 16.47
N HIS A 34 9.59 -7.25 17.46
CA HIS A 34 10.66 -8.23 17.38
C HIS A 34 11.47 -8.02 16.10
N HIS A 35 12.36 -7.04 16.13
CA HIS A 35 13.19 -6.73 14.97
C HIS A 35 14.21 -7.85 14.73
N HIS A 36 14.51 -8.12 13.46
CA HIS A 36 15.45 -9.17 13.11
C HIS A 36 16.87 -8.72 13.40
N ALA A 37 17.70 -9.66 13.85
CA ALA A 37 19.10 -9.35 14.16
C ALA A 37 19.92 -9.24 12.88
N GLY A 38 19.38 -9.75 11.78
CA GLY A 38 20.07 -9.72 10.51
C GLY A 38 20.27 -8.27 10.04
N TYR A 39 19.26 -7.44 10.27
CA TYR A 39 19.34 -6.03 9.88
C TYR A 39 19.58 -5.14 11.11
N GLU A 40 20.56 -4.26 11.02
CA GLU A 40 20.89 -3.35 12.12
C GLU A 40 21.11 -1.92 11.62
N GLN A 41 20.69 -0.95 12.40
CA GLN A 41 20.85 0.45 12.01
C GLN A 41 22.34 0.74 11.75
N PHE A 42 22.62 1.55 10.73
CA PHE A 42 24.00 1.89 10.41
C PHE A 42 24.68 2.53 11.62
N SER B 1 -0.71 29.00 -9.74
CA SER B 1 -1.91 28.16 -9.44
C SER B 1 -1.49 26.70 -9.35
N ALA B 2 -2.43 25.85 -8.98
CA ALA B 2 -2.16 24.41 -8.86
C ALA B 2 -1.87 23.82 -10.24
N ASP B 3 -0.94 22.87 -10.27
CA ASP B 3 -0.57 22.21 -11.54
C ASP B 3 -0.52 20.70 -11.34
N ASP B 4 -1.59 20.02 -11.76
CA ASP B 4 -1.67 18.57 -11.62
C ASP B 4 -1.14 17.90 -12.89
N ASP B 5 0.00 17.23 -12.78
CA ASP B 5 0.61 16.55 -13.91
C ASP B 5 0.04 15.15 -14.04
N ASN B 6 -0.92 14.99 -14.95
CA ASN B 6 -1.56 13.69 -15.17
C ASN B 6 -2.12 13.61 -16.59
N PHE B 7 -1.75 14.57 -17.43
CA PHE B 7 -2.23 14.61 -18.80
C PHE B 7 -1.76 13.37 -19.55
N LEU B 8 -0.51 12.98 -19.32
CA LEU B 8 0.06 11.82 -19.98
C LEU B 8 -0.62 10.56 -19.50
N VAL B 9 -0.96 9.66 -20.45
CA VAL B 9 -1.64 8.41 -20.15
C VAL B 9 -2.52 8.55 -18.90
N PRO B 10 -3.58 9.30 -19.01
CA PRO B 10 -4.51 9.54 -17.87
C PRO B 10 -5.00 8.22 -17.25
N ILE B 11 -5.27 7.23 -18.09
CA ILE B 11 -5.76 5.94 -17.62
C ILE B 11 -4.74 5.25 -16.73
N ALA B 12 -3.48 5.26 -17.14
CA ALA B 12 -2.41 4.62 -16.38
C ALA B 12 -2.57 4.92 -14.88
N VAL B 13 -3.31 5.99 -14.56
CA VAL B 13 -3.52 6.36 -13.17
C VAL B 13 -4.33 5.26 -12.44
N GLY B 14 -5.37 4.76 -13.09
CA GLY B 14 -6.20 3.72 -12.49
C GLY B 14 -5.39 2.44 -12.30
N ALA B 15 -4.58 2.10 -13.29
CA ALA B 15 -3.76 0.91 -13.22
C ALA B 15 -2.73 1.02 -12.11
N ALA B 16 -2.19 2.22 -11.93
CA ALA B 16 -1.18 2.45 -10.90
C ALA B 16 -1.74 2.13 -9.52
N LEU B 17 -2.96 2.62 -9.26
CA LEU B 17 -3.60 2.37 -7.97
C LEU B 17 -3.90 0.88 -7.80
N ALA B 18 -4.37 0.26 -8.87
CA ALA B 18 -4.69 -1.17 -8.82
C ALA B 18 -3.42 -1.99 -8.58
N GLY B 19 -2.32 -1.55 -9.20
CA GLY B 19 -1.06 -2.24 -9.06
C GLY B 19 -0.58 -2.24 -7.61
N VAL B 20 -0.76 -1.11 -6.93
CA VAL B 20 -0.35 -0.99 -5.53
C VAL B 20 -1.21 -1.89 -4.64
N LEU B 21 -2.51 -1.90 -4.90
CA LEU B 21 -3.43 -2.71 -4.12
C LEU B 21 -3.04 -4.19 -4.20
N ILE B 22 -2.66 -4.63 -5.39
CA ILE B 22 -2.24 -6.02 -5.57
C ILE B 22 -0.96 -6.29 -4.79
N LEU B 23 -0.03 -5.34 -4.85
CA LEU B 23 1.24 -5.50 -4.15
C LEU B 23 1.02 -5.63 -2.65
N VAL B 24 0.10 -4.84 -2.12
CA VAL B 24 -0.20 -4.87 -0.69
C VAL B 24 -0.73 -6.24 -0.29
N LEU B 25 -1.59 -6.82 -1.11
CA LEU B 25 -2.17 -8.13 -0.82
C LEU B 25 -1.08 -9.18 -0.71
N LEU B 26 -0.10 -9.12 -1.60
CA LEU B 26 0.98 -10.07 -1.57
C LEU B 26 1.72 -9.96 -0.25
N ALA B 27 1.95 -8.73 0.18
CA ALA B 27 2.65 -8.48 1.44
C ALA B 27 1.86 -9.08 2.60
N TYR B 28 0.54 -8.89 2.54
CA TYR B 28 -0.35 -9.41 3.57
C TYR B 28 -0.32 -10.94 3.58
N PHE B 29 -0.22 -11.53 2.39
CA PHE B 29 -0.20 -12.98 2.26
C PHE B 29 0.98 -13.56 3.05
N ILE B 30 2.15 -12.94 2.91
CA ILE B 30 3.34 -13.39 3.62
C ILE B 30 3.12 -13.25 5.12
N GLY B 31 2.53 -12.14 5.54
CA GLY B 31 2.27 -11.89 6.95
C GLY B 31 1.35 -12.97 7.53
N LEU B 32 0.46 -13.48 6.70
CA LEU B 32 -0.47 -14.52 7.15
C LEU B 32 0.29 -15.75 7.59
N LYS B 33 1.33 -16.11 6.84
CA LYS B 33 2.13 -17.29 7.15
C LYS B 33 2.70 -17.19 8.56
N HIS B 34 2.64 -18.29 9.32
CA HIS B 34 3.16 -18.31 10.67
C HIS B 34 2.71 -17.07 11.44
N HIS B 35 1.46 -17.09 11.90
CA HIS B 35 0.92 -15.96 12.65
C HIS B 35 1.36 -16.01 14.10
N HIS B 36 1.42 -14.84 14.74
CA HIS B 36 1.84 -14.76 16.14
C HIS B 36 0.70 -15.20 17.06
N ALA B 37 1.04 -16.00 18.07
CA ALA B 37 0.04 -16.48 19.01
C ALA B 37 -0.33 -15.39 20.02
N GLY B 38 0.46 -14.32 20.04
CA GLY B 38 0.22 -13.22 20.95
C GLY B 38 -1.12 -12.54 20.66
N TYR B 39 -1.45 -12.44 19.36
CA TYR B 39 -2.70 -11.82 18.93
C TYR B 39 -3.60 -12.86 18.27
N GLU B 40 -4.90 -12.77 18.53
CA GLU B 40 -5.86 -13.72 17.94
C GLU B 40 -6.64 -13.04 16.81
N GLN B 41 -6.58 -13.64 15.62
CA GLN B 41 -7.27 -13.09 14.46
C GLN B 41 -8.09 -14.17 13.77
N PHE B 42 -9.29 -13.81 13.31
CA PHE B 42 -10.15 -14.76 12.64
C PHE B 42 -9.60 -15.11 11.27
N SER C 1 -12.25 12.49 6.43
CA SER C 1 -12.82 11.75 5.26
C SER C 1 -12.67 12.60 4.00
N ALA C 2 -13.30 13.77 4.01
CA ALA C 2 -13.23 14.67 2.87
C ALA C 2 -13.79 13.98 1.62
N ASP C 3 -14.87 14.54 1.09
CA ASP C 3 -15.49 13.98 -0.11
C ASP C 3 -14.56 14.08 -1.31
N ASP C 4 -13.78 15.16 -1.34
CA ASP C 4 -12.83 15.36 -2.44
C ASP C 4 -13.54 15.30 -3.78
N ASP C 5 -14.80 15.72 -3.80
CA ASP C 5 -15.58 15.70 -5.03
C ASP C 5 -14.96 16.63 -6.07
N ASN C 6 -14.51 17.79 -5.62
CA ASN C 6 -13.89 18.77 -6.52
C ASN C 6 -12.37 18.64 -6.47
N PHE C 7 -11.88 17.59 -5.83
CA PHE C 7 -10.45 17.36 -5.72
C PHE C 7 -9.74 18.62 -5.24
N LEU C 8 -9.37 18.63 -3.96
CA LEU C 8 -8.68 19.78 -3.36
C LEU C 8 -7.27 19.39 -2.93
N VAL C 9 -6.30 20.23 -3.29
CA VAL C 9 -4.92 19.96 -2.94
C VAL C 9 -4.46 18.64 -3.53
N PRO C 10 -4.63 18.46 -4.81
CA PRO C 10 -4.22 17.20 -5.52
C PRO C 10 -2.71 17.02 -5.51
N ILE C 11 -1.97 18.10 -5.30
CA ILE C 11 -0.51 18.03 -5.29
C ILE C 11 -0.01 17.17 -4.14
N ALA C 12 -0.58 17.36 -2.96
CA ALA C 12 -0.17 16.58 -1.79
C ALA C 12 -0.68 15.14 -1.88
N VAL C 13 -1.70 14.92 -2.71
CA VAL C 13 -2.28 13.59 -2.87
C VAL C 13 -1.26 12.67 -3.55
N GLY C 14 -0.59 13.17 -4.58
CA GLY C 14 0.39 12.37 -5.29
C GLY C 14 1.56 12.01 -4.38
N ALA C 15 1.97 12.95 -3.54
CA ALA C 15 3.08 12.72 -2.62
C ALA C 15 2.74 11.59 -1.65
N ALA C 16 1.51 11.59 -1.16
CA ALA C 16 1.07 10.56 -0.23
C ALA C 16 1.07 9.19 -0.91
N LEU C 17 0.70 9.17 -2.19
CA LEU C 17 0.65 7.93 -2.93
C LEU C 17 2.04 7.29 -2.99
N ALA C 18 3.05 8.11 -3.28
CA ALA C 18 4.42 7.62 -3.36
C ALA C 18 4.88 7.11 -1.99
N GLY C 19 4.45 7.80 -0.94
CA GLY C 19 4.83 7.42 0.42
C GLY C 19 4.35 6.00 0.74
N VAL C 20 3.13 5.68 0.33
CA VAL C 20 2.57 4.36 0.57
C VAL C 20 3.32 3.30 -0.22
N LEU C 21 3.63 3.62 -1.49
CA LEU C 21 4.34 2.68 -2.35
C LEU C 21 5.71 2.35 -1.77
N ILE C 22 6.39 3.36 -1.25
CA ILE C 22 7.70 3.17 -0.64
C ILE C 22 7.58 2.27 0.59
N LEU C 23 6.55 2.52 1.39
CA LEU C 23 6.33 1.75 2.60
C LEU C 23 6.13 0.27 2.26
N VAL C 24 5.38 0.01 1.21
CA VAL C 24 5.12 -1.36 0.80
C VAL C 24 6.41 -2.06 0.35
N LEU C 25 7.24 -1.32 -0.38
CA LEU C 25 8.49 -1.88 -0.88
C LEU C 25 9.40 -2.28 0.28
N LEU C 26 9.44 -1.45 1.31
CA LEU C 26 10.27 -1.75 2.46
C LEU C 26 9.78 -3.05 3.11
N ALA C 27 8.47 -3.18 3.22
CA ALA C 27 7.88 -4.37 3.82
C ALA C 27 8.29 -5.60 3.02
N TYR C 28 8.25 -5.47 1.70
CA TYR C 28 8.63 -6.55 0.82
C TYR C 28 10.11 -6.91 1.00
N PHE C 29 10.94 -5.88 1.18
CA PHE C 29 12.37 -6.08 1.35
C PHE C 29 12.63 -7.02 2.53
N ILE C 30 11.94 -6.78 3.64
CA ILE C 30 12.10 -7.61 4.83
C ILE C 30 11.58 -9.02 4.55
N GLY C 31 10.44 -9.10 3.84
CA GLY C 31 9.85 -10.39 3.52
C GLY C 31 10.78 -11.21 2.63
N LEU C 32 11.60 -10.53 1.85
CA LEU C 32 12.54 -11.22 0.97
C LEU C 32 13.52 -12.05 1.78
N LYS C 33 13.98 -11.49 2.90
CA LYS C 33 14.94 -12.19 3.75
C LYS C 33 14.32 -13.47 4.32
N HIS C 34 15.09 -14.55 4.30
CA HIS C 34 14.62 -15.83 4.82
C HIS C 34 14.68 -15.85 6.34
N HIS C 35 13.87 -16.71 6.96
CA HIS C 35 13.85 -16.82 8.41
C HIS C 35 15.14 -17.43 8.93
N HIS C 36 15.60 -16.95 10.08
CA HIS C 36 16.82 -17.46 10.68
C HIS C 36 16.59 -18.84 11.29
N ALA C 37 17.54 -19.74 11.06
CA ALA C 37 17.44 -21.10 11.60
C ALA C 37 17.81 -21.13 13.09
N GLY C 38 18.39 -20.02 13.56
CA GLY C 38 18.78 -19.93 14.96
C GLY C 38 17.58 -20.03 15.88
N TYR C 39 16.45 -19.47 15.44
CA TYR C 39 15.20 -19.49 16.23
C TYR C 39 14.21 -20.45 15.60
N GLU C 40 13.55 -21.26 16.44
CA GLU C 40 12.56 -22.23 15.96
C GLU C 40 11.31 -22.20 16.84
N GLN C 41 10.16 -22.42 16.23
CA GLN C 41 8.90 -22.43 16.99
C GLN C 41 8.83 -23.67 17.86
N PHE C 42 8.66 -23.46 19.17
CA PHE C 42 8.57 -24.59 20.09
C PHE C 42 7.98 -24.13 21.42
N SER A 1 -25.85 0.29 -21.12
CA SER A 1 -26.29 1.53 -20.43
C SER A 1 -27.17 1.17 -19.24
N ALA A 2 -27.24 2.08 -18.27
CA ALA A 2 -28.06 1.83 -17.09
C ALA A 2 -27.77 0.46 -16.50
N ASP A 3 -26.49 0.10 -16.47
CA ASP A 3 -26.08 -1.20 -15.94
C ASP A 3 -25.88 -1.12 -14.43
N ASP A 4 -26.07 0.08 -13.88
CA ASP A 4 -25.92 0.28 -12.45
C ASP A 4 -24.54 -0.17 -11.99
N ASP A 5 -23.54 -0.02 -12.85
CA ASP A 5 -22.18 -0.43 -12.52
C ASP A 5 -21.50 0.64 -11.66
N ASN A 6 -20.37 0.28 -11.06
CA ASN A 6 -19.63 1.21 -10.22
C ASN A 6 -18.67 2.05 -11.07
N PHE A 7 -18.95 3.36 -11.15
CA PHE A 7 -18.10 4.25 -11.93
C PHE A 7 -16.91 4.71 -11.11
N LEU A 8 -16.47 5.95 -11.35
CA LEU A 8 -15.34 6.51 -10.62
C LEU A 8 -15.66 6.62 -9.14
N VAL A 9 -16.86 7.11 -8.83
CA VAL A 9 -17.28 7.27 -7.45
C VAL A 9 -16.14 7.79 -6.58
N PRO A 10 -15.80 9.05 -6.72
CA PRO A 10 -14.69 9.67 -5.95
C PRO A 10 -14.84 9.45 -4.44
N ILE A 11 -16.08 9.42 -3.97
CA ILE A 11 -16.35 9.23 -2.55
C ILE A 11 -15.84 7.84 -2.08
N ALA A 12 -16.12 6.81 -2.86
CA ALA A 12 -15.70 5.46 -2.52
C ALA A 12 -14.18 5.29 -2.73
N VAL A 13 -13.61 6.16 -3.56
CA VAL A 13 -12.18 6.09 -3.84
C VAL A 13 -11.36 6.44 -2.59
N GLY A 14 -11.78 7.47 -1.88
CA GLY A 14 -11.08 7.89 -0.67
C GLY A 14 -11.14 6.80 0.38
N ALA A 15 -12.30 6.19 0.54
CA ALA A 15 -12.48 5.12 1.52
C ALA A 15 -11.62 3.90 1.16
N ALA A 16 -11.55 3.60 -0.13
CA ALA A 16 -10.76 2.46 -0.59
C ALA A 16 -9.29 2.64 -0.24
N LEU A 17 -8.78 3.84 -0.48
CA LEU A 17 -7.38 4.15 -0.17
C LEU A 17 -7.14 4.09 1.34
N ALA A 18 -8.09 4.63 2.10
CA ALA A 18 -7.95 4.63 3.55
C ALA A 18 -7.88 3.20 4.08
N GLY A 19 -8.68 2.32 3.51
CA GLY A 19 -8.69 0.92 3.92
C GLY A 19 -7.34 0.26 3.67
N VAL A 20 -6.77 0.53 2.49
CA VAL A 20 -5.48 -0.05 2.13
C VAL A 20 -4.37 0.51 3.02
N LEU A 21 -4.41 1.82 3.27
CA LEU A 21 -3.39 2.45 4.11
C LEU A 21 -3.38 1.82 5.48
N ILE A 22 -4.55 1.55 6.04
CA ILE A 22 -4.64 0.93 7.35
C ILE A 22 -4.07 -0.49 7.30
N LEU A 23 -4.40 -1.22 6.25
CA LEU A 23 -3.92 -2.58 6.10
C LEU A 23 -2.40 -2.62 6.06
N VAL A 24 -1.81 -1.66 5.37
CA VAL A 24 -0.36 -1.58 5.26
C VAL A 24 0.28 -1.36 6.63
N LEU A 25 -0.33 -0.51 7.43
CA LEU A 25 0.19 -0.21 8.75
C LEU A 25 0.23 -1.47 9.61
N LEU A 26 -0.81 -2.27 9.51
CA LEU A 26 -0.85 -3.50 10.28
C LEU A 26 0.30 -4.40 9.88
N ALA A 27 0.55 -4.47 8.58
CA ALA A 27 1.65 -5.28 8.06
C ALA A 27 2.96 -4.82 8.68
N TYR A 28 3.19 -3.51 8.65
CA TYR A 28 4.39 -2.93 9.22
C TYR A 28 4.45 -3.17 10.73
N PHE A 29 3.28 -3.16 11.37
CA PHE A 29 3.20 -3.36 12.81
C PHE A 29 3.83 -4.69 13.20
N ILE A 30 3.50 -5.73 12.45
CA ILE A 30 4.05 -7.06 12.72
C ILE A 30 5.56 -7.05 12.49
N GLY A 31 5.99 -6.40 11.42
CA GLY A 31 7.41 -6.33 11.10
C GLY A 31 8.16 -5.55 12.17
N LEU A 32 7.50 -4.54 12.73
CA LEU A 32 8.12 -3.72 13.76
C LEU A 32 8.45 -4.56 14.99
N LYS A 33 7.53 -5.44 15.36
CA LYS A 33 7.72 -6.31 16.52
C LYS A 33 7.93 -5.46 17.78
N HIS A 34 7.35 -5.92 18.88
CA HIS A 34 7.47 -5.21 20.15
C HIS A 34 8.91 -5.27 20.65
N HIS A 35 9.45 -4.12 21.05
CA HIS A 35 10.82 -4.04 21.55
C HIS A 35 10.84 -3.64 23.02
N HIS A 36 11.91 -3.99 23.71
CA HIS A 36 12.04 -3.67 25.12
C HIS A 36 12.36 -2.20 25.32
N ALA A 37 11.90 -1.63 26.43
CA ALA A 37 12.14 -0.22 26.72
C ALA A 37 13.56 -0.02 27.22
N GLY A 38 14.24 -1.12 27.52
CA GLY A 38 15.61 -1.06 28.00
C GLY A 38 16.54 -0.44 26.95
N TYR A 39 16.32 -0.80 25.70
CA TYR A 39 17.13 -0.27 24.61
C TYR A 39 16.67 1.14 24.24
N GLU A 40 17.62 2.08 24.11
CA GLU A 40 17.29 3.46 23.76
C GLU A 40 18.27 3.99 22.69
N GLN A 41 17.78 4.85 21.80
CA GLN A 41 18.64 5.41 20.76
C GLN A 41 19.59 6.42 21.38
N PHE A 42 20.88 6.26 21.10
CA PHE A 42 21.88 7.18 21.63
C PHE A 42 21.68 8.58 21.05
N SER B 1 0.32 12.83 -28.49
CA SER B 1 0.30 11.38 -28.85
C SER B 1 1.73 10.85 -28.89
N ALA B 2 2.22 10.40 -27.74
CA ALA B 2 3.57 9.87 -27.63
C ALA B 2 3.66 8.83 -26.51
N ASP B 3 4.59 7.89 -26.66
CA ASP B 3 4.77 6.85 -25.66
C ASP B 3 5.18 7.45 -24.33
N ASP B 4 6.06 8.46 -24.40
CA ASP B 4 6.53 9.13 -23.19
C ASP B 4 5.41 9.93 -22.54
N ASP B 5 5.39 9.93 -21.21
CA ASP B 5 4.37 10.66 -20.46
C ASP B 5 2.98 10.23 -20.91
N ASN B 6 2.82 8.94 -21.20
CA ASN B 6 1.54 8.41 -21.64
C ASN B 6 0.79 7.77 -20.47
N PHE B 7 1.34 7.91 -19.28
CA PHE B 7 0.72 7.35 -18.07
C PHE B 7 -0.09 8.41 -17.34
N LEU B 8 -0.03 9.65 -17.83
CA LEU B 8 -0.74 10.75 -17.21
C LEU B 8 -2.25 10.50 -17.29
N VAL B 9 -2.70 9.98 -18.42
CA VAL B 9 -4.11 9.71 -18.61
C VAL B 9 -4.72 9.03 -17.38
N PRO B 10 -5.98 9.24 -17.11
CA PRO B 10 -6.67 8.63 -15.95
C PRO B 10 -6.73 7.10 -16.05
N ILE B 11 -6.61 6.58 -17.27
CA ILE B 11 -6.68 5.13 -17.48
C ILE B 11 -5.50 4.42 -16.81
N ALA B 12 -4.29 4.95 -17.00
CA ALA B 12 -3.10 4.34 -16.40
C ALA B 12 -3.07 4.57 -14.89
N VAL B 13 -3.82 5.57 -14.42
CA VAL B 13 -3.87 5.87 -13.00
C VAL B 13 -4.56 4.73 -12.24
N GLY B 14 -5.66 4.22 -12.80
CA GLY B 14 -6.39 3.12 -12.16
C GLY B 14 -5.54 1.86 -12.13
N ALA B 15 -4.83 1.61 -13.23
CA ALA B 15 -3.99 0.42 -13.32
C ALA B 15 -2.85 0.49 -12.33
N ALA B 16 -2.28 1.69 -12.16
CA ALA B 16 -1.18 1.88 -11.24
C ALA B 16 -1.61 1.61 -9.80
N LEU B 17 -2.78 2.14 -9.44
CA LEU B 17 -3.31 1.94 -8.10
C LEU B 17 -3.68 0.47 -7.88
N ALA B 18 -4.27 -0.14 -8.90
CA ALA B 18 -4.67 -1.53 -8.81
C ALA B 18 -3.45 -2.43 -8.64
N GLY B 19 -2.36 -2.08 -9.33
CA GLY B 19 -1.14 -2.86 -9.25
C GLY B 19 -0.54 -2.81 -7.85
N VAL B 20 -0.61 -1.64 -7.21
CA VAL B 20 -0.08 -1.47 -5.86
C VAL B 20 -0.89 -2.30 -4.87
N LEU B 21 -2.21 -2.28 -5.05
CA LEU B 21 -3.13 -3.01 -4.18
C LEU B 21 -2.81 -4.50 -4.19
N ILE B 22 -2.49 -5.03 -5.36
CA ILE B 22 -2.15 -6.44 -5.46
C ILE B 22 -0.83 -6.72 -4.75
N LEU B 23 0.13 -5.83 -4.92
CA LEU B 23 1.43 -5.98 -4.30
C LEU B 23 1.31 -6.01 -2.78
N VAL B 24 0.47 -5.14 -2.25
CA VAL B 24 0.26 -5.07 -0.81
C VAL B 24 -0.33 -6.37 -0.28
N LEU B 25 -1.28 -6.93 -1.02
CA LEU B 25 -1.92 -8.17 -0.61
C LEU B 25 -0.91 -9.29 -0.51
N LEU B 26 0.01 -9.35 -1.46
CA LEU B 26 1.03 -10.38 -1.45
C LEU B 26 1.85 -10.26 -0.19
N ALA B 27 2.20 -9.02 0.16
CA ALA B 27 3.00 -8.77 1.36
C ALA B 27 2.27 -9.31 2.58
N TYR B 28 1.00 -8.95 2.71
CA TYR B 28 0.17 -9.41 3.82
C TYR B 28 0.00 -10.93 3.77
N PHE B 29 -0.05 -11.47 2.56
CA PHE B 29 -0.21 -12.91 2.38
C PHE B 29 0.92 -13.66 3.07
N ILE B 30 2.15 -13.18 2.88
CA ILE B 30 3.31 -13.81 3.49
C ILE B 30 3.22 -13.71 5.00
N GLY B 31 2.82 -12.53 5.50
CA GLY B 31 2.70 -12.32 6.93
C GLY B 31 1.63 -13.22 7.53
N LEU B 32 0.55 -13.42 6.77
CA LEU B 32 -0.54 -14.25 7.24
C LEU B 32 -0.07 -15.69 7.42
N LYS B 33 0.72 -16.17 6.47
CA LYS B 33 1.25 -17.54 6.52
C LYS B 33 0.22 -18.50 7.13
N HIS B 34 -1.06 -18.21 6.90
CA HIS B 34 -2.13 -19.04 7.44
C HIS B 34 -3.32 -19.04 6.49
N HIS B 35 -3.96 -20.19 6.36
CA HIS B 35 -5.13 -20.32 5.49
C HIS B 35 -6.37 -20.71 6.29
N HIS B 36 -7.41 -19.89 6.18
CA HIS B 36 -8.64 -20.16 6.91
C HIS B 36 -9.45 -21.25 6.22
N ALA B 37 -9.93 -22.21 6.99
CA ALA B 37 -10.71 -23.32 6.44
C ALA B 37 -12.14 -22.86 6.13
N GLY B 38 -12.65 -21.97 6.97
CA GLY B 38 -14.01 -21.45 6.78
C GLY B 38 -14.13 -20.68 5.47
N TYR B 39 -13.06 -19.98 5.10
CA TYR B 39 -13.05 -19.20 3.87
C TYR B 39 -12.83 -20.11 2.67
N GLU B 40 -13.62 -19.93 1.62
CA GLU B 40 -13.49 -20.75 0.40
C GLU B 40 -13.57 -19.87 -0.85
N GLN B 41 -12.82 -20.25 -1.89
CA GLN B 41 -12.84 -19.48 -3.13
C GLN B 41 -14.20 -19.60 -3.81
N PHE B 42 -14.75 -18.47 -4.23
CA PHE B 42 -16.05 -18.48 -4.88
C PHE B 42 -15.99 -19.26 -6.19
N SER C 1 -24.22 31.31 -4.49
CA SER C 1 -23.23 30.20 -4.60
C SER C 1 -22.50 30.04 -3.27
N ALA C 2 -22.55 28.83 -2.72
CA ALA C 2 -21.88 28.56 -1.45
C ALA C 2 -20.36 28.66 -1.61
N ASP C 3 -19.86 28.22 -2.76
CA ASP C 3 -18.43 28.27 -3.03
C ASP C 3 -17.65 27.55 -1.94
N ASP C 4 -18.25 26.50 -1.39
CA ASP C 4 -17.62 25.72 -0.33
C ASP C 4 -16.76 24.62 -0.92
N ASP C 5 -15.44 24.74 -0.73
CA ASP C 5 -14.49 23.76 -1.25
C ASP C 5 -14.30 22.63 -0.25
N ASN C 6 -14.75 21.44 -0.61
CA ASN C 6 -14.63 20.28 0.27
C ASN C 6 -13.16 19.95 0.52
N PHE C 7 -12.35 20.02 -0.54
CA PHE C 7 -10.92 19.73 -0.43
C PHE C 7 -10.09 20.95 -0.78
N LEU C 8 -9.58 21.62 0.24
CA LEU C 8 -8.76 22.82 0.03
C LEU C 8 -7.47 22.46 -0.71
N VAL C 9 -6.88 21.32 -0.33
CA VAL C 9 -5.63 20.87 -0.97
C VAL C 9 -5.72 19.38 -1.29
N PRO C 10 -6.41 19.03 -2.34
CA PRO C 10 -6.57 17.60 -2.76
C PRO C 10 -5.31 17.06 -3.44
N ILE C 11 -4.41 17.97 -3.82
CA ILE C 11 -3.18 17.56 -4.48
C ILE C 11 -2.31 16.68 -3.56
N ALA C 12 -2.19 17.08 -2.31
CA ALA C 12 -1.39 16.32 -1.34
C ALA C 12 -1.64 14.82 -1.50
N VAL C 13 -2.77 14.45 -2.12
CA VAL C 13 -3.12 13.05 -2.32
C VAL C 13 -2.02 12.35 -3.12
N GLY C 14 -1.54 12.99 -4.18
CA GLY C 14 -0.48 12.39 -4.99
C GLY C 14 0.79 12.23 -4.17
N ALA C 15 1.09 13.21 -3.32
CA ALA C 15 2.29 13.16 -2.49
C ALA C 15 2.21 11.98 -1.52
N ALA C 16 1.03 11.77 -0.94
CA ALA C 16 0.84 10.68 0.00
C ALA C 16 0.98 9.33 -0.71
N LEU C 17 0.55 9.27 -1.97
CA LEU C 17 0.63 8.04 -2.74
C LEU C 17 2.09 7.62 -2.89
N ALA C 18 2.95 8.58 -3.20
CA ALA C 18 4.37 8.29 -3.38
C ALA C 18 4.98 7.81 -2.06
N GLY C 19 4.53 8.39 -0.96
CA GLY C 19 5.03 8.01 0.36
C GLY C 19 4.67 6.57 0.69
N VAL C 20 3.43 6.18 0.36
CA VAL C 20 2.95 4.83 0.64
C VAL C 20 3.74 3.82 -0.20
N LEU C 21 3.98 4.17 -1.46
CA LEU C 21 4.70 3.28 -2.37
C LEU C 21 6.09 2.96 -1.81
N ILE C 22 6.76 3.96 -1.26
CA ILE C 22 8.07 3.76 -0.68
C ILE C 22 7.98 2.85 0.53
N LEU C 23 6.97 3.09 1.36
CA LEU C 23 6.78 2.29 2.57
C LEU C 23 6.58 0.83 2.22
N VAL C 24 5.83 0.59 1.15
CA VAL C 24 5.55 -0.78 0.72
C VAL C 24 6.84 -1.49 0.32
N LEU C 25 7.72 -0.78 -0.37
CA LEU C 25 8.98 -1.36 -0.80
C LEU C 25 9.81 -1.80 0.40
N LEU C 26 9.82 -0.99 1.44
CA LEU C 26 10.57 -1.33 2.63
C LEU C 26 10.01 -2.61 3.24
N ALA C 27 8.69 -2.67 3.31
CA ALA C 27 8.02 -3.84 3.86
C ALA C 27 8.26 -5.06 2.97
N TYR C 28 8.30 -4.81 1.66
CA TYR C 28 8.53 -5.87 0.69
C TYR C 28 9.86 -6.56 0.95
N PHE C 29 10.88 -5.76 1.21
CA PHE C 29 12.23 -6.28 1.48
C PHE C 29 12.23 -7.13 2.75
N ILE C 30 11.52 -6.65 3.76
CA ILE C 30 11.43 -7.37 5.03
C ILE C 30 10.75 -8.71 4.81
N GLY C 31 9.68 -8.71 4.02
CA GLY C 31 8.94 -9.93 3.75
C GLY C 31 9.84 -10.99 3.11
N LEU C 32 10.41 -10.65 1.96
CA LEU C 32 11.28 -11.57 1.26
C LEU C 32 12.54 -11.84 2.05
N LYS C 33 13.11 -10.77 2.63
CA LYS C 33 14.33 -10.89 3.43
C LYS C 33 15.26 -11.97 2.85
N HIS C 34 15.34 -12.02 1.53
CA HIS C 34 16.18 -13.01 0.87
C HIS C 34 17.65 -12.69 1.09
N HIS C 35 18.39 -13.68 1.58
CA HIS C 35 19.82 -13.49 1.83
C HIS C 35 20.60 -13.50 0.52
N HIS C 36 21.74 -12.79 0.51
CA HIS C 36 22.57 -12.72 -0.68
C HIS C 36 23.37 -14.02 -0.86
N ALA C 37 23.34 -14.56 -2.08
CA ALA C 37 24.06 -15.80 -2.36
C ALA C 37 25.54 -15.53 -2.53
N GLY C 38 25.91 -14.26 -2.65
CA GLY C 38 27.30 -13.87 -2.82
C GLY C 38 28.12 -14.27 -1.59
N TYR C 39 27.52 -14.15 -0.41
CA TYR C 39 28.20 -14.51 0.84
C TYR C 39 27.66 -15.84 1.37
N GLU C 40 28.57 -16.72 1.79
CA GLU C 40 28.16 -18.02 2.32
C GLU C 40 27.91 -17.91 3.83
N GLN C 41 26.66 -18.14 4.24
CA GLN C 41 26.33 -18.06 5.67
C GLN C 41 27.29 -18.94 6.47
N PHE C 42 27.73 -18.44 7.62
CA PHE C 42 28.64 -19.20 8.45
C PHE C 42 27.97 -20.47 8.97
N SER A 1 -13.71 1.33 -12.62
CA SER A 1 -12.80 0.16 -12.73
C SER A 1 -12.33 0.02 -14.17
N ALA A 2 -11.53 -1.01 -14.43
CA ALA A 2 -11.01 -1.25 -15.77
C ALA A 2 -10.42 0.04 -16.34
N ASP A 3 -10.24 1.04 -15.49
CA ASP A 3 -9.68 2.31 -15.92
C ASP A 3 -10.52 2.91 -17.06
N ASP A 4 -11.82 2.66 -17.01
CA ASP A 4 -12.72 3.16 -18.03
C ASP A 4 -12.81 4.68 -17.96
N ASP A 5 -12.90 5.31 -19.13
CA ASP A 5 -12.99 6.76 -19.21
C ASP A 5 -14.32 7.25 -18.64
N ASN A 6 -14.29 8.40 -17.97
CA ASN A 6 -15.50 8.97 -17.39
C ASN A 6 -16.15 7.97 -16.43
N PHE A 7 -15.33 7.31 -15.63
CA PHE A 7 -15.82 6.33 -14.66
C PHE A 7 -16.60 7.03 -13.56
N LEU A 8 -16.85 8.32 -13.73
CA LEU A 8 -17.59 9.10 -12.74
C LEU A 8 -16.74 9.30 -11.49
N VAL A 9 -15.68 8.51 -11.37
CA VAL A 9 -14.80 8.60 -10.21
C VAL A 9 -15.61 8.70 -8.92
N PRO A 10 -16.22 7.62 -8.51
CA PRO A 10 -17.04 7.57 -7.26
C PRO A 10 -16.21 7.93 -6.03
N ILE A 11 -16.85 8.59 -5.06
CA ILE A 11 -16.17 8.99 -3.84
C ILE A 11 -15.69 7.77 -3.05
N ALA A 12 -16.55 6.76 -2.94
CA ALA A 12 -16.19 5.54 -2.22
C ALA A 12 -14.74 5.14 -2.50
N VAL A 13 -14.18 5.63 -3.61
CA VAL A 13 -12.80 5.31 -3.98
C VAL A 13 -11.84 5.78 -2.89
N GLY A 14 -12.06 6.98 -2.37
CA GLY A 14 -11.21 7.52 -1.31
C GLY A 14 -11.26 6.64 -0.07
N ALA A 15 -12.46 6.14 0.24
CA ALA A 15 -12.62 5.27 1.42
C ALA A 15 -11.77 4.02 1.29
N ALA A 16 -11.73 3.46 0.08
CA ALA A 16 -10.95 2.25 -0.16
C ALA A 16 -9.47 2.53 0.02
N LEU A 17 -9.04 3.74 -0.37
CA LEU A 17 -7.64 4.12 -0.25
C LEU A 17 -7.21 4.08 1.23
N ALA A 18 -8.06 4.64 2.09
CA ALA A 18 -7.75 4.65 3.52
C ALA A 18 -7.66 3.24 4.07
N GLY A 19 -8.51 2.36 3.55
CA GLY A 19 -8.52 0.96 4.00
C GLY A 19 -7.20 0.27 3.68
N VAL A 20 -6.62 0.60 2.53
CA VAL A 20 -5.34 0.02 2.12
C VAL A 20 -4.22 0.50 3.05
N LEU A 21 -4.26 1.80 3.38
CA LEU A 21 -3.26 2.41 4.25
C LEU A 21 -3.23 1.73 5.62
N ILE A 22 -4.41 1.42 6.15
CA ILE A 22 -4.49 0.76 7.45
C ILE A 22 -3.92 -0.65 7.34
N LEU A 23 -4.25 -1.33 6.25
CA LEU A 23 -3.77 -2.69 6.03
C LEU A 23 -2.26 -2.73 6.00
N VAL A 24 -1.66 -1.75 5.34
CA VAL A 24 -0.21 -1.68 5.22
C VAL A 24 0.42 -1.46 6.60
N LEU A 25 -0.19 -0.62 7.40
CA LEU A 25 0.33 -0.33 8.73
C LEU A 25 0.35 -1.60 9.58
N LEU A 26 -0.69 -2.41 9.46
CA LEU A 26 -0.75 -3.64 10.23
C LEU A 26 0.41 -4.54 9.83
N ALA A 27 0.66 -4.63 8.53
CA ALA A 27 1.75 -5.44 8.02
C ALA A 27 3.09 -4.87 8.47
N TYR A 28 3.16 -3.54 8.52
CA TYR A 28 4.38 -2.86 8.93
C TYR A 28 4.74 -3.24 10.36
N PHE A 29 3.75 -3.26 11.24
CA PHE A 29 3.97 -3.60 12.63
C PHE A 29 4.49 -5.03 12.76
N ILE A 30 3.89 -5.94 12.00
CA ILE A 30 4.31 -7.34 12.02
C ILE A 30 5.74 -7.46 11.51
N GLY A 31 6.04 -6.74 10.43
CA GLY A 31 7.38 -6.78 9.86
C GLY A 31 8.40 -6.19 10.81
N LEU A 32 8.02 -5.13 11.52
CA LEU A 32 8.93 -4.48 12.45
C LEU A 32 9.30 -5.44 13.58
N LYS A 33 8.32 -6.20 14.05
CA LYS A 33 8.57 -7.16 15.14
C LYS A 33 9.12 -6.45 16.36
N HIS A 34 9.08 -7.13 17.50
CA HIS A 34 9.59 -6.56 18.74
C HIS A 34 8.93 -5.21 19.02
N HIS A 35 7.84 -5.24 19.79
CA HIS A 35 7.12 -4.02 20.11
C HIS A 35 7.82 -3.28 21.24
N HIS A 36 7.79 -1.95 21.18
CA HIS A 36 8.43 -1.14 22.22
C HIS A 36 7.57 -1.08 23.47
N ALA A 37 8.21 -1.14 24.63
CA ALA A 37 7.48 -1.10 25.89
C ALA A 37 7.06 0.33 26.23
N GLY A 38 7.63 1.29 25.50
CA GLY A 38 7.32 2.69 25.72
C GLY A 38 5.84 2.97 25.41
N TYR A 39 5.33 2.35 24.35
CA TYR A 39 3.93 2.53 23.97
C TYR A 39 3.03 1.62 24.80
N GLU A 40 1.93 2.17 25.31
CA GLU A 40 1.00 1.37 26.12
C GLU A 40 0.02 0.61 25.21
N GLN A 41 0.09 -0.71 25.27
CA GLN A 41 -0.80 -1.55 24.45
C GLN A 41 -2.25 -1.36 24.90
N PHE A 42 -3.15 -1.22 23.93
CA PHE A 42 -4.56 -1.04 24.26
C PHE A 42 -4.74 0.14 25.20
N SER B 1 4.57 18.88 0.50
CA SER B 1 4.46 19.75 -0.70
C SER B 1 5.41 19.24 -1.78
N ALA B 2 4.87 18.45 -2.70
CA ALA B 2 5.68 17.90 -3.79
C ALA B 2 6.10 19.00 -4.76
N ASP B 3 7.33 18.91 -5.25
CA ASP B 3 7.85 19.90 -6.18
C ASP B 3 7.02 19.91 -7.47
N ASP B 4 6.54 18.74 -7.85
CA ASP B 4 5.73 18.61 -9.06
C ASP B 4 4.39 19.31 -8.88
N ASP B 5 3.90 19.93 -9.95
CA ASP B 5 2.62 20.63 -9.91
C ASP B 5 1.48 19.70 -10.31
N ASN B 6 1.83 18.46 -10.63
CA ASN B 6 0.83 17.47 -11.02
C ASN B 6 0.02 17.97 -12.21
N PHE B 7 0.67 18.70 -13.09
CA PHE B 7 0.01 19.25 -14.28
C PHE B 7 -0.55 18.12 -15.14
N LEU B 8 0.25 17.07 -15.31
CA LEU B 8 -0.16 15.92 -16.13
C LEU B 8 -0.63 14.78 -15.24
N VAL B 9 -1.77 14.19 -15.60
CA VAL B 9 -2.33 13.09 -14.83
C VAL B 9 -2.86 12.00 -15.77
N PRO B 10 -1.97 11.25 -16.35
CA PRO B 10 -2.33 10.14 -17.29
C PRO B 10 -3.18 9.06 -16.61
N ILE B 11 -4.04 8.41 -17.38
CA ILE B 11 -4.92 7.37 -16.85
C ILE B 11 -4.10 6.20 -16.30
N ALA B 12 -3.08 5.79 -17.03
CA ALA B 12 -2.22 4.68 -16.59
C ALA B 12 -1.94 4.76 -15.09
N VAL B 13 -2.13 5.94 -14.50
CA VAL B 13 -1.89 6.13 -13.08
C VAL B 13 -2.82 5.24 -12.26
N GLY B 14 -4.08 5.13 -12.69
CA GLY B 14 -5.04 4.29 -12.00
C GLY B 14 -4.61 2.83 -12.02
N ALA B 15 -4.06 2.41 -13.16
CA ALA B 15 -3.61 1.02 -13.31
C ALA B 15 -2.52 0.71 -12.30
N ALA B 16 -1.62 1.66 -12.09
CA ALA B 16 -0.52 1.47 -11.14
C ALA B 16 -1.07 1.34 -9.72
N LEU B 17 -2.14 2.08 -9.43
CA LEU B 17 -2.74 2.05 -8.10
C LEU B 17 -3.23 0.63 -7.79
N ALA B 18 -3.91 0.01 -8.75
CA ALA B 18 -4.41 -1.34 -8.56
C ALA B 18 -3.25 -2.33 -8.38
N GLY B 19 -2.16 -2.08 -9.10
CA GLY B 19 -0.99 -2.94 -9.01
C GLY B 19 -0.42 -2.97 -7.59
N VAL B 20 -0.40 -1.81 -6.95
CA VAL B 20 0.11 -1.71 -5.58
C VAL B 20 -0.80 -2.48 -4.62
N LEU B 21 -2.12 -2.32 -4.81
CA LEU B 21 -3.09 -2.99 -3.96
C LEU B 21 -2.92 -4.52 -4.04
N ILE B 22 -2.68 -5.03 -5.24
CA ILE B 22 -2.48 -6.46 -5.41
C ILE B 22 -1.20 -6.90 -4.72
N LEU B 23 -0.16 -6.10 -4.85
CA LEU B 23 1.12 -6.42 -4.23
C LEU B 23 0.98 -6.53 -2.71
N VAL B 24 0.22 -5.62 -2.14
CA VAL B 24 0.00 -5.62 -0.69
C VAL B 24 -0.73 -6.89 -0.26
N LEU B 25 -1.72 -7.29 -1.04
CA LEU B 25 -2.50 -8.48 -0.71
C LEU B 25 -1.60 -9.72 -0.69
N LEU B 26 -0.69 -9.79 -1.64
CA LEU B 26 0.21 -10.93 -1.70
C LEU B 26 1.05 -10.98 -0.43
N ALA B 27 1.54 -9.81 -0.03
CA ALA B 27 2.35 -9.70 1.18
C ALA B 27 1.50 -10.03 2.41
N TYR B 28 0.24 -9.61 2.37
CA TYR B 28 -0.68 -9.84 3.48
C TYR B 28 -0.86 -11.34 3.71
N PHE B 29 -1.02 -12.09 2.62
CA PHE B 29 -1.21 -13.54 2.71
C PHE B 29 0.03 -14.20 3.32
N ILE B 30 1.20 -13.74 2.89
CA ILE B 30 2.45 -14.28 3.40
C ILE B 30 2.56 -14.01 4.90
N GLY B 31 2.19 -12.80 5.32
CA GLY B 31 2.26 -12.43 6.72
C GLY B 31 1.33 -13.31 7.56
N LEU B 32 0.19 -13.66 6.99
CA LEU B 32 -0.78 -14.50 7.70
C LEU B 32 -0.18 -15.86 8.01
N LYS B 33 0.56 -16.41 7.05
CA LYS B 33 1.18 -17.72 7.23
C LYS B 33 2.23 -17.66 8.34
N HIS B 34 2.23 -18.67 9.21
CA HIS B 34 3.18 -18.72 10.31
C HIS B 34 3.21 -17.39 11.04
N HIS B 35 2.42 -17.29 12.11
CA HIS B 35 2.37 -16.06 12.90
C HIS B 35 3.66 -15.87 13.67
N HIS B 36 4.10 -14.63 13.80
CA HIS B 36 5.33 -14.32 14.52
C HIS B 36 5.12 -14.47 16.02
N ALA B 37 6.12 -14.97 16.72
CA ALA B 37 6.04 -15.16 18.16
C ALA B 37 6.22 -13.83 18.89
N GLY B 38 6.64 -12.82 18.15
CA GLY B 38 6.85 -11.49 18.73
C GLY B 38 5.53 -10.90 19.21
N TYR B 39 4.46 -11.15 18.47
CA TYR B 39 3.14 -10.63 18.83
C TYR B 39 2.49 -11.54 19.87
N GLU B 40 1.95 -10.94 20.93
CA GLU B 40 1.28 -11.70 22.00
C GLU B 40 -0.03 -11.04 22.40
N GLN B 41 -1.01 -11.86 22.78
CA GLN B 41 -2.31 -11.32 23.18
C GLN B 41 -2.12 -10.25 24.26
N PHE B 42 -2.98 -9.24 24.24
CA PHE B 42 -2.88 -8.16 25.22
C PHE B 42 -1.47 -7.58 25.23
N SER C 1 -3.65 13.16 -23.73
CA SER C 1 -3.55 14.52 -23.13
C SER C 1 -4.19 15.53 -24.06
N ALA C 2 -5.35 15.18 -24.59
CA ALA C 2 -6.07 16.07 -25.50
C ALA C 2 -6.48 17.36 -24.79
N ASP C 3 -6.89 17.21 -23.53
CA ASP C 3 -7.31 18.36 -22.72
C ASP C 3 -6.18 18.81 -21.80
N ASP C 4 -5.61 19.98 -22.09
CA ASP C 4 -4.52 20.51 -21.29
C ASP C 4 -4.97 20.77 -19.86
N ASP C 5 -6.20 21.26 -19.71
CA ASP C 5 -6.75 21.55 -18.38
C ASP C 5 -7.44 20.31 -17.82
N ASN C 6 -6.88 19.76 -16.74
CA ASN C 6 -7.44 18.58 -16.11
C ASN C 6 -8.56 18.97 -15.14
N PHE C 7 -9.63 18.19 -15.15
CA PHE C 7 -10.77 18.47 -14.26
C PHE C 7 -10.34 18.37 -12.81
N LEU C 8 -9.58 17.33 -12.49
CA LEU C 8 -9.11 17.11 -11.12
C LEU C 8 -7.64 17.49 -11.00
N VAL C 9 -7.31 18.28 -9.98
CA VAL C 9 -5.93 18.72 -9.75
C VAL C 9 -5.45 18.21 -8.39
N PRO C 10 -4.97 16.99 -8.33
CA PRO C 10 -4.46 16.38 -7.06
C PRO C 10 -3.02 16.82 -6.76
N ILE C 11 -2.85 17.64 -5.72
CA ILE C 11 -1.53 18.12 -5.35
C ILE C 11 -0.91 17.25 -4.26
N ALA C 12 -1.39 17.41 -3.03
CA ALA C 12 -0.89 16.63 -1.90
C ALA C 12 -1.38 15.18 -1.98
N VAL C 13 -2.45 14.95 -2.74
CA VAL C 13 -3.00 13.61 -2.88
C VAL C 13 -1.99 12.70 -3.59
N GLY C 14 -1.35 13.22 -4.64
CA GLY C 14 -0.38 12.43 -5.38
C GLY C 14 0.79 12.04 -4.49
N ALA C 15 1.25 12.98 -3.66
CA ALA C 15 2.36 12.73 -2.76
C ALA C 15 1.98 11.68 -1.72
N ALA C 16 0.73 11.73 -1.26
CA ALA C 16 0.26 10.78 -0.26
C ALA C 16 0.35 9.35 -0.78
N LEU C 17 -0.07 9.15 -2.03
CA LEU C 17 -0.01 7.83 -2.65
C LEU C 17 1.45 7.38 -2.82
N ALA C 18 2.29 8.31 -3.21
CA ALA C 18 3.71 8.01 -3.42
C ALA C 18 4.35 7.58 -2.11
N GLY C 19 3.95 8.23 -1.02
CA GLY C 19 4.50 7.90 0.30
C GLY C 19 4.11 6.50 0.72
N VAL C 20 2.85 6.13 0.46
CA VAL C 20 2.36 4.80 0.82
C VAL C 20 3.11 3.73 0.03
N LEU C 21 3.32 3.98 -1.27
CA LEU C 21 4.01 3.04 -2.12
C LEU C 21 5.43 2.80 -1.59
N ILE C 22 6.08 3.86 -1.12
CA ILE C 22 7.42 3.73 -0.57
C ILE C 22 7.41 2.84 0.67
N LEU C 23 6.40 3.02 1.51
CA LEU C 23 6.29 2.24 2.73
C LEU C 23 6.15 0.75 2.39
N VAL C 24 5.36 0.45 1.36
CA VAL C 24 5.15 -0.92 0.95
C VAL C 24 6.45 -1.57 0.50
N LEU C 25 7.25 -0.81 -0.25
CA LEU C 25 8.52 -1.32 -0.75
C LEU C 25 9.45 -1.69 0.41
N LEU C 26 9.47 -0.85 1.42
CA LEU C 26 10.31 -1.13 2.58
C LEU C 26 9.85 -2.41 3.25
N ALA C 27 8.54 -2.55 3.36
CA ALA C 27 7.96 -3.74 3.99
C ALA C 27 8.47 -4.99 3.29
N TYR C 28 8.40 -4.98 1.96
CA TYR C 28 8.87 -6.10 1.17
C TYR C 28 10.38 -6.30 1.33
N PHE C 29 11.09 -5.19 1.49
CA PHE C 29 12.54 -5.24 1.65
C PHE C 29 12.91 -6.10 2.86
N ILE C 30 12.20 -5.89 3.96
CA ILE C 30 12.46 -6.65 5.19
C ILE C 30 12.13 -8.12 4.96
N GLY C 31 11.02 -8.39 4.26
CA GLY C 31 10.61 -9.75 3.98
C GLY C 31 11.65 -10.47 3.13
N LEU C 32 12.26 -9.73 2.21
CA LEU C 32 13.27 -10.32 1.34
C LEU C 32 14.46 -10.83 2.15
N LYS C 33 14.88 -10.04 3.14
CA LYS C 33 16.00 -10.43 3.98
C LYS C 33 17.26 -10.61 3.14
N HIS C 34 18.39 -10.17 3.68
CA HIS C 34 19.66 -10.30 2.99
C HIS C 34 20.05 -11.77 2.86
N HIS C 35 20.60 -12.14 1.71
CA HIS C 35 21.02 -13.51 1.48
C HIS C 35 22.33 -13.80 2.19
N HIS C 36 22.37 -14.89 2.94
CA HIS C 36 23.58 -15.27 3.68
C HIS C 36 24.29 -16.42 2.96
N ALA C 37 25.57 -16.21 2.67
CA ALA C 37 26.36 -17.22 1.98
C ALA C 37 26.78 -18.32 2.96
N GLY C 38 26.57 -18.07 4.25
CA GLY C 38 26.92 -19.04 5.27
C GLY C 38 26.10 -20.32 5.12
N TYR C 39 24.83 -20.17 4.78
CA TYR C 39 23.95 -21.33 4.59
C TYR C 39 24.14 -21.91 3.20
N GLU C 40 24.28 -23.24 3.11
CA GLU C 40 24.46 -23.89 1.82
C GLU C 40 23.10 -24.08 1.14
N GLN C 41 22.93 -23.47 -0.03
CA GLN C 41 21.67 -23.60 -0.77
C GLN C 41 21.31 -25.08 -0.93
N PHE C 42 20.02 -25.38 -0.87
CA PHE C 42 19.58 -26.76 -1.02
C PHE C 42 19.92 -27.28 -2.42
N SER A 1 -3.35 22.19 -16.69
CA SER A 1 -4.40 22.32 -15.65
C SER A 1 -4.46 21.04 -14.82
N ALA A 2 -3.73 21.03 -13.71
CA ALA A 2 -3.71 19.85 -12.84
C ALA A 2 -5.09 19.58 -12.26
N ASP A 3 -5.80 20.66 -11.90
CA ASP A 3 -7.15 20.54 -11.34
C ASP A 3 -8.20 20.84 -12.41
N ASP A 4 -8.97 19.81 -12.77
CA ASP A 4 -10.00 19.97 -13.79
C ASP A 4 -11.33 20.37 -13.14
N ASP A 5 -11.78 21.59 -13.43
CA ASP A 5 -13.03 22.09 -12.88
C ASP A 5 -14.20 21.24 -13.36
N ASN A 6 -14.17 20.86 -14.64
CA ASN A 6 -15.23 20.04 -15.22
C ASN A 6 -14.96 18.57 -14.97
N PHE A 7 -16.02 17.81 -14.71
CA PHE A 7 -15.90 16.38 -14.46
C PHE A 7 -14.94 16.13 -13.29
N LEU A 8 -15.46 15.52 -12.22
CA LEU A 8 -14.65 15.23 -11.04
C LEU A 8 -14.88 13.80 -10.57
N VAL A 9 -13.80 13.07 -10.34
CA VAL A 9 -13.89 11.69 -9.90
C VAL A 9 -14.77 11.57 -8.65
N PRO A 10 -15.41 10.44 -8.45
CA PRO A 10 -16.28 10.21 -7.26
C PRO A 10 -15.48 10.21 -5.96
N ILE A 11 -16.13 10.64 -4.88
CA ILE A 11 -15.49 10.70 -3.57
C ILE A 11 -15.08 9.30 -3.10
N ALA A 12 -15.97 8.32 -3.29
CA ALA A 12 -15.70 6.95 -2.86
C ALA A 12 -14.25 6.57 -3.16
N VAL A 13 -13.61 7.31 -4.08
CA VAL A 13 -12.21 7.03 -4.43
C VAL A 13 -11.30 7.30 -3.22
N GLY A 14 -11.54 8.43 -2.55
CA GLY A 14 -10.73 8.80 -1.40
C GLY A 14 -10.90 7.79 -0.27
N ALA A 15 -12.12 7.29 -0.11
CA ALA A 15 -12.40 6.31 0.94
C ALA A 15 -11.58 5.04 0.73
N ALA A 16 -11.50 4.61 -0.52
CA ALA A 16 -10.74 3.40 -0.86
C ALA A 16 -9.26 3.63 -0.60
N LEU A 17 -8.78 4.84 -0.89
CA LEU A 17 -7.37 5.17 -0.69
C LEU A 17 -7.01 5.01 0.79
N ALA A 18 -7.86 5.53 1.66
CA ALA A 18 -7.62 5.44 3.10
C ALA A 18 -7.59 3.98 3.54
N GLY A 19 -8.45 3.16 2.95
CA GLY A 19 -8.52 1.75 3.30
C GLY A 19 -7.18 1.06 3.02
N VAL A 20 -6.55 1.42 1.90
CA VAL A 20 -5.28 0.83 1.53
C VAL A 20 -4.20 1.18 2.55
N LEU A 21 -4.19 2.44 2.98
CA LEU A 21 -3.19 2.88 3.95
C LEU A 21 -3.35 2.08 5.24
N ILE A 22 -4.60 1.81 5.64
CA ILE A 22 -4.85 1.04 6.85
C ILE A 22 -4.31 -0.37 6.69
N LEU A 23 -4.52 -0.95 5.52
CA LEU A 23 -4.05 -2.31 5.25
C LEU A 23 -2.53 -2.38 5.36
N VAL A 24 -1.86 -1.35 4.85
CA VAL A 24 -0.40 -1.29 4.89
C VAL A 24 0.10 -1.23 6.34
N LEU A 25 -0.58 -0.45 7.16
CA LEU A 25 -0.19 -0.30 8.56
C LEU A 25 -0.27 -1.65 9.27
N LEU A 26 -1.32 -2.41 8.99
CA LEU A 26 -1.47 -3.71 9.62
C LEU A 26 -0.30 -4.61 9.24
N ALA A 27 0.09 -4.53 7.97
CA ALA A 27 1.20 -5.33 7.47
C ALA A 27 2.45 -5.06 8.31
N TYR A 28 2.73 -3.78 8.50
CA TYR A 28 3.88 -3.37 9.30
C TYR A 28 3.70 -3.80 10.76
N PHE A 29 2.46 -3.76 11.22
CA PHE A 29 2.17 -4.14 12.60
C PHE A 29 2.61 -5.58 12.87
N ILE A 30 2.29 -6.48 11.95
CA ILE A 30 2.68 -7.88 12.09
C ILE A 30 4.19 -8.02 12.05
N GLY A 31 4.82 -7.28 11.13
CA GLY A 31 6.28 -7.33 10.99
C GLY A 31 6.96 -6.79 12.24
N LEU A 32 6.33 -5.83 12.90
CA LEU A 32 6.89 -5.24 14.09
C LEU A 32 7.06 -6.30 15.18
N LYS A 33 6.06 -7.17 15.32
CA LYS A 33 6.11 -8.23 16.32
C LYS A 33 6.33 -7.64 17.71
N HIS A 34 5.25 -7.41 18.44
CA HIS A 34 5.34 -6.85 19.78
C HIS A 34 5.85 -7.90 20.76
N HIS A 35 6.70 -7.47 21.69
CA HIS A 35 7.26 -8.38 22.68
C HIS A 35 6.29 -8.59 23.83
N HIS A 36 5.89 -9.83 24.06
CA HIS A 36 4.96 -10.14 25.14
C HIS A 36 5.69 -10.18 26.47
N ALA A 37 5.10 -9.54 27.48
CA ALA A 37 5.71 -9.51 28.81
C ALA A 37 5.48 -10.83 29.53
N GLY A 38 4.60 -11.66 28.98
CA GLY A 38 4.29 -12.95 29.58
C GLY A 38 5.52 -13.84 29.61
N TYR A 39 6.35 -13.72 28.58
CA TYR A 39 7.56 -14.52 28.49
C TYR A 39 8.68 -13.89 29.32
N GLU A 40 9.32 -14.69 30.16
CA GLU A 40 10.41 -14.20 31.00
C GLU A 40 11.76 -14.38 30.30
N GLN A 41 12.43 -13.27 30.01
CA GLN A 41 13.72 -13.33 29.35
C GLN A 41 14.81 -13.69 30.35
N PHE A 42 15.64 -14.67 30.00
CA PHE A 42 16.72 -15.11 30.87
C PHE A 42 17.66 -13.94 31.17
N SER B 1 1.38 21.71 -23.47
CA SER B 1 0.12 22.46 -23.17
C SER B 1 -0.67 22.62 -24.46
N ALA B 2 -0.39 21.76 -25.44
CA ALA B 2 -1.08 21.82 -26.72
C ALA B 2 -2.54 21.40 -26.56
N ASP B 3 -3.41 22.02 -27.36
CA ASP B 3 -4.84 21.70 -27.30
C ASP B 3 -5.07 20.23 -27.63
N ASP B 4 -4.37 19.74 -28.64
CA ASP B 4 -4.50 18.35 -29.05
C ASP B 4 -3.96 17.41 -27.97
N ASP B 5 -2.92 17.87 -27.27
CA ASP B 5 -2.31 17.06 -26.21
C ASP B 5 -2.98 17.37 -24.87
N ASN B 6 -3.75 16.41 -24.36
CA ASN B 6 -4.44 16.57 -23.08
C ASN B 6 -4.56 15.24 -22.37
N PHE B 7 -3.76 15.04 -21.33
CA PHE B 7 -3.78 13.80 -20.55
C PHE B 7 -4.22 14.07 -19.12
N LEU B 8 -5.48 13.78 -18.82
CA LEU B 8 -6.04 13.98 -17.49
C LEU B 8 -6.45 12.66 -16.87
N VAL B 9 -5.98 12.41 -15.66
CA VAL B 9 -6.31 11.16 -14.96
C VAL B 9 -6.03 9.96 -15.86
N PRO B 10 -4.77 9.64 -16.06
CA PRO B 10 -4.36 8.48 -16.91
C PRO B 10 -4.90 7.16 -16.37
N ILE B 11 -5.19 6.23 -17.28
CA ILE B 11 -5.72 4.93 -16.88
C ILE B 11 -4.69 4.16 -16.04
N ALA B 12 -3.43 4.18 -16.49
CA ALA B 12 -2.36 3.49 -15.76
C ALA B 12 -2.49 3.71 -14.25
N VAL B 13 -3.21 4.77 -13.86
CA VAL B 13 -3.38 5.07 -12.45
C VAL B 13 -4.16 3.95 -11.76
N GLY B 14 -5.21 3.47 -12.40
CA GLY B 14 -6.02 2.40 -11.83
C GLY B 14 -5.20 1.12 -11.67
N ALA B 15 -4.41 0.80 -12.70
CA ALA B 15 -3.58 -0.39 -12.67
C ALA B 15 -2.51 -0.28 -11.58
N ALA B 16 -1.96 0.93 -11.42
CA ALA B 16 -0.92 1.16 -10.43
C ALA B 16 -1.45 0.87 -9.03
N LEU B 17 -2.65 1.35 -8.74
CA LEU B 17 -3.27 1.13 -7.43
C LEU B 17 -3.56 -0.35 -7.22
N ALA B 18 -4.03 -1.01 -8.28
CA ALA B 18 -4.34 -2.43 -8.19
C ALA B 18 -3.09 -3.23 -7.87
N GLY B 19 -1.96 -2.80 -8.44
CA GLY B 19 -0.69 -3.49 -8.21
C GLY B 19 -0.25 -3.38 -6.75
N VAL B 20 -0.48 -2.21 -6.16
CA VAL B 20 -0.11 -1.98 -4.76
C VAL B 20 -0.91 -2.89 -3.84
N LEU B 21 -2.19 -3.02 -4.15
CA LEU B 21 -3.08 -3.87 -3.36
C LEU B 21 -2.64 -5.33 -3.42
N ILE B 22 -2.26 -5.79 -4.60
CA ILE B 22 -1.80 -7.16 -4.78
C ILE B 22 -0.49 -7.38 -4.02
N LEU B 23 0.39 -6.38 -4.10
CA LEU B 23 1.69 -6.47 -3.44
C LEU B 23 1.51 -6.67 -1.93
N VAL B 24 0.57 -5.94 -1.35
CA VAL B 24 0.31 -6.05 0.09
C VAL B 24 -0.21 -7.44 0.44
N LEU B 25 -1.11 -7.97 -0.38
CA LEU B 25 -1.69 -9.29 -0.14
C LEU B 25 -0.59 -10.35 -0.15
N LEU B 26 0.34 -10.24 -1.09
CA LEU B 26 1.42 -11.21 -1.16
C LEU B 26 2.24 -11.17 0.12
N ALA B 27 2.53 -9.96 0.57
CA ALA B 27 3.30 -9.76 1.80
C ALA B 27 2.49 -10.26 2.99
N TYR B 28 1.19 -10.04 2.94
CA TYR B 28 0.30 -10.46 4.02
C TYR B 28 0.38 -11.98 4.22
N PHE B 29 0.35 -12.71 3.11
CA PHE B 29 0.42 -14.17 3.17
C PHE B 29 1.74 -14.63 3.78
N ILE B 30 2.83 -13.99 3.34
CA ILE B 30 4.15 -14.34 3.86
C ILE B 30 4.22 -14.03 5.36
N GLY B 31 3.68 -12.88 5.74
CA GLY B 31 3.70 -12.49 7.14
C GLY B 31 2.89 -13.45 8.00
N LEU B 32 1.81 -13.97 7.44
CA LEU B 32 0.97 -14.91 8.18
C LEU B 32 1.75 -16.16 8.56
N LYS B 33 2.53 -16.67 7.60
CA LYS B 33 3.34 -17.87 7.84
C LYS B 33 4.69 -17.75 7.14
N HIS B 34 5.76 -17.88 7.91
CA HIS B 34 7.10 -17.80 7.35
C HIS B 34 8.10 -18.49 8.27
N HIS B 35 9.25 -18.86 7.72
CA HIS B 35 10.28 -19.54 8.50
C HIS B 35 11.59 -18.77 8.42
N HIS B 36 12.19 -18.48 9.57
CA HIS B 36 13.44 -17.75 9.63
C HIS B 36 14.48 -18.52 10.44
N ALA B 37 15.63 -18.79 9.83
CA ALA B 37 16.71 -19.52 10.49
C ALA B 37 17.79 -18.57 10.98
N GLY B 38 17.85 -17.39 10.36
CA GLY B 38 18.85 -16.39 10.74
C GLY B 38 18.60 -15.90 12.16
N TYR B 39 17.33 -15.69 12.50
CA TYR B 39 16.96 -15.22 13.84
C TYR B 39 16.89 -16.38 14.81
N GLU B 40 17.50 -16.22 15.98
CA GLU B 40 17.48 -17.28 16.99
C GLU B 40 16.09 -17.42 17.58
N GLN B 41 15.48 -18.59 17.39
CA GLN B 41 14.14 -18.83 17.92
C GLN B 41 14.12 -18.52 19.41
N PHE B 42 12.98 -18.03 19.89
CA PHE B 42 12.84 -17.71 21.31
C PHE B 42 13.08 -18.95 22.16
N SER C 1 -11.09 14.59 5.55
CA SER C 1 -11.97 13.44 5.21
C SER C 1 -12.31 13.47 3.72
N ALA C 2 -11.82 14.51 3.04
CA ALA C 2 -12.09 14.65 1.61
C ALA C 2 -10.99 15.50 0.95
N ASP C 3 -10.73 15.24 -0.33
CA ASP C 3 -9.70 15.97 -1.06
C ASP C 3 -10.31 17.20 -1.72
N ASP C 4 -11.62 17.37 -1.57
CA ASP C 4 -12.32 18.51 -2.15
C ASP C 4 -12.31 19.69 -1.18
N ASP C 5 -11.71 19.49 -0.01
CA ASP C 5 -11.63 20.54 0.99
C ASP C 5 -10.73 21.67 0.52
N ASN C 6 -11.13 22.91 0.80
CA ASN C 6 -10.35 24.07 0.40
C ASN C 6 -8.99 24.07 1.09
N PHE C 7 -8.99 23.69 2.37
CA PHE C 7 -7.74 23.65 3.13
C PHE C 7 -6.74 22.69 2.51
N LEU C 8 -7.22 21.50 2.14
CA LEU C 8 -6.35 20.50 1.52
C LEU C 8 -6.54 20.48 0.01
N VAL C 9 -5.44 20.64 -0.71
CA VAL C 9 -5.49 20.66 -2.18
C VAL C 9 -5.21 19.27 -2.74
N PRO C 10 -5.75 18.95 -3.89
CA PRO C 10 -5.53 17.63 -4.54
C PRO C 10 -4.07 17.42 -4.96
N ILE C 11 -3.33 18.51 -5.11
CA ILE C 11 -1.94 18.41 -5.52
C ILE C 11 -1.10 17.70 -4.45
N ALA C 12 -1.31 18.06 -3.19
CA ALA C 12 -0.56 17.45 -2.10
C ALA C 12 -1.05 16.02 -1.85
N VAL C 13 -2.25 15.70 -2.31
CA VAL C 13 -2.81 14.37 -2.12
C VAL C 13 -2.00 13.34 -2.91
N GLY C 14 -1.65 13.69 -4.15
CA GLY C 14 -0.90 12.78 -4.99
C GLY C 14 0.49 12.52 -4.40
N ALA C 15 1.07 13.54 -3.79
CA ALA C 15 2.40 13.40 -3.18
C ALA C 15 2.36 12.38 -2.06
N ALA C 16 1.30 12.41 -1.27
CA ALA C 16 1.15 11.48 -0.15
C ALA C 16 1.00 10.05 -0.67
N LEU C 17 0.32 9.89 -1.81
CA LEU C 17 0.11 8.57 -2.38
C LEU C 17 1.46 7.94 -2.73
N ALA C 18 2.35 8.73 -3.32
CA ALA C 18 3.67 8.23 -3.69
C ALA C 18 4.45 7.82 -2.44
N GLY C 19 4.28 8.58 -1.37
CA GLY C 19 4.98 8.29 -0.11
C GLY C 19 4.60 6.91 0.42
N VAL C 20 3.32 6.57 0.30
CA VAL C 20 2.83 5.28 0.76
C VAL C 20 3.47 4.14 -0.05
N LEU C 21 3.54 4.34 -1.36
CA LEU C 21 4.12 3.33 -2.25
C LEU C 21 5.57 3.07 -1.86
N ILE C 22 6.30 4.13 -1.50
CA ILE C 22 7.69 3.99 -1.10
C ILE C 22 7.78 3.15 0.18
N LEU C 23 6.88 3.42 1.11
CA LEU C 23 6.86 2.69 2.38
C LEU C 23 6.63 1.20 2.14
N VAL C 24 5.72 0.89 1.23
CA VAL C 24 5.40 -0.49 0.91
C VAL C 24 6.61 -1.19 0.31
N LEU C 25 7.32 -0.50 -0.56
CA LEU C 25 8.51 -1.07 -1.22
C LEU C 25 9.56 -1.44 -0.18
N LEU C 26 9.75 -0.58 0.81
CA LEU C 26 10.73 -0.84 1.84
C LEU C 26 10.36 -2.13 2.58
N ALA C 27 9.08 -2.24 2.91
CA ALA C 27 8.58 -3.42 3.61
C ALA C 27 8.70 -4.65 2.70
N TYR C 28 8.46 -4.44 1.43
CA TYR C 28 8.54 -5.53 0.45
C TYR C 28 9.93 -6.13 0.42
N PHE C 29 10.94 -5.27 0.43
CA PHE C 29 12.33 -5.73 0.42
C PHE C 29 12.65 -6.49 1.70
N ILE C 30 12.23 -5.95 2.83
CA ILE C 30 12.46 -6.60 4.12
C ILE C 30 11.70 -7.92 4.20
N GLY C 31 10.46 -7.92 3.70
CA GLY C 31 9.65 -9.14 3.73
C GLY C 31 10.29 -10.25 2.92
N LEU C 32 10.94 -9.88 1.84
CA LEU C 32 11.62 -10.86 0.99
C LEU C 32 12.75 -11.53 1.76
N LYS C 33 13.46 -10.76 2.57
CA LYS C 33 14.57 -11.29 3.36
C LYS C 33 15.63 -11.91 2.44
N HIS C 34 15.40 -11.83 1.14
CA HIS C 34 16.34 -12.38 0.17
C HIS C 34 16.23 -11.63 -1.15
N HIS C 35 17.39 -11.30 -1.74
CA HIS C 35 17.43 -10.58 -3.01
C HIS C 35 17.85 -11.51 -4.14
N HIS C 36 16.96 -11.71 -5.10
CA HIS C 36 17.24 -12.59 -6.24
C HIS C 36 17.59 -11.76 -7.48
N ALA C 37 18.75 -12.05 -8.05
CA ALA C 37 19.20 -11.33 -9.24
C ALA C 37 18.48 -11.85 -10.48
N GLY C 38 17.84 -13.01 -10.35
CA GLY C 38 17.11 -13.58 -11.48
C GLY C 38 15.97 -12.69 -11.92
N TYR C 39 15.29 -12.09 -10.95
CA TYR C 39 14.16 -11.20 -11.22
C TYR C 39 14.56 -9.74 -10.97
N GLU C 40 14.14 -8.86 -11.87
CA GLU C 40 14.47 -7.44 -11.73
C GLU C 40 13.46 -6.76 -10.81
N GLN C 41 13.94 -6.22 -9.70
CA GLN C 41 13.07 -5.55 -8.75
C GLN C 41 12.24 -4.48 -9.47
N PHE C 42 11.01 -4.28 -9.02
CA PHE C 42 10.15 -3.29 -9.64
C PHE C 42 8.88 -3.07 -8.81
N SER A 1 -27.13 9.66 -24.86
CA SER A 1 -25.73 9.21 -24.70
C SER A 1 -25.24 9.58 -23.30
N ALA A 2 -24.12 8.98 -22.90
CA ALA A 2 -23.56 9.25 -21.58
C ALA A 2 -22.07 8.90 -21.56
N ASP A 3 -21.32 9.66 -20.77
CA ASP A 3 -19.87 9.43 -20.65
C ASP A 3 -19.56 8.63 -19.38
N ASP A 4 -19.16 7.38 -19.55
CA ASP A 4 -18.85 6.52 -18.41
C ASP A 4 -17.65 7.07 -17.64
N ASP A 5 -16.67 7.60 -18.37
CA ASP A 5 -15.47 8.14 -17.74
C ASP A 5 -15.70 9.59 -17.34
N ASN A 6 -15.77 9.82 -16.02
CA ASN A 6 -15.99 11.18 -15.51
C ASN A 6 -14.66 11.83 -15.14
N PHE A 7 -14.55 13.13 -15.41
CA PHE A 7 -13.33 13.86 -15.11
C PHE A 7 -13.05 13.85 -13.61
N LEU A 8 -14.10 14.05 -12.82
CA LEU A 8 -13.97 14.08 -11.36
C LEU A 8 -14.03 12.66 -10.80
N VAL A 9 -13.08 12.33 -9.93
CA VAL A 9 -13.03 11.01 -9.35
C VAL A 9 -14.04 10.89 -8.19
N PRO A 10 -14.54 9.71 -7.94
CA PRO A 10 -15.52 9.46 -6.84
C PRO A 10 -14.90 9.67 -5.46
N ILE A 11 -15.72 10.08 -4.49
CA ILE A 11 -15.24 10.30 -3.14
C ILE A 11 -14.74 9.00 -2.50
N ALA A 12 -15.49 7.93 -2.68
CA ALA A 12 -15.12 6.63 -2.12
C ALA A 12 -13.61 6.37 -2.31
N VAL A 13 -13.00 7.09 -3.27
CA VAL A 13 -11.57 6.92 -3.54
C VAL A 13 -10.75 7.26 -2.29
N GLY A 14 -11.13 8.33 -1.60
CA GLY A 14 -10.42 8.73 -0.39
C GLY A 14 -10.48 7.62 0.66
N ALA A 15 -11.64 7.02 0.82
CA ALA A 15 -11.82 5.94 1.79
C ALA A 15 -11.01 4.72 1.38
N ALA A 16 -10.96 4.45 0.08
CA ALA A 16 -10.22 3.29 -0.43
C ALA A 16 -8.75 3.40 -0.06
N LEU A 17 -8.19 4.59 -0.23
CA LEU A 17 -6.78 4.81 0.10
C LEU A 17 -6.56 4.66 1.60
N ALA A 18 -7.48 5.18 2.39
CA ALA A 18 -7.37 5.09 3.84
C ALA A 18 -7.37 3.63 4.27
N GLY A 19 -8.19 2.83 3.61
CA GLY A 19 -8.28 1.40 3.94
C GLY A 19 -6.97 0.69 3.64
N VAL A 20 -6.38 1.04 2.50
CA VAL A 20 -5.11 0.43 2.08
C VAL A 20 -3.99 0.84 3.04
N LEU A 21 -3.98 2.11 3.41
CA LEU A 21 -2.95 2.66 4.30
C LEU A 21 -2.97 1.91 5.64
N ILE A 22 -4.16 1.63 6.16
CA ILE A 22 -4.29 0.93 7.41
C ILE A 22 -3.76 -0.50 7.25
N LEU A 23 -4.11 -1.13 6.14
CA LEU A 23 -3.68 -2.49 5.88
C LEU A 23 -2.15 -2.58 5.82
N VAL A 24 -1.53 -1.59 5.19
CA VAL A 24 -0.09 -1.56 5.07
C VAL A 24 0.58 -1.44 6.44
N LEU A 25 0.00 -0.59 7.29
CA LEU A 25 0.55 -0.39 8.63
C LEU A 25 0.53 -1.69 9.42
N LEU A 26 -0.55 -2.43 9.29
CA LEU A 26 -0.65 -3.69 10.00
C LEU A 26 0.45 -4.63 9.53
N ALA A 27 0.67 -4.65 8.22
CA ALA A 27 1.70 -5.51 7.65
C ALA A 27 3.05 -5.19 8.29
N TYR A 28 3.36 -3.91 8.40
CA TYR A 28 4.60 -3.46 9.00
C TYR A 28 4.64 -3.84 10.48
N PHE A 29 3.48 -3.80 11.13
CA PHE A 29 3.38 -4.13 12.55
C PHE A 29 3.90 -5.55 12.80
N ILE A 30 3.47 -6.49 11.97
CA ILE A 30 3.90 -7.88 12.11
C ILE A 30 5.40 -7.98 11.85
N GLY A 31 5.87 -7.27 10.82
CA GLY A 31 7.28 -7.29 10.48
C GLY A 31 8.12 -6.67 11.60
N LEU A 32 7.56 -5.70 12.29
CA LEU A 32 8.27 -5.04 13.38
C LEU A 32 8.61 -6.04 14.48
N LYS A 33 7.66 -6.93 14.78
CA LYS A 33 7.87 -7.93 15.81
C LYS A 33 8.21 -7.27 17.15
N HIS A 34 7.24 -7.24 18.05
CA HIS A 34 7.44 -6.64 19.36
C HIS A 34 8.56 -7.36 20.11
N HIS A 35 8.56 -8.69 20.02
CA HIS A 35 9.59 -9.49 20.68
C HIS A 35 10.90 -9.43 19.91
N HIS A 36 11.99 -9.15 20.62
CA HIS A 36 13.29 -9.06 19.99
C HIS A 36 13.78 -10.45 19.57
N ALA A 37 14.39 -10.51 18.39
CA ALA A 37 14.91 -11.78 17.87
C ALA A 37 16.20 -12.17 18.58
N GLY A 38 16.76 -11.22 19.33
CA GLY A 38 18.00 -11.48 20.05
C GLY A 38 17.82 -12.58 21.10
N TYR A 39 16.68 -12.55 21.78
CA TYR A 39 16.39 -13.55 22.80
C TYR A 39 15.89 -14.85 22.16
N GLU A 40 16.47 -15.98 22.56
CA GLU A 40 16.08 -17.28 22.01
C GLU A 40 15.94 -18.32 23.13
N GLN A 41 14.98 -19.23 22.99
CA GLN A 41 14.78 -20.26 24.00
C GLN A 41 15.96 -21.23 23.99
N PHE A 42 16.51 -21.50 25.16
CA PHE A 42 17.64 -22.42 25.27
C PHE A 42 17.17 -23.87 25.15
N SER B 1 -4.05 31.10 -11.99
CA SER B 1 -5.01 30.09 -12.51
C SER B 1 -5.09 28.93 -11.53
N ALA B 2 -6.13 28.94 -10.71
CA ALA B 2 -6.33 27.88 -9.72
C ALA B 2 -6.55 26.54 -10.41
N ASP B 3 -7.31 26.57 -11.50
CA ASP B 3 -7.60 25.36 -12.27
C ASP B 3 -6.69 25.25 -13.49
N ASP B 4 -5.79 24.27 -13.47
CA ASP B 4 -4.86 24.09 -14.58
C ASP B 4 -5.60 23.65 -15.84
N ASP B 5 -5.17 24.17 -16.98
CA ASP B 5 -5.80 23.84 -18.25
C ASP B 5 -5.67 22.36 -18.53
N ASN B 6 -4.48 21.81 -18.27
CA ASN B 6 -4.23 20.39 -18.51
C ASN B 6 -4.59 19.57 -17.27
N PHE B 7 -5.67 18.80 -17.37
CA PHE B 7 -6.11 17.98 -16.25
C PHE B 7 -5.05 16.95 -15.87
N LEU B 8 -4.46 16.33 -16.89
CA LEU B 8 -3.43 15.32 -16.68
C LEU B 8 -3.95 14.23 -15.76
N VAL B 9 -4.63 13.24 -16.35
CA VAL B 9 -5.17 12.13 -15.58
C VAL B 9 -5.13 10.85 -16.42
N PRO B 10 -3.96 10.30 -16.60
CA PRO B 10 -3.77 9.04 -17.40
C PRO B 10 -4.55 7.87 -16.81
N ILE B 11 -5.07 7.01 -17.68
CA ILE B 11 -5.84 5.86 -17.23
C ILE B 11 -4.97 4.88 -16.41
N ALA B 12 -3.75 4.64 -16.90
CA ALA B 12 -2.84 3.72 -16.21
C ALA B 12 -2.89 3.94 -14.69
N VAL B 13 -3.37 5.11 -14.26
CA VAL B 13 -3.46 5.42 -12.84
C VAL B 13 -4.33 4.39 -12.13
N GLY B 14 -5.45 4.05 -12.75
CA GLY B 14 -6.36 3.06 -12.16
C GLY B 14 -5.67 1.71 -12.03
N ALA B 15 -4.90 1.34 -13.05
CA ALA B 15 -4.19 0.07 -13.04
C ALA B 15 -3.10 0.07 -11.99
N ALA B 16 -2.47 1.22 -11.80
CA ALA B 16 -1.39 1.34 -10.81
C ALA B 16 -1.90 1.02 -9.41
N LEU B 17 -3.07 1.54 -9.09
CA LEU B 17 -3.67 1.29 -7.78
C LEU B 17 -4.04 -0.19 -7.64
N ALA B 18 -4.55 -0.77 -8.70
CA ALA B 18 -4.94 -2.17 -8.69
C ALA B 18 -3.71 -3.06 -8.50
N GLY B 19 -2.60 -2.67 -9.13
CA GLY B 19 -1.37 -3.43 -9.04
C GLY B 19 -0.85 -3.47 -7.60
N VAL B 20 -0.97 -2.33 -6.91
CA VAL B 20 -0.51 -2.24 -5.53
C VAL B 20 -1.39 -3.09 -4.62
N LEU B 21 -2.70 -3.06 -4.84
CA LEU B 21 -3.62 -3.83 -4.01
C LEU B 21 -3.29 -5.31 -4.11
N ILE B 22 -2.98 -5.77 -5.32
CA ILE B 22 -2.64 -7.17 -5.52
C ILE B 22 -1.35 -7.51 -4.77
N LEU B 23 -0.38 -6.62 -4.86
CA LEU B 23 0.91 -6.83 -4.21
C LEU B 23 0.73 -6.98 -2.70
N VAL B 24 -0.16 -6.16 -2.13
CA VAL B 24 -0.42 -6.21 -0.70
C VAL B 24 -0.97 -7.57 -0.30
N LEU B 25 -1.87 -8.11 -1.12
CA LEU B 25 -2.48 -9.41 -0.82
C LEU B 25 -1.41 -10.49 -0.75
N LEU B 26 -0.45 -10.43 -1.65
CA LEU B 26 0.60 -11.43 -1.66
C LEU B 26 1.36 -11.36 -0.34
N ALA B 27 1.66 -10.15 0.10
CA ALA B 27 2.38 -9.94 1.35
C ALA B 27 1.52 -10.40 2.53
N TYR B 28 0.21 -10.16 2.42
CA TYR B 28 -0.73 -10.55 3.46
C TYR B 28 -0.74 -12.07 3.64
N PHE B 29 -0.77 -12.77 2.52
CA PHE B 29 -0.80 -14.24 2.55
C PHE B 29 0.45 -14.78 3.21
N ILE B 30 1.61 -14.23 2.83
CA ILE B 30 2.88 -14.66 3.40
C ILE B 30 2.90 -14.38 4.90
N GLY B 31 2.40 -13.20 5.28
CA GLY B 31 2.36 -12.81 6.69
C GLY B 31 1.43 -13.72 7.48
N LEU B 32 0.36 -14.17 6.82
CA LEU B 32 -0.61 -15.03 7.47
C LEU B 32 0.05 -16.33 7.92
N LYS B 33 0.93 -16.87 7.07
CA LYS B 33 1.62 -18.11 7.38
C LYS B 33 0.62 -19.22 7.68
N HIS B 34 0.26 -19.98 6.65
CA HIS B 34 -0.69 -21.08 6.81
C HIS B 34 -0.09 -22.16 7.70
N HIS B 35 1.18 -22.47 7.48
CA HIS B 35 1.86 -23.49 8.28
C HIS B 35 2.35 -22.91 9.59
N HIS B 36 1.99 -23.57 10.69
CA HIS B 36 2.38 -23.10 12.02
C HIS B 36 3.83 -23.48 12.31
N ALA B 37 4.61 -22.51 12.76
CA ALA B 37 6.02 -22.74 13.08
C ALA B 37 6.15 -23.45 14.42
N GLY B 38 5.06 -23.51 15.16
CA GLY B 38 5.05 -24.17 16.47
C GLY B 38 5.35 -25.66 16.32
N TYR B 39 4.82 -26.27 15.26
CA TYR B 39 5.03 -27.70 15.02
C TYR B 39 5.96 -27.90 13.83
N GLU B 40 6.97 -28.75 13.98
CA GLU B 40 7.91 -29.01 12.89
C GLU B 40 7.45 -30.21 12.08
N GLN B 41 7.19 -30.00 10.79
CA GLN B 41 6.75 -31.09 9.92
C GLN B 41 7.92 -32.03 9.63
N PHE B 42 7.69 -33.33 9.78
CA PHE B 42 8.74 -34.30 9.53
C PHE B 42 8.14 -35.69 9.33
N SER C 1 0.46 26.93 -6.88
CA SER C 1 0.00 28.03 -5.99
C SER C 1 -1.49 27.86 -5.70
N ALA C 2 -1.93 28.37 -4.55
CA ALA C 2 -3.33 28.27 -4.17
C ALA C 2 -3.83 26.84 -4.35
N ASP C 3 -2.97 25.88 -4.06
CA ASP C 3 -3.32 24.47 -4.20
C ASP C 3 -4.48 24.13 -3.26
N ASP C 4 -4.46 24.70 -2.07
CA ASP C 4 -5.51 24.45 -1.08
C ASP C 4 -6.84 24.99 -1.58
N ASP C 5 -6.81 26.13 -2.25
CA ASP C 5 -8.03 26.73 -2.77
C ASP C 5 -8.69 25.81 -3.78
N ASN C 6 -7.89 25.20 -4.64
CA ASN C 6 -8.40 24.29 -5.65
C ASN C 6 -8.60 22.90 -5.06
N PHE C 7 -9.87 22.53 -4.82
CA PHE C 7 -10.19 21.22 -4.25
C PHE C 7 -10.49 20.23 -5.38
N LEU C 8 -10.40 20.68 -6.62
CA LEU C 8 -10.66 19.82 -7.76
C LEU C 8 -9.65 18.68 -7.82
N VAL C 9 -8.39 19.01 -7.56
CA VAL C 9 -7.33 18.01 -7.59
C VAL C 9 -6.03 18.62 -7.08
N PRO C 10 -5.91 18.77 -5.79
CA PRO C 10 -4.68 19.35 -5.16
C PRO C 10 -3.42 18.53 -5.48
N ILE C 11 -2.30 19.21 -5.62
CA ILE C 11 -1.04 18.55 -5.95
C ILE C 11 -0.62 17.61 -4.82
N ALA C 12 -0.74 18.07 -3.57
CA ALA C 12 -0.37 17.25 -2.42
C ALA C 12 -0.88 15.82 -2.57
N VAL C 13 -1.89 15.65 -3.43
CA VAL C 13 -2.46 14.32 -3.66
C VAL C 13 -1.42 13.39 -4.28
N GLY C 14 -0.67 13.91 -5.25
CA GLY C 14 0.36 13.10 -5.91
C GLY C 14 1.41 12.64 -4.91
N ALA C 15 1.81 13.53 -4.02
CA ALA C 15 2.80 13.21 -3.02
C ALA C 15 2.27 12.16 -2.04
N ALA C 16 0.98 12.27 -1.72
CA ALA C 16 0.36 11.32 -0.79
C ALA C 16 0.41 9.90 -1.36
N LEU C 17 0.07 9.77 -2.63
CA LEU C 17 0.08 8.46 -3.29
C LEU C 17 1.51 7.92 -3.36
N ALA C 18 2.46 8.79 -3.68
CA ALA C 18 3.85 8.38 -3.78
C ALA C 18 4.37 7.95 -2.42
N GLY C 19 3.94 8.64 -1.38
CA GLY C 19 4.38 8.32 -0.02
C GLY C 19 3.97 6.91 0.37
N VAL C 20 2.75 6.53 0.02
CA VAL C 20 2.25 5.20 0.35
C VAL C 20 3.02 4.13 -0.42
N LEU C 21 3.29 4.41 -1.70
CA LEU C 21 4.01 3.47 -2.54
C LEU C 21 5.40 3.20 -1.97
N ILE C 22 6.06 4.25 -1.49
CA ILE C 22 7.38 4.11 -0.92
C ILE C 22 7.30 3.29 0.37
N LEU C 23 6.29 3.57 1.18
CA LEU C 23 6.13 2.87 2.44
C LEU C 23 6.00 1.37 2.21
N VAL C 24 5.24 1.00 1.19
CA VAL C 24 5.04 -0.40 0.87
C VAL C 24 6.36 -1.07 0.49
N LEU C 25 7.17 -0.37 -0.29
CA LEU C 25 8.46 -0.92 -0.72
C LEU C 25 9.34 -1.21 0.49
N LEU C 26 9.34 -0.30 1.45
CA LEU C 26 10.15 -0.50 2.63
C LEU C 26 9.69 -1.76 3.36
N ALA C 27 8.37 -1.91 3.45
CA ALA C 27 7.80 -3.08 4.12
C ALA C 27 8.34 -4.36 3.51
N TYR C 28 8.31 -4.41 2.18
CA TYR C 28 8.80 -5.57 1.45
C TYR C 28 10.30 -5.76 1.69
N PHE C 29 11.02 -4.65 1.79
CA PHE C 29 12.46 -4.69 2.00
C PHE C 29 12.80 -5.48 3.27
N ILE C 30 12.05 -5.20 4.34
CA ILE C 30 12.27 -5.88 5.61
C ILE C 30 11.90 -7.36 5.47
N GLY C 31 10.81 -7.63 4.75
CA GLY C 31 10.37 -9.01 4.56
C GLY C 31 11.43 -9.83 3.83
N LEU C 32 12.20 -9.15 2.98
CA LEU C 32 13.26 -9.83 2.24
C LEU C 32 14.30 -10.40 3.19
N LYS C 33 14.63 -9.65 4.23
CA LYS C 33 15.64 -10.09 5.20
C LYS C 33 15.17 -11.36 5.89
N HIS C 34 16.12 -12.27 6.14
CA HIS C 34 15.80 -13.53 6.80
C HIS C 34 14.70 -14.27 6.04
N HIS C 35 15.10 -15.14 5.13
CA HIS C 35 14.13 -15.90 4.34
C HIS C 35 13.53 -17.03 5.18
N HIS C 36 12.22 -17.21 5.07
CA HIS C 36 11.54 -18.27 5.82
C HIS C 36 11.75 -19.62 5.15
N ALA C 37 12.17 -20.60 5.93
CA ALA C 37 12.40 -21.95 5.39
C ALA C 37 11.08 -22.68 5.22
N GLY C 38 10.01 -22.11 5.77
CA GLY C 38 8.68 -22.71 5.65
C GLY C 38 8.23 -22.74 4.20
N TYR C 39 8.52 -21.67 3.46
CA TYR C 39 8.14 -21.59 2.06
C TYR C 39 9.16 -22.32 1.18
N GLU C 40 8.68 -23.21 0.31
CA GLU C 40 9.58 -23.95 -0.58
C GLU C 40 9.01 -23.97 -2.00
N GLN C 41 9.89 -23.96 -3.01
CA GLN C 41 9.44 -24.00 -4.41
C GLN C 41 10.11 -25.14 -5.15
N PHE C 42 9.31 -26.05 -5.68
CA PHE C 42 9.84 -27.20 -6.41
C PHE C 42 8.78 -27.79 -7.32
N SER A 1 -21.61 17.94 -21.79
CA SER A 1 -22.33 16.69 -22.16
C SER A 1 -21.32 15.58 -22.43
N ALA A 2 -21.35 14.54 -21.60
CA ALA A 2 -20.43 13.42 -21.76
C ALA A 2 -21.00 12.16 -21.12
N ASP A 3 -20.58 11.00 -21.61
CA ASP A 3 -21.06 9.73 -21.09
C ASP A 3 -20.22 9.30 -19.89
N ASP A 4 -19.21 10.11 -19.56
CA ASP A 4 -18.33 9.82 -18.43
C ASP A 4 -18.11 11.06 -17.58
N ASP A 5 -18.74 11.09 -16.41
CA ASP A 5 -18.60 12.23 -15.51
C ASP A 5 -17.21 12.28 -14.91
N ASN A 6 -16.66 13.48 -14.80
CA ASN A 6 -15.32 13.66 -14.23
C ASN A 6 -15.29 13.21 -12.78
N PHE A 7 -16.34 13.53 -12.04
CA PHE A 7 -16.43 13.16 -10.62
C PHE A 7 -17.48 12.08 -10.44
N LEU A 8 -17.02 10.83 -10.29
CA LEU A 8 -17.93 9.71 -10.08
C LEU A 8 -17.77 9.15 -8.67
N VAL A 9 -18.80 9.34 -7.85
CA VAL A 9 -18.78 8.85 -6.47
C VAL A 9 -17.40 9.06 -5.85
N PRO A 10 -16.95 10.29 -5.80
CA PRO A 10 -15.61 10.62 -5.23
C PRO A 10 -15.56 10.38 -3.71
N ILE A 11 -16.72 10.32 -3.09
CA ILE A 11 -16.80 10.10 -1.65
C ILE A 11 -16.24 8.72 -1.27
N ALA A 12 -16.63 7.70 -2.03
CA ALA A 12 -16.17 6.33 -1.76
C ALA A 12 -14.70 6.17 -2.14
N VAL A 13 -14.20 7.07 -3.02
CA VAL A 13 -12.81 7.00 -3.45
C VAL A 13 -11.88 7.29 -2.28
N GLY A 14 -12.21 8.31 -1.49
CA GLY A 14 -11.39 8.67 -0.34
C GLY A 14 -11.38 7.56 0.70
N ALA A 15 -12.54 6.96 0.92
CA ALA A 15 -12.64 5.88 1.90
C ALA A 15 -11.85 4.65 1.45
N ALA A 16 -11.90 4.38 0.15
CA ALA A 16 -11.18 3.23 -0.40
C ALA A 16 -9.67 3.37 -0.16
N LEU A 17 -9.16 4.56 -0.41
CA LEU A 17 -7.73 4.82 -0.21
C LEU A 17 -7.38 4.72 1.27
N ALA A 18 -8.25 5.24 2.11
CA ALA A 18 -8.02 5.21 3.56
C ALA A 18 -7.99 3.76 4.05
N GLY A 19 -8.85 2.93 3.47
CA GLY A 19 -8.91 1.51 3.86
C GLY A 19 -7.60 0.80 3.56
N VAL A 20 -7.01 1.12 2.41
CA VAL A 20 -5.75 0.50 2.01
C VAL A 20 -4.64 0.88 2.99
N LEU A 21 -4.63 2.14 3.38
CA LEU A 21 -3.62 2.65 4.31
C LEU A 21 -3.70 1.88 5.64
N ILE A 22 -4.91 1.56 6.07
CA ILE A 22 -5.09 0.82 7.31
C ILE A 22 -4.49 -0.57 7.18
N LEU A 23 -4.73 -1.21 6.04
CA LEU A 23 -4.22 -2.55 5.79
C LEU A 23 -2.69 -2.55 5.82
N VAL A 24 -2.09 -1.54 5.22
CA VAL A 24 -0.64 -1.43 5.18
C VAL A 24 -0.07 -1.20 6.57
N LEU A 25 -0.74 -0.35 7.34
CA LEU A 25 -0.27 -0.03 8.70
C LEU A 25 -0.27 -1.29 9.56
N LEU A 26 -1.31 -2.10 9.42
CA LEU A 26 -1.39 -3.33 10.19
C LEU A 26 -0.21 -4.23 9.86
N ALA A 27 0.08 -4.34 8.57
CA ALA A 27 1.20 -5.15 8.12
C ALA A 27 2.51 -4.56 8.61
N TYR A 28 2.58 -3.24 8.62
CA TYR A 28 3.78 -2.54 9.07
C TYR A 28 4.07 -2.86 10.53
N PHE A 29 3.03 -2.83 11.36
CA PHE A 29 3.18 -3.11 12.78
C PHE A 29 3.66 -4.54 13.00
N ILE A 30 3.04 -5.48 12.28
CA ILE A 30 3.43 -6.88 12.39
C ILE A 30 4.86 -7.08 11.90
N GLY A 31 5.20 -6.42 10.79
CA GLY A 31 6.54 -6.53 10.22
C GLY A 31 7.57 -5.92 11.16
N LEU A 32 7.25 -4.77 11.72
CA LEU A 32 8.16 -4.09 12.64
C LEU A 32 8.39 -4.94 13.88
N LYS A 33 7.33 -5.54 14.40
CA LYS A 33 7.42 -6.37 15.60
C LYS A 33 8.25 -7.62 15.31
N HIS A 34 9.19 -7.92 16.20
CA HIS A 34 10.04 -9.09 16.03
C HIS A 34 10.81 -9.35 17.33
N HIS A 35 10.83 -10.62 17.74
CA HIS A 35 11.54 -11.01 18.95
C HIS A 35 12.81 -11.79 18.61
N HIS A 36 13.94 -11.30 19.08
CA HIS A 36 15.22 -11.96 18.81
C HIS A 36 15.43 -13.11 19.78
N ALA A 37 15.73 -14.29 19.24
CA ALA A 37 15.96 -15.47 20.06
C ALA A 37 17.34 -15.42 20.71
N GLY A 38 18.32 -14.92 19.96
CA GLY A 38 19.68 -14.83 20.46
C GLY A 38 19.76 -13.89 21.66
N TYR A 39 18.99 -12.79 21.60
CA TYR A 39 18.97 -11.82 22.69
C TYR A 39 18.05 -12.30 23.81
N GLU A 40 18.54 -12.21 25.06
CA GLU A 40 17.74 -12.64 26.20
C GLU A 40 16.82 -11.51 26.65
N GLN A 41 15.51 -11.74 26.55
CA GLN A 41 14.54 -10.74 26.96
C GLN A 41 14.49 -10.64 28.49
N PHE A 42 14.50 -9.42 29.00
CA PHE A 42 14.47 -9.22 30.44
C PHE A 42 15.52 -10.07 31.13
N SER B 1 8.86 25.49 -18.80
CA SER B 1 8.88 24.73 -17.52
C SER B 1 7.48 24.16 -17.26
N ALA B 2 7.45 22.95 -16.71
CA ALA B 2 6.18 22.29 -16.41
C ALA B 2 5.42 23.06 -15.33
N ASP B 3 6.17 23.58 -14.36
CA ASP B 3 5.56 24.35 -13.26
C ASP B 3 4.35 23.61 -12.70
N ASP B 4 3.19 23.85 -13.30
CA ASP B 4 1.95 23.21 -12.86
C ASP B 4 1.75 21.90 -13.61
N ASP B 5 1.82 20.78 -12.89
CA ASP B 5 1.63 19.47 -13.50
C ASP B 5 0.16 19.06 -13.44
N ASN B 6 -0.50 19.10 -14.60
CA ASN B 6 -1.91 18.73 -14.69
C ASN B 6 -2.05 17.24 -14.95
N PHE B 7 -3.25 16.70 -14.71
CA PHE B 7 -3.51 15.28 -14.91
C PHE B 7 -4.48 15.10 -16.08
N LEU B 8 -3.93 14.75 -17.24
CA LEU B 8 -4.74 14.52 -18.44
C LEU B 8 -4.86 13.03 -18.72
N VAL B 9 -4.22 12.22 -17.89
CA VAL B 9 -4.27 10.76 -18.06
C VAL B 9 -4.65 10.09 -16.74
N PRO B 10 -5.76 10.48 -16.18
CA PRO B 10 -6.27 9.89 -14.91
C PRO B 10 -6.65 8.42 -15.05
N ILE B 11 -6.85 7.98 -16.28
CA ILE B 11 -7.23 6.60 -16.54
C ILE B 11 -6.11 5.63 -16.11
N ALA B 12 -4.87 5.96 -16.47
CA ALA B 12 -3.74 5.11 -16.11
C ALA B 12 -3.44 5.21 -14.62
N VAL B 13 -3.91 6.27 -13.97
CA VAL B 13 -3.68 6.45 -12.54
C VAL B 13 -4.43 5.39 -11.74
N GLY B 14 -5.67 5.13 -12.13
CA GLY B 14 -6.48 4.14 -11.43
C GLY B 14 -5.86 2.75 -11.56
N ALA B 15 -5.34 2.44 -12.74
CA ALA B 15 -4.73 1.14 -12.98
C ALA B 15 -3.54 0.93 -12.03
N ALA B 16 -2.75 1.98 -11.85
CA ALA B 16 -1.59 1.90 -10.97
C ALA B 16 -2.03 1.64 -9.53
N LEU B 17 -3.17 2.22 -9.15
CA LEU B 17 -3.68 2.06 -7.79
C LEU B 17 -3.97 0.58 -7.51
N ALA B 18 -4.59 -0.08 -8.48
CA ALA B 18 -4.91 -1.49 -8.32
C ALA B 18 -3.63 -2.32 -8.20
N GLY B 19 -2.59 -1.93 -8.94
CA GLY B 19 -1.32 -2.64 -8.89
C GLY B 19 -0.72 -2.61 -7.49
N VAL B 20 -0.84 -1.46 -6.82
CA VAL B 20 -0.32 -1.31 -5.47
C VAL B 20 -1.05 -2.24 -4.51
N LEU B 21 -2.37 -2.31 -4.68
CA LEU B 21 -3.22 -3.15 -3.82
C LEU B 21 -2.78 -4.61 -3.94
N ILE B 22 -2.42 -5.04 -5.15
CA ILE B 22 -1.98 -6.41 -5.36
C ILE B 22 -0.69 -6.67 -4.59
N LEU B 23 0.22 -5.70 -4.63
CA LEU B 23 1.49 -5.84 -3.93
C LEU B 23 1.27 -6.01 -2.43
N VAL B 24 0.33 -5.24 -1.89
CA VAL B 24 0.03 -5.31 -0.47
C VAL B 24 -0.51 -6.69 -0.09
N LEU B 25 -1.37 -7.24 -0.95
CA LEU B 25 -1.94 -8.55 -0.69
C LEU B 25 -0.86 -9.61 -0.61
N LEU B 26 0.12 -9.53 -1.50
CA LEU B 26 1.19 -10.50 -1.50
C LEU B 26 1.95 -10.42 -0.17
N ALA B 27 2.19 -9.19 0.27
CA ALA B 27 2.90 -8.98 1.54
C ALA B 27 2.16 -9.70 2.66
N TYR B 28 0.86 -9.48 2.73
CA TYR B 28 0.03 -10.12 3.74
C TYR B 28 0.01 -11.63 3.55
N PHE B 29 0.04 -12.07 2.29
CA PHE B 29 0.01 -13.49 1.97
C PHE B 29 1.18 -14.21 2.65
N ILE B 30 2.37 -13.61 2.54
CA ILE B 30 3.56 -14.20 3.15
C ILE B 30 3.41 -14.22 4.67
N GLY B 31 2.89 -13.14 5.24
CA GLY B 31 2.70 -13.05 6.67
C GLY B 31 1.71 -14.10 7.16
N LEU B 32 0.69 -14.35 6.36
CA LEU B 32 -0.31 -15.35 6.72
C LEU B 32 0.32 -16.73 6.83
N LYS B 33 1.21 -17.05 5.89
CA LYS B 33 1.87 -18.35 5.89
C LYS B 33 0.86 -19.48 5.81
N HIS B 34 0.37 -19.75 4.59
CA HIS B 34 -0.61 -20.80 4.38
C HIS B 34 -1.83 -20.59 5.28
N HIS B 35 -2.91 -21.28 4.96
CA HIS B 35 -4.13 -21.16 5.74
C HIS B 35 -4.01 -21.90 7.06
N HIS B 36 -4.53 -21.30 8.13
CA HIS B 36 -4.46 -21.92 9.45
C HIS B 36 -5.36 -23.15 9.52
N ALA B 37 -4.90 -24.18 10.22
CA ALA B 37 -5.67 -25.40 10.35
C ALA B 37 -6.80 -25.22 11.37
N GLY B 38 -6.74 -24.13 12.13
CA GLY B 38 -7.75 -23.85 13.14
C GLY B 38 -9.11 -23.64 12.49
N TYR B 39 -9.12 -22.99 11.33
CA TYR B 39 -10.37 -22.74 10.61
C TYR B 39 -10.82 -23.99 9.88
N GLU B 40 -12.11 -24.32 10.02
CA GLU B 40 -12.67 -25.51 9.36
C GLU B 40 -14.01 -25.18 8.72
N GLN B 41 -14.32 -25.84 7.59
CA GLN B 41 -15.58 -25.60 6.91
C GLN B 41 -16.73 -26.10 7.77
N PHE B 42 -17.73 -25.24 7.98
CA PHE B 42 -18.88 -25.61 8.81
C PHE B 42 -19.38 -27.01 8.42
N SER C 1 -13.97 30.06 -2.70
CA SER C 1 -14.20 31.26 -3.54
C SER C 1 -13.14 31.32 -4.65
N ALA C 2 -12.28 30.31 -4.67
CA ALA C 2 -11.22 30.24 -5.68
C ALA C 2 -10.74 28.82 -5.85
N ASP C 3 -10.25 28.51 -7.06
CA ASP C 3 -9.75 27.17 -7.36
C ASP C 3 -8.27 27.07 -7.00
N ASP C 4 -7.70 28.17 -6.55
CA ASP C 4 -6.28 28.21 -6.17
C ASP C 4 -6.03 27.31 -4.97
N ASP C 5 -6.99 27.26 -4.06
CA ASP C 5 -6.87 26.44 -2.86
C ASP C 5 -6.77 24.96 -3.24
N ASN C 6 -7.56 24.56 -4.23
CA ASN C 6 -7.55 23.17 -4.67
C ASN C 6 -7.91 22.23 -3.54
N PHE C 7 -9.03 22.53 -2.86
CA PHE C 7 -9.47 21.71 -1.74
C PHE C 7 -9.75 20.28 -2.21
N LEU C 8 -10.41 20.16 -3.35
CA LEU C 8 -10.74 18.85 -3.90
C LEU C 8 -9.66 18.38 -4.88
N VAL C 9 -9.23 17.15 -4.74
CA VAL C 9 -8.19 16.59 -5.60
C VAL C 9 -6.87 17.32 -5.39
N PRO C 10 -6.44 17.42 -4.15
CA PRO C 10 -5.15 18.11 -3.80
C PRO C 10 -3.94 17.37 -4.36
N ILE C 11 -2.87 18.11 -4.63
CA ILE C 11 -1.66 17.53 -5.18
C ILE C 11 -1.04 16.53 -4.20
N ALA C 12 -1.00 16.91 -2.92
CA ALA C 12 -0.43 16.04 -1.89
C ALA C 12 -0.85 14.58 -2.11
N VAL C 13 -1.93 14.38 -2.87
CA VAL C 13 -2.43 13.03 -3.14
C VAL C 13 -1.37 12.21 -3.87
N GLY C 14 -0.72 12.83 -4.85
CA GLY C 14 0.32 12.13 -5.60
C GLY C 14 1.48 11.72 -4.69
N ALA C 15 1.91 12.66 -3.85
CA ALA C 15 3.00 12.40 -2.92
C ALA C 15 2.59 11.35 -1.89
N ALA C 16 1.33 11.39 -1.46
CA ALA C 16 0.83 10.44 -0.47
C ALA C 16 0.93 9.02 -1.01
N LEU C 17 0.53 8.84 -2.26
CA LEU C 17 0.58 7.52 -2.88
C LEU C 17 2.03 7.05 -3.03
N ALA C 18 2.90 7.98 -3.42
CA ALA C 18 4.32 7.64 -3.59
C ALA C 18 4.93 7.20 -2.26
N GLY C 19 4.54 7.88 -1.19
CA GLY C 19 5.04 7.54 0.14
C GLY C 19 4.62 6.13 0.55
N VAL C 20 3.38 5.79 0.25
CA VAL C 20 2.85 4.47 0.59
C VAL C 20 3.57 3.39 -0.20
N LEU C 21 3.80 3.64 -1.49
CA LEU C 21 4.46 2.68 -2.36
C LEU C 21 5.86 2.36 -1.81
N ILE C 22 6.57 3.39 -1.36
CA ILE C 22 7.90 3.19 -0.80
C ILE C 22 7.82 2.36 0.48
N LEU C 23 6.84 2.67 1.31
CA LEU C 23 6.67 1.96 2.57
C LEU C 23 6.44 0.47 2.33
N VAL C 24 5.65 0.17 1.31
CA VAL C 24 5.34 -1.22 0.96
C VAL C 24 6.61 -1.96 0.53
N LEU C 25 7.43 -1.28 -0.26
CA LEU C 25 8.67 -1.88 -0.75
C LEU C 25 9.58 -2.26 0.41
N LEU C 26 9.66 -1.38 1.39
CA LEU C 26 10.50 -1.66 2.55
C LEU C 26 10.00 -2.90 3.26
N ALA C 27 8.68 -3.02 3.37
CA ALA C 27 8.08 -4.18 4.03
C ALA C 27 8.54 -5.45 3.34
N TYR C 28 8.46 -5.46 2.02
CA TYR C 28 8.89 -6.61 1.23
C TYR C 28 10.39 -6.84 1.39
N PHE C 29 11.13 -5.74 1.49
CA PHE C 29 12.58 -5.82 1.63
C PHE C 29 12.95 -6.66 2.86
N ILE C 30 12.27 -6.39 3.97
CA ILE C 30 12.53 -7.12 5.21
C ILE C 30 12.18 -8.60 5.03
N GLY C 31 11.05 -8.86 4.36
CA GLY C 31 10.62 -10.23 4.12
C GLY C 31 11.61 -10.97 3.23
N LEU C 32 12.23 -10.25 2.30
CA LEU C 32 13.21 -10.85 1.41
C LEU C 32 14.39 -11.40 2.19
N LYS C 33 14.84 -10.63 3.19
CA LYS C 33 15.97 -11.06 4.01
C LYS C 33 17.18 -11.41 3.13
N HIS C 34 18.07 -10.44 2.97
CA HIS C 34 19.26 -10.65 2.15
C HIS C 34 20.29 -11.45 2.93
N HIS C 35 20.84 -12.48 2.28
CA HIS C 35 21.84 -13.34 2.92
C HIS C 35 23.20 -12.64 2.94
N HIS C 36 23.88 -12.72 4.07
CA HIS C 36 25.19 -12.09 4.20
C HIS C 36 26.27 -12.96 3.55
N ALA C 37 27.21 -12.30 2.88
CA ALA C 37 28.29 -13.02 2.20
C ALA C 37 29.33 -13.48 3.21
N GLY C 38 29.24 -12.97 4.42
CA GLY C 38 30.19 -13.33 5.48
C GLY C 38 30.08 -14.81 5.83
N TYR C 39 28.84 -15.32 5.83
CA TYR C 39 28.59 -16.73 6.14
C TYR C 39 28.17 -17.48 4.89
N GLU C 40 28.71 -18.68 4.70
CA GLU C 40 28.38 -19.50 3.54
C GLU C 40 27.17 -20.36 3.82
N GLN C 41 26.09 -20.15 3.08
CA GLN C 41 24.87 -20.94 3.28
C GLN C 41 25.09 -22.36 2.79
N PHE C 42 24.73 -23.33 3.64
CA PHE C 42 24.90 -24.73 3.28
C PHE C 42 24.21 -25.03 1.96
N SER A 1 -21.29 14.34 -18.90
CA SER A 1 -21.61 14.35 -20.37
C SER A 1 -21.59 12.92 -20.89
N ALA A 2 -22.61 12.57 -21.67
CA ALA A 2 -22.70 11.23 -22.24
C ALA A 2 -22.41 10.18 -21.17
N ASP A 3 -22.96 10.40 -19.98
CA ASP A 3 -22.76 9.46 -18.87
C ASP A 3 -23.83 8.38 -18.89
N ASP A 4 -23.41 7.16 -19.18
CA ASP A 4 -24.35 6.03 -19.24
C ASP A 4 -24.98 5.79 -17.87
N ASP A 5 -24.19 6.00 -16.81
CA ASP A 5 -24.68 5.81 -15.44
C ASP A 5 -25.21 7.12 -14.88
N ASN A 6 -26.53 7.18 -14.69
CA ASN A 6 -27.16 8.39 -14.17
C ASN A 6 -26.67 8.68 -12.76
N PHE A 7 -26.53 7.62 -11.95
CA PHE A 7 -26.05 7.77 -10.57
C PHE A 7 -24.70 7.08 -10.41
N LEU A 8 -23.63 7.87 -10.39
CA LEU A 8 -22.28 7.34 -10.23
C LEU A 8 -21.67 7.85 -8.93
N VAL A 9 -21.06 6.94 -8.17
CA VAL A 9 -20.43 7.29 -6.89
C VAL A 9 -18.93 7.02 -6.94
N PRO A 10 -18.16 7.92 -7.50
CA PRO A 10 -16.68 7.76 -7.60
C PRO A 10 -15.96 8.05 -6.29
N ILE A 11 -16.69 8.62 -5.33
CA ILE A 11 -16.11 8.94 -4.04
C ILE A 11 -15.65 7.69 -3.30
N ALA A 12 -16.48 6.65 -3.32
CA ALA A 12 -16.14 5.40 -2.65
C ALA A 12 -14.68 5.03 -2.92
N VAL A 13 -14.09 5.59 -3.98
CA VAL A 13 -12.71 5.30 -4.32
C VAL A 13 -11.77 5.80 -3.22
N GLY A 14 -12.02 7.01 -2.73
CA GLY A 14 -11.19 7.58 -1.68
C GLY A 14 -11.28 6.77 -0.40
N ALA A 15 -12.46 6.24 -0.11
CA ALA A 15 -12.65 5.44 1.09
C ALA A 15 -11.80 4.18 1.03
N ALA A 16 -11.72 3.56 -0.15
CA ALA A 16 -10.92 2.36 -0.32
C ALA A 16 -9.44 2.67 -0.13
N LEU A 17 -9.03 3.84 -0.60
CA LEU A 17 -7.62 4.24 -0.48
C LEU A 17 -7.22 4.30 0.99
N ALA A 18 -8.08 4.88 1.82
CA ALA A 18 -7.80 4.99 3.25
C ALA A 18 -7.69 3.60 3.87
N GLY A 19 -8.54 2.68 3.41
CA GLY A 19 -8.54 1.31 3.93
C GLY A 19 -7.20 0.63 3.66
N VAL A 20 -6.65 0.88 2.49
CA VAL A 20 -5.38 0.29 2.11
C VAL A 20 -4.26 0.82 2.99
N LEU A 21 -4.31 2.12 3.25
CA LEU A 21 -3.29 2.79 4.07
C LEU A 21 -3.26 2.18 5.48
N ILE A 22 -4.43 1.88 6.03
CA ILE A 22 -4.50 1.27 7.36
C ILE A 22 -3.94 -0.15 7.33
N LEU A 23 -4.29 -0.89 6.27
CA LEU A 23 -3.84 -2.26 6.12
C LEU A 23 -2.31 -2.32 6.08
N VAL A 24 -1.71 -1.38 5.38
CA VAL A 24 -0.24 -1.34 5.27
C VAL A 24 0.40 -1.09 6.64
N LEU A 25 -0.19 -0.17 7.39
CA LEU A 25 0.34 0.17 8.72
C LEU A 25 0.33 -1.06 9.63
N LEU A 26 -0.74 -1.83 9.57
CA LEU A 26 -0.84 -3.03 10.40
C LEU A 26 0.28 -3.99 10.03
N ALA A 27 0.52 -4.13 8.73
CA ALA A 27 1.58 -5.01 8.26
C ALA A 27 2.90 -4.62 8.90
N TYR A 28 3.20 -3.32 8.85
CA TYR A 28 4.42 -2.81 9.45
C TYR A 28 4.41 -3.00 10.97
N PHE A 29 3.22 -2.84 11.56
CA PHE A 29 3.09 -2.98 13.00
C PHE A 29 3.57 -4.37 13.44
N ILE A 30 3.15 -5.40 12.73
CA ILE A 30 3.56 -6.76 13.05
C ILE A 30 5.08 -6.90 12.90
N GLY A 31 5.63 -6.33 11.82
CA GLY A 31 7.06 -6.40 11.56
C GLY A 31 7.84 -5.68 12.66
N LEU A 32 7.30 -4.57 13.14
CA LEU A 32 7.97 -3.80 14.19
C LEU A 32 8.10 -4.64 15.47
N LYS A 33 7.03 -5.35 15.80
CA LYS A 33 7.03 -6.19 16.99
C LYS A 33 8.04 -7.33 16.86
N HIS A 34 8.79 -7.57 17.93
CA HIS A 34 9.79 -8.64 17.91
C HIS A 34 10.62 -8.58 16.64
N HIS A 35 11.69 -7.80 16.68
CA HIS A 35 12.57 -7.66 15.53
C HIS A 35 13.34 -8.95 15.28
N HIS A 36 13.52 -9.30 14.01
CA HIS A 36 14.24 -10.51 13.65
C HIS A 36 15.74 -10.32 13.83
N ALA A 37 16.40 -11.32 14.40
CA ALA A 37 17.84 -11.24 14.62
C ALA A 37 18.60 -11.50 13.32
N GLY A 38 17.89 -11.99 12.31
CA GLY A 38 18.51 -12.26 11.02
C GLY A 38 19.02 -10.98 10.38
N TYR A 39 18.28 -9.90 10.56
CA TYR A 39 18.67 -8.61 10.00
C TYR A 39 19.76 -7.97 10.85
N GLU A 40 20.82 -7.49 10.20
CA GLU A 40 21.93 -6.85 10.89
C GLU A 40 21.86 -5.34 10.73
N GLN A 41 21.87 -4.62 11.85
CA GLN A 41 21.81 -3.17 11.82
C GLN A 41 23.06 -2.61 11.15
N PHE A 42 22.88 -1.64 10.26
CA PHE A 42 24.01 -1.04 9.57
C PHE A 42 24.83 -2.11 8.86
N SER B 1 7.18 9.34 -26.16
CA SER B 1 8.15 8.95 -25.10
C SER B 1 7.64 7.70 -24.38
N ALA B 2 8.53 7.05 -23.64
CA ALA B 2 8.16 5.84 -22.91
C ALA B 2 7.13 6.17 -21.83
N ASP B 3 7.31 7.32 -21.19
CA ASP B 3 6.39 7.74 -20.12
C ASP B 3 5.29 8.64 -20.70
N ASP B 4 4.06 8.13 -20.72
CA ASP B 4 2.95 8.90 -21.25
C ASP B 4 2.59 10.04 -20.31
N ASP B 5 2.23 11.19 -20.90
CA ASP B 5 1.87 12.35 -20.09
C ASP B 5 0.59 12.10 -19.32
N ASN B 6 0.56 12.52 -18.06
CA ASN B 6 -0.60 12.34 -17.21
C ASN B 6 -1.80 13.12 -17.77
N PHE B 7 -1.54 14.33 -18.26
CA PHE B 7 -2.60 15.16 -18.80
C PHE B 7 -3.31 14.46 -19.97
N LEU B 8 -2.51 13.91 -20.87
CA LEU B 8 -3.06 13.21 -22.03
C LEU B 8 -3.84 11.97 -21.59
N VAL B 9 -3.30 11.26 -20.60
CA VAL B 9 -3.95 10.05 -20.09
C VAL B 9 -3.74 9.93 -18.57
N PRO B 10 -4.45 10.72 -17.80
CA PRO B 10 -4.31 10.70 -16.31
C PRO B 10 -5.00 9.48 -15.69
N ILE B 11 -5.77 8.77 -16.49
CA ILE B 11 -6.48 7.58 -16.00
C ILE B 11 -5.50 6.50 -15.56
N ALA B 12 -4.45 6.28 -16.35
CA ALA B 12 -3.45 5.26 -16.02
C ALA B 12 -3.11 5.31 -14.52
N VAL B 13 -3.41 6.45 -13.88
CA VAL B 13 -3.12 6.60 -12.46
C VAL B 13 -3.95 5.62 -11.64
N GLY B 14 -5.23 5.49 -11.98
CA GLY B 14 -6.11 4.57 -11.26
C GLY B 14 -5.66 3.13 -11.42
N ALA B 15 -5.18 2.79 -12.62
CA ALA B 15 -4.71 1.43 -12.89
C ALA B 15 -3.52 1.10 -12.00
N ALA B 16 -2.63 2.06 -11.84
CA ALA B 16 -1.45 1.86 -11.00
C ALA B 16 -1.85 1.64 -9.54
N LEU B 17 -2.90 2.34 -9.11
CA LEU B 17 -3.36 2.21 -7.74
C LEU B 17 -3.81 0.78 -7.46
N ALA B 18 -4.55 0.20 -8.40
CA ALA B 18 -5.03 -1.17 -8.24
C ALA B 18 -3.85 -2.14 -8.16
N GLY B 19 -2.80 -1.86 -8.93
CA GLY B 19 -1.62 -2.70 -8.94
C GLY B 19 -0.95 -2.71 -7.57
N VAL B 20 -0.95 -1.56 -6.90
CA VAL B 20 -0.34 -1.44 -5.57
C VAL B 20 -1.10 -2.30 -4.58
N LEU B 21 -2.43 -2.26 -4.69
CA LEU B 21 -3.30 -3.03 -3.80
C LEU B 21 -3.00 -4.54 -3.93
N ILE B 22 -2.74 -4.98 -5.15
CA ILE B 22 -2.44 -6.39 -5.40
C ILE B 22 -1.15 -6.78 -4.69
N LEU B 23 -0.15 -5.91 -4.76
CA LEU B 23 1.13 -6.16 -4.11
C LEU B 23 0.96 -6.32 -2.61
N VAL B 24 0.11 -5.50 -2.02
CA VAL B 24 -0.14 -5.56 -0.58
C VAL B 24 -0.78 -6.88 -0.20
N LEU B 25 -1.71 -7.35 -1.02
CA LEU B 25 -2.40 -8.61 -0.75
C LEU B 25 -1.40 -9.77 -0.73
N LEU B 26 -0.44 -9.76 -1.65
CA LEU B 26 0.55 -10.82 -1.69
C LEU B 26 1.35 -10.81 -0.39
N ALA B 27 1.70 -9.62 0.08
CA ALA B 27 2.45 -9.50 1.32
C ALA B 27 1.66 -10.12 2.46
N TYR B 28 0.37 -9.79 2.52
CA TYR B 28 -0.50 -10.33 3.56
C TYR B 28 -0.62 -11.84 3.43
N PHE B 29 -0.65 -12.32 2.19
CA PHE B 29 -0.78 -13.75 1.94
C PHE B 29 0.37 -14.51 2.61
N ILE B 30 1.59 -14.00 2.45
CA ILE B 30 2.75 -14.63 3.05
C ILE B 30 2.65 -14.58 4.58
N GLY B 31 2.21 -13.44 5.10
CA GLY B 31 2.07 -13.28 6.55
C GLY B 31 1.07 -14.29 7.11
N LEU B 32 0.16 -14.77 6.27
CA LEU B 32 -0.84 -15.72 6.71
C LEU B 32 -0.17 -17.02 7.17
N LYS B 33 0.84 -17.46 6.42
CA LYS B 33 1.55 -18.68 6.75
C LYS B 33 2.40 -18.48 8.00
N HIS B 34 2.62 -19.56 8.74
CA HIS B 34 3.41 -19.49 9.96
C HIS B 34 2.98 -18.31 10.82
N HIS B 35 2.05 -18.55 11.74
CA HIS B 35 1.56 -17.49 12.61
C HIS B 35 2.56 -17.22 13.73
N HIS B 36 2.93 -15.95 13.90
CA HIS B 36 3.87 -15.57 14.93
C HIS B 36 3.20 -15.57 16.30
N ALA B 37 3.89 -16.09 17.30
CA ALA B 37 3.34 -16.13 18.66
C ALA B 37 3.48 -14.78 19.34
N GLY B 38 4.23 -13.88 18.73
CA GLY B 38 4.43 -12.55 19.28
C GLY B 38 3.11 -11.78 19.35
N TYR B 39 2.27 -11.99 18.33
CA TYR B 39 0.98 -11.32 18.27
C TYR B 39 -0.06 -12.10 19.07
N GLU B 40 -0.81 -11.39 19.92
CA GLU B 40 -1.84 -12.04 20.72
C GLU B 40 -3.11 -12.23 19.91
N GLN B 41 -3.52 -13.48 19.75
CA GLN B 41 -4.74 -13.77 18.98
C GLN B 41 -5.96 -13.22 19.71
N PHE B 42 -6.82 -12.54 18.98
CA PHE B 42 -8.03 -11.96 19.57
C PHE B 42 -8.98 -13.06 20.03
N SER C 1 -17.21 26.10 -21.09
CA SER C 1 -16.63 24.99 -20.30
C SER C 1 -16.51 23.74 -21.17
N ALA C 2 -15.53 22.89 -20.87
CA ALA C 2 -15.33 21.66 -21.64
C ALA C 2 -16.47 20.68 -21.39
N ASP C 3 -16.90 20.01 -22.44
CA ASP C 3 -17.99 19.04 -22.33
C ASP C 3 -17.56 17.87 -21.44
N ASP C 4 -16.29 17.51 -21.52
CA ASP C 4 -15.76 16.40 -20.72
C ASP C 4 -15.88 16.71 -19.23
N ASP C 5 -15.70 17.99 -18.88
CA ASP C 5 -15.80 18.39 -17.48
C ASP C 5 -14.81 17.61 -16.63
N ASN C 6 -13.65 17.29 -17.21
CA ASN C 6 -12.62 16.55 -16.50
C ASN C 6 -11.72 17.50 -15.72
N PHE C 7 -11.90 17.53 -14.40
CA PHE C 7 -11.10 18.40 -13.53
C PHE C 7 -10.22 17.56 -12.62
N LEU C 8 -8.93 17.49 -12.95
CA LEU C 8 -7.97 16.72 -12.14
C LEU C 8 -6.74 17.56 -11.83
N VAL C 9 -6.24 17.44 -10.60
CA VAL C 9 -5.07 18.20 -10.19
C VAL C 9 -4.59 17.72 -8.81
N PRO C 10 -4.19 16.47 -8.72
CA PRO C 10 -3.70 15.88 -7.44
C PRO C 10 -2.29 16.37 -7.08
N ILE C 11 -2.23 17.48 -6.36
CA ILE C 11 -0.94 18.04 -5.96
C ILE C 11 -0.33 17.26 -4.81
N ALA C 12 -0.93 17.37 -3.62
CA ALA C 12 -0.44 16.66 -2.45
C ALA C 12 -0.92 15.20 -2.47
N VAL C 13 -1.96 14.92 -3.24
CA VAL C 13 -2.49 13.57 -3.33
C VAL C 13 -1.47 12.63 -3.97
N GLY C 14 -0.84 13.10 -5.04
CA GLY C 14 0.16 12.31 -5.74
C GLY C 14 1.33 11.97 -4.82
N ALA C 15 1.76 12.95 -4.04
CA ALA C 15 2.87 12.75 -3.12
C ALA C 15 2.51 11.74 -2.04
N ALA C 16 1.26 11.80 -1.59
CA ALA C 16 0.79 10.88 -0.55
C ALA C 16 0.83 9.44 -1.04
N LEU C 17 0.38 9.23 -2.28
CA LEU C 17 0.38 7.89 -2.87
C LEU C 17 1.81 7.40 -3.08
N ALA C 18 2.68 8.31 -3.53
CA ALA C 18 4.07 7.95 -3.76
C ALA C 18 4.74 7.52 -2.47
N GLY C 19 4.41 8.20 -1.37
CA GLY C 19 4.99 7.87 -0.07
C GLY C 19 4.58 6.47 0.36
N VAL C 20 3.32 6.12 0.11
CA VAL C 20 2.81 4.81 0.48
C VAL C 20 3.55 3.71 -0.28
N LEU C 21 3.78 3.94 -1.56
CA LEU C 21 4.47 2.96 -2.39
C LEU C 21 5.87 2.71 -1.84
N ILE C 22 6.52 3.76 -1.36
CA ILE C 22 7.87 3.63 -0.79
C ILE C 22 7.81 2.75 0.46
N LEU C 23 6.80 2.97 1.29
CA LEU C 23 6.64 2.19 2.52
C LEU C 23 6.47 0.71 2.20
N VAL C 24 5.70 0.43 1.16
CA VAL C 24 5.46 -0.96 0.75
C VAL C 24 6.75 -1.63 0.31
N LEU C 25 7.58 -0.90 -0.42
CA LEU C 25 8.86 -1.44 -0.91
C LEU C 25 9.75 -1.84 0.27
N LEU C 26 9.76 -1.01 1.30
CA LEU C 26 10.58 -1.31 2.47
C LEU C 26 10.11 -2.62 3.10
N ALA C 27 8.79 -2.78 3.18
CA ALA C 27 8.21 -3.98 3.75
C ALA C 27 8.69 -5.20 2.98
N TYR C 28 8.61 -5.12 1.66
CA TYR C 28 9.05 -6.21 0.80
C TYR C 28 10.55 -6.44 0.97
N PHE C 29 11.29 -5.36 1.18
CA PHE C 29 12.74 -5.46 1.35
C PHE C 29 13.07 -6.36 2.55
N ILE C 30 12.37 -6.14 3.65
CA ILE C 30 12.59 -6.95 4.85
C ILE C 30 12.26 -8.41 4.57
N GLY C 31 11.15 -8.65 3.87
CA GLY C 31 10.74 -10.00 3.55
C GLY C 31 11.75 -10.68 2.62
N LEU C 32 12.31 -9.90 1.70
CA LEU C 32 13.29 -10.45 0.76
C LEU C 32 14.53 -10.94 1.52
N LYS C 33 14.97 -10.15 2.50
CA LYS C 33 16.14 -10.51 3.28
C LYS C 33 17.32 -10.79 2.36
N HIS C 34 18.25 -9.83 2.29
CA HIS C 34 19.44 -10.00 1.46
C HIS C 34 20.42 -10.95 2.12
N HIS C 35 20.87 -11.95 1.34
CA HIS C 35 21.83 -12.93 1.86
C HIS C 35 23.04 -13.04 0.92
N HIS C 36 24.21 -13.22 1.51
CA HIS C 36 25.43 -13.34 0.72
C HIS C 36 25.52 -14.70 0.06
N ALA C 37 25.97 -14.73 -1.19
CA ALA C 37 26.10 -15.98 -1.93
C ALA C 37 27.33 -16.76 -1.48
N GLY C 38 28.19 -16.09 -0.72
CA GLY C 38 29.42 -16.72 -0.22
C GLY C 38 29.08 -17.90 0.69
N TYR C 39 28.02 -17.73 1.49
CA TYR C 39 27.61 -18.79 2.41
C TYR C 39 26.85 -19.87 1.66
N GLU C 40 27.21 -21.13 1.91
CA GLU C 40 26.55 -22.26 1.25
C GLU C 40 25.33 -22.68 2.05
N GLN C 41 24.16 -22.57 1.43
CA GLN C 41 22.91 -22.94 2.09
C GLN C 41 23.02 -24.37 2.63
N PHE C 42 22.45 -24.61 3.80
CA PHE C 42 22.49 -25.93 4.41
C PHE C 42 21.43 -26.07 5.49
N SER A 1 -20.97 3.53 -23.44
CA SER A 1 -19.59 3.19 -23.89
C SER A 1 -18.73 4.45 -23.88
N ALA A 2 -18.23 4.81 -22.70
CA ALA A 2 -17.39 6.00 -22.57
C ALA A 2 -16.46 5.87 -21.37
N ASP A 3 -15.30 6.52 -21.45
CA ASP A 3 -14.34 6.48 -20.35
C ASP A 3 -14.89 7.18 -19.12
N ASP A 4 -15.64 8.25 -19.34
CA ASP A 4 -16.23 9.02 -18.25
C ASP A 4 -17.62 8.49 -17.93
N ASP A 5 -17.77 7.88 -16.75
CA ASP A 5 -19.05 7.35 -16.33
C ASP A 5 -19.95 8.47 -15.81
N ASN A 6 -21.24 8.16 -15.66
CA ASN A 6 -22.21 9.14 -15.17
C ASN A 6 -22.38 9.01 -13.66
N PHE A 7 -21.57 8.17 -13.04
CA PHE A 7 -21.63 7.96 -11.59
C PHE A 7 -20.34 8.42 -10.93
N LEU A 8 -20.38 9.59 -10.31
CA LEU A 8 -19.21 10.16 -9.63
C LEU A 8 -19.24 9.82 -8.14
N VAL A 9 -18.12 9.32 -7.64
CA VAL A 9 -18.02 8.95 -6.23
C VAL A 9 -16.59 9.14 -5.72
N PRO A 10 -16.05 10.31 -5.93
CA PRO A 10 -14.65 10.64 -5.49
C PRO A 10 -14.51 10.58 -3.97
N ILE A 11 -15.62 10.72 -3.26
CA ILE A 11 -15.58 10.68 -1.81
C ILE A 11 -15.20 9.29 -1.28
N ALA A 12 -15.81 8.26 -1.87
CA ALA A 12 -15.53 6.88 -1.45
C ALA A 12 -14.11 6.45 -1.87
N VAL A 13 -13.56 7.16 -2.86
CA VAL A 13 -12.22 6.86 -3.34
C VAL A 13 -11.18 7.14 -2.25
N GLY A 14 -11.35 8.26 -1.55
CA GLY A 14 -10.42 8.63 -0.49
C GLY A 14 -10.42 7.59 0.61
N ALA A 15 -11.60 7.07 0.95
CA ALA A 15 -11.72 6.07 1.98
C ALA A 15 -11.00 4.78 1.58
N ALA A 16 -11.09 4.44 0.30
CA ALA A 16 -10.44 3.23 -0.21
C ALA A 16 -8.94 3.28 0.03
N LEU A 17 -8.34 4.43 -0.29
CA LEU A 17 -6.90 4.61 -0.11
C LEU A 17 -6.55 4.56 1.38
N ALA A 18 -7.37 5.21 2.19
CA ALA A 18 -7.14 5.24 3.63
C ALA A 18 -7.21 3.82 4.20
N GLY A 19 -8.14 3.03 3.70
CA GLY A 19 -8.30 1.66 4.16
C GLY A 19 -7.06 0.82 3.90
N VAL A 20 -6.47 1.00 2.72
CA VAL A 20 -5.26 0.27 2.34
C VAL A 20 -4.09 0.71 3.22
N LEU A 21 -3.99 2.02 3.44
CA LEU A 21 -2.91 2.59 4.23
C LEU A 21 -2.94 2.02 5.65
N ILE A 22 -4.13 1.89 6.22
CA ILE A 22 -4.28 1.33 7.55
C ILE A 22 -3.86 -0.13 7.57
N LEU A 23 -4.26 -0.86 6.54
CA LEU A 23 -3.94 -2.28 6.44
C LEU A 23 -2.43 -2.48 6.41
N VAL A 24 -1.73 -1.62 5.68
CA VAL A 24 -0.28 -1.70 5.58
C VAL A 24 0.38 -1.46 6.93
N LEU A 25 -0.15 -0.50 7.67
CA LEU A 25 0.41 -0.16 8.98
C LEU A 25 0.29 -1.36 9.92
N LEU A 26 -0.83 -2.03 9.88
CA LEU A 26 -1.03 -3.18 10.74
C LEU A 26 0.00 -4.25 10.39
N ALA A 27 0.21 -4.46 9.11
CA ALA A 27 1.17 -5.44 8.65
C ALA A 27 2.53 -5.17 9.27
N TYR A 28 2.96 -3.92 9.19
CA TYR A 28 4.24 -3.51 9.76
C TYR A 28 4.23 -3.68 11.28
N PHE A 29 3.07 -3.42 11.89
CA PHE A 29 2.92 -3.53 13.34
C PHE A 29 3.29 -4.93 13.80
N ILE A 30 2.78 -5.94 13.10
CA ILE A 30 3.06 -7.33 13.44
C ILE A 30 4.55 -7.61 13.25
N GLY A 31 5.11 -7.11 12.15
CA GLY A 31 6.51 -7.32 11.85
C GLY A 31 7.40 -6.66 12.89
N LEU A 32 6.94 -5.52 13.42
CA LEU A 32 7.71 -4.79 14.42
C LEU A 32 7.91 -5.66 15.66
N LYS A 33 6.86 -6.38 16.05
CA LYS A 33 6.93 -7.24 17.23
C LYS A 33 7.31 -6.43 18.46
N HIS A 34 6.69 -5.27 18.63
CA HIS A 34 6.97 -4.42 19.77
C HIS A 34 6.43 -5.05 21.05
N HIS A 35 7.31 -5.24 22.03
CA HIS A 35 6.91 -5.84 23.31
C HIS A 35 6.20 -4.81 24.18
N HIS A 36 5.18 -5.26 24.89
CA HIS A 36 4.42 -4.37 25.77
C HIS A 36 5.18 -4.11 27.07
N ALA A 37 5.10 -2.89 27.57
CA ALA A 37 5.79 -2.53 28.81
C ALA A 37 5.02 -3.06 30.02
N GLY A 38 3.79 -3.48 29.79
CA GLY A 38 2.96 -4.02 30.87
C GLY A 38 3.53 -5.32 31.40
N TYR A 39 4.02 -6.16 30.50
CA TYR A 39 4.61 -7.46 30.89
C TYR A 39 6.12 -7.43 30.67
N GLU A 40 6.87 -7.90 31.66
CA GLU A 40 8.34 -7.92 31.56
C GLU A 40 8.83 -9.36 31.36
N GLN A 41 9.58 -9.58 30.28
CA GLN A 41 10.09 -10.91 29.98
C GLN A 41 10.83 -11.46 31.20
N PHE A 42 10.75 -12.76 31.41
CA PHE A 42 11.41 -13.39 32.55
C PHE A 42 11.45 -14.90 32.38
N SER B 1 5.30 15.33 -9.03
CA SER B 1 5.67 16.78 -8.94
C SER B 1 5.28 17.47 -10.24
N ALA B 2 5.20 16.70 -11.31
CA ALA B 2 4.84 17.24 -12.62
C ALA B 2 3.41 17.78 -12.60
N ASP B 3 2.54 17.07 -11.90
CA ASP B 3 1.14 17.48 -11.80
C ASP B 3 0.53 17.65 -13.20
N ASP B 4 1.00 16.82 -14.14
CA ASP B 4 0.50 16.89 -15.51
C ASP B 4 -0.95 16.42 -15.58
N ASP B 5 -1.74 17.07 -16.43
CA ASP B 5 -3.14 16.71 -16.57
C ASP B 5 -3.27 15.29 -17.09
N ASN B 6 -2.42 14.93 -18.05
CA ASN B 6 -2.44 13.58 -18.61
C ASN B 6 -3.79 13.30 -19.27
N PHE B 7 -4.36 14.32 -19.93
CA PHE B 7 -5.65 14.17 -20.59
C PHE B 7 -5.55 13.17 -21.73
N LEU B 8 -4.34 12.99 -22.25
CA LEU B 8 -4.12 12.07 -23.36
C LEU B 8 -4.43 10.63 -22.91
N VAL B 9 -3.96 10.27 -21.72
CA VAL B 9 -4.16 8.92 -21.19
C VAL B 9 -4.27 8.97 -19.67
N PRO B 10 -5.34 9.53 -19.16
CA PRO B 10 -5.57 9.64 -17.70
C PRO B 10 -5.99 8.30 -17.08
N ILE B 11 -6.40 7.36 -17.93
CA ILE B 11 -6.84 6.05 -17.45
C ILE B 11 -5.70 5.30 -16.75
N ALA B 12 -4.51 5.34 -17.36
CA ALA B 12 -3.34 4.66 -16.80
C ALA B 12 -3.28 4.86 -15.28
N VAL B 13 -3.96 5.90 -14.80
CA VAL B 13 -3.97 6.19 -13.37
C VAL B 13 -4.67 5.07 -12.60
N GLY B 14 -5.81 4.60 -13.13
CA GLY B 14 -6.55 3.53 -12.48
C GLY B 14 -5.75 2.24 -12.49
N ALA B 15 -5.01 2.01 -13.56
CA ALA B 15 -4.20 0.80 -13.68
C ALA B 15 -3.15 0.75 -12.58
N ALA B 16 -2.52 1.88 -12.31
CA ALA B 16 -1.50 1.96 -11.28
C ALA B 16 -2.11 1.69 -9.91
N LEU B 17 -3.33 2.16 -9.71
CA LEU B 17 -4.01 1.97 -8.42
C LEU B 17 -4.18 0.48 -8.13
N ALA B 18 -4.60 -0.26 -9.15
CA ALA B 18 -4.80 -1.70 -8.99
C ALA B 18 -3.47 -2.40 -8.72
N GLY B 19 -2.40 -1.90 -9.35
CA GLY B 19 -1.08 -2.48 -9.17
C GLY B 19 -0.65 -2.42 -7.70
N VAL B 20 -0.94 -1.30 -7.06
CA VAL B 20 -0.58 -1.11 -5.66
C VAL B 20 -1.37 -2.05 -4.77
N LEU B 21 -2.67 -2.19 -5.03
CA LEU B 21 -3.47 -3.07 -4.21
C LEU B 21 -2.95 -4.49 -4.31
N ILE B 22 -2.58 -4.90 -5.51
CA ILE B 22 -2.03 -6.24 -5.71
C ILE B 22 -0.73 -6.41 -4.96
N LEU B 23 0.12 -5.40 -5.01
CA LEU B 23 1.40 -5.46 -4.34
C LEU B 23 1.22 -5.62 -2.83
N VAL B 24 0.25 -4.91 -2.28
CA VAL B 24 -0.03 -4.99 -0.86
C VAL B 24 -0.54 -6.36 -0.46
N LEU B 25 -1.43 -6.90 -1.29
CA LEU B 25 -2.00 -8.22 -1.02
C LEU B 25 -0.92 -9.29 -1.00
N LEU B 26 0.02 -9.18 -1.92
CA LEU B 26 1.10 -10.15 -1.97
C LEU B 26 1.90 -10.09 -0.67
N ALA B 27 2.16 -8.87 -0.21
CA ALA B 27 2.90 -8.67 1.02
C ALA B 27 2.10 -9.20 2.21
N TYR B 28 0.79 -9.01 2.15
CA TYR B 28 -0.10 -9.46 3.21
C TYR B 28 -0.01 -10.97 3.39
N PHE B 29 0.00 -11.69 2.28
CA PHE B 29 0.09 -13.14 2.32
C PHE B 29 1.41 -13.58 2.96
N ILE B 30 2.49 -12.93 2.56
CA ILE B 30 3.81 -13.24 3.11
C ILE B 30 3.84 -12.97 4.61
N GLY B 31 3.25 -11.84 5.00
CA GLY B 31 3.21 -11.46 6.41
C GLY B 31 2.38 -12.45 7.21
N LEU B 32 1.33 -12.98 6.59
CA LEU B 32 0.45 -13.92 7.27
C LEU B 32 1.23 -15.17 7.65
N LYS B 33 2.12 -15.62 6.76
CA LYS B 33 2.92 -16.81 7.00
C LYS B 33 2.01 -18.02 7.29
N HIS B 34 1.88 -18.88 6.29
CA HIS B 34 1.05 -20.07 6.43
C HIS B 34 -0.37 -19.70 6.83
N HIS B 35 -1.31 -20.60 6.62
CA HIS B 35 -2.70 -20.35 6.97
C HIS B 35 -2.90 -20.42 8.47
N HIS B 36 -3.72 -19.52 9.01
CA HIS B 36 -3.99 -19.49 10.44
C HIS B 36 -4.97 -20.59 10.82
N ALA B 37 -4.62 -21.36 11.86
CA ALA B 37 -5.48 -22.43 12.32
C ALA B 37 -6.65 -21.89 13.12
N GLY B 38 -6.57 -20.61 13.49
CA GLY B 38 -7.63 -19.97 14.27
C GLY B 38 -8.93 -19.94 13.47
N TYR B 39 -8.82 -19.74 12.16
CA TYR B 39 -10.00 -19.69 11.30
C TYR B 39 -10.14 -20.99 10.52
N GLU B 40 -11.36 -21.52 10.47
CA GLU B 40 -11.63 -22.78 9.74
C GLU B 40 -12.90 -22.66 8.90
N GLN B 41 -12.93 -23.37 7.77
CA GLN B 41 -14.10 -23.31 6.90
C GLN B 41 -15.25 -24.11 7.53
N PHE B 42 -16.38 -23.46 7.73
CA PHE B 42 -17.54 -24.12 8.32
C PHE B 42 -18.11 -25.16 7.37
N SER C 1 -18.40 25.19 -22.98
CA SER C 1 -17.63 24.84 -21.76
C SER C 1 -17.64 23.33 -21.57
N ALA C 2 -16.52 22.70 -21.91
CA ALA C 2 -16.41 21.25 -21.79
C ALA C 2 -16.56 20.82 -20.33
N ASP C 3 -16.00 21.61 -19.42
CA ASP C 3 -16.09 21.31 -18.00
C ASP C 3 -15.58 19.90 -17.72
N ASP C 4 -14.59 19.48 -18.50
CA ASP C 4 -14.01 18.15 -18.34
C ASP C 4 -13.37 18.01 -16.96
N ASP C 5 -12.73 19.08 -16.49
CA ASP C 5 -12.08 19.07 -15.19
C ASP C 5 -13.12 18.93 -14.08
N ASN C 6 -12.78 18.15 -13.04
CA ASN C 6 -13.69 17.95 -11.93
C ASN C 6 -13.44 18.98 -10.84
N PHE C 7 -12.58 19.96 -11.13
CA PHE C 7 -12.26 21.00 -10.17
C PHE C 7 -11.91 20.40 -8.82
N LEU C 8 -11.73 19.08 -8.78
CA LEU C 8 -11.39 18.39 -7.55
C LEU C 8 -10.30 17.35 -7.81
N VAL C 9 -9.09 17.66 -7.38
CA VAL C 9 -7.97 16.75 -7.56
C VAL C 9 -6.72 17.30 -6.88
N PRO C 10 -6.68 17.22 -5.57
CA PRO C 10 -5.52 17.72 -4.77
C PRO C 10 -4.22 17.00 -5.12
N ILE C 11 -3.12 17.74 -5.11
CA ILE C 11 -1.82 17.16 -5.44
C ILE C 11 -1.41 16.10 -4.41
N ALA C 12 -1.60 16.42 -3.13
CA ALA C 12 -1.24 15.48 -2.05
C ALA C 12 -1.62 14.05 -2.42
N VAL C 13 -2.54 13.90 -3.38
CA VAL C 13 -2.98 12.57 -3.81
C VAL C 13 -1.81 11.78 -4.38
N GLY C 14 -0.99 12.45 -5.19
CA GLY C 14 0.17 11.80 -5.78
C GLY C 14 1.17 11.37 -4.71
N ALA C 15 1.39 12.25 -3.74
CA ALA C 15 2.32 11.96 -2.66
C ALA C 15 1.80 10.81 -1.80
N ALA C 16 0.49 10.76 -1.60
CA ALA C 16 -0.11 9.70 -0.79
C ALA C 16 0.18 8.33 -1.41
N LEU C 17 0.01 8.22 -2.71
CA LEU C 17 0.26 6.97 -3.41
C LEU C 17 1.74 6.60 -3.33
N ALA C 18 2.60 7.60 -3.46
CA ALA C 18 4.03 7.37 -3.40
C ALA C 18 4.44 6.89 -2.01
N GLY C 19 3.78 7.44 -0.98
CA GLY C 19 4.08 7.07 0.39
C GLY C 19 3.74 5.61 0.66
N VAL C 20 2.61 5.15 0.11
CA VAL C 20 2.16 3.78 0.30
C VAL C 20 3.15 2.82 -0.36
N LEU C 21 3.59 3.16 -1.56
CA LEU C 21 4.53 2.31 -2.29
C LEU C 21 5.84 2.19 -1.51
N ILE C 22 6.27 3.27 -0.89
CA ILE C 22 7.49 3.27 -0.11
C ILE C 22 7.35 2.30 1.06
N LEU C 23 6.19 2.32 1.70
CA LEU C 23 5.95 1.44 2.84
C LEU C 23 6.03 -0.02 2.41
N VAL C 24 5.47 -0.32 1.25
CA VAL C 24 5.48 -1.69 0.74
C VAL C 24 6.90 -2.14 0.42
N LEU C 25 7.67 -1.25 -0.19
CA LEU C 25 9.06 -1.56 -0.56
C LEU C 25 9.87 -1.88 0.68
N LEU C 26 9.68 -1.11 1.73
CA LEU C 26 10.42 -1.33 2.96
C LEU C 26 10.08 -2.70 3.51
N ALA C 27 8.80 -3.03 3.49
CA ALA C 27 8.33 -4.33 3.97
C ALA C 27 8.86 -5.44 3.07
N TYR C 28 8.91 -5.15 1.77
CA TYR C 28 9.38 -6.12 0.80
C TYR C 28 10.83 -6.52 1.08
N PHE C 29 11.66 -5.52 1.37
CA PHE C 29 13.07 -5.77 1.66
C PHE C 29 13.22 -6.62 2.90
N ILE C 30 12.44 -6.31 3.94
CA ILE C 30 12.48 -7.06 5.18
C ILE C 30 12.00 -8.49 4.94
N GLY C 31 10.93 -8.63 4.16
CA GLY C 31 10.38 -9.95 3.86
C GLY C 31 11.38 -10.79 3.09
N LEU C 32 12.08 -10.15 2.15
CA LEU C 32 13.05 -10.87 1.34
C LEU C 32 14.18 -11.42 2.22
N LYS C 33 14.61 -10.62 3.19
CA LYS C 33 15.68 -11.02 4.10
C LYS C 33 16.82 -11.67 3.32
N HIS C 34 16.87 -11.42 2.01
CA HIS C 34 17.92 -11.99 1.18
C HIS C 34 18.14 -13.47 1.53
N HIS C 35 17.41 -14.35 0.84
CA HIS C 35 17.53 -15.78 1.08
C HIS C 35 18.37 -16.44 -0.01
N HIS C 36 19.38 -17.19 0.41
CA HIS C 36 20.26 -17.87 -0.55
C HIS C 36 19.61 -19.15 -1.05
N ALA C 37 19.83 -19.46 -2.31
CA ALA C 37 19.27 -20.68 -2.90
C ALA C 37 20.04 -21.91 -2.46
N GLY C 38 21.35 -21.75 -2.29
CA GLY C 38 22.20 -22.86 -1.88
C GLY C 38 21.82 -23.34 -0.48
N TYR C 39 21.41 -22.40 0.37
CA TYR C 39 21.01 -22.75 1.73
C TYR C 39 19.57 -23.26 1.74
N GLU C 40 19.32 -24.37 2.47
CA GLU C 40 17.96 -24.94 2.55
C GLU C 40 17.39 -24.74 3.95
N GLN C 41 16.18 -24.20 4.03
CA GLN C 41 15.55 -23.97 5.32
C GLN C 41 15.16 -25.31 5.95
N PHE C 42 15.70 -25.58 7.13
CA PHE C 42 15.40 -26.82 7.82
C PHE C 42 14.01 -26.77 8.43
N SER A 1 -16.62 26.92 -9.92
CA SER A 1 -16.25 28.17 -10.65
C SER A 1 -15.12 28.88 -9.91
N ALA A 2 -14.18 28.10 -9.38
CA ALA A 2 -13.05 28.66 -8.64
C ALA A 2 -11.90 27.67 -8.59
N ASP A 3 -10.69 28.20 -8.46
CA ASP A 3 -9.49 27.35 -8.39
C ASP A 3 -9.57 26.42 -7.19
N ASP A 4 -9.99 26.97 -6.05
CA ASP A 4 -10.10 26.19 -4.83
C ASP A 4 -11.15 25.09 -4.99
N ASP A 5 -12.23 25.40 -5.72
CA ASP A 5 -13.30 24.44 -5.95
C ASP A 5 -12.99 23.59 -7.18
N ASN A 6 -12.77 22.29 -6.95
CA ASN A 6 -12.46 21.37 -8.04
C ASN A 6 -13.73 20.66 -8.50
N PHE A 7 -13.83 20.43 -9.80
CA PHE A 7 -15.00 19.77 -10.36
C PHE A 7 -15.17 18.38 -9.75
N LEU A 8 -14.07 17.63 -9.67
CA LEU A 8 -14.09 16.29 -9.09
C LEU A 8 -13.16 16.21 -7.88
N VAL A 9 -13.71 15.77 -6.76
CA VAL A 9 -12.94 15.65 -5.53
C VAL A 9 -13.79 14.98 -4.44
N PRO A 10 -14.40 13.88 -4.76
CA PRO A 10 -15.26 13.13 -3.79
C PRO A 10 -14.45 12.64 -2.58
N ILE A 11 -15.08 12.66 -1.41
CA ILE A 11 -14.43 12.23 -0.18
C ILE A 11 -14.08 10.74 -0.25
N ALA A 12 -15.01 9.94 -0.73
CA ALA A 12 -14.79 8.49 -0.82
C ALA A 12 -13.37 8.19 -1.29
N VAL A 13 -12.72 9.16 -1.93
CA VAL A 13 -11.35 8.98 -2.39
C VAL A 13 -10.39 8.87 -1.21
N GLY A 14 -10.59 9.73 -0.21
CA GLY A 14 -9.74 9.72 0.97
C GLY A 14 -9.90 8.42 1.76
N ALA A 15 -11.13 7.94 1.82
CA ALA A 15 -11.41 6.70 2.54
C ALA A 15 -10.70 5.52 1.90
N ALA A 16 -10.70 5.48 0.57
CA ALA A 16 -10.05 4.39 -0.14
C ALA A 16 -8.55 4.38 0.15
N LEU A 17 -7.93 5.55 0.05
CA LEU A 17 -6.50 5.66 0.33
C LEU A 17 -6.21 5.38 1.80
N ALA A 18 -7.08 5.88 2.67
CA ALA A 18 -6.91 5.68 4.10
C ALA A 18 -6.96 4.18 4.42
N GLY A 19 -7.86 3.47 3.75
CA GLY A 19 -8.02 2.03 3.97
C GLY A 19 -6.74 1.28 3.58
N VAL A 20 -6.09 1.73 2.51
CA VAL A 20 -4.86 1.09 2.05
C VAL A 20 -3.76 1.23 3.10
N LEU A 21 -3.67 2.42 3.68
CA LEU A 21 -2.66 2.71 4.70
C LEU A 21 -2.88 1.81 5.92
N ILE A 22 -4.14 1.57 6.27
CA ILE A 22 -4.45 0.73 7.41
C ILE A 22 -3.95 -0.69 7.15
N LEU A 23 -4.15 -1.17 5.93
CA LEU A 23 -3.72 -2.51 5.57
C LEU A 23 -2.20 -2.65 5.71
N VAL A 24 -1.47 -1.62 5.27
CA VAL A 24 -0.02 -1.63 5.34
C VAL A 24 0.45 -1.61 6.80
N LEU A 25 -0.21 -0.79 7.62
CA LEU A 25 0.16 -0.68 9.03
C LEU A 25 -0.02 -2.02 9.73
N LEU A 26 -1.09 -2.73 9.41
CA LEU A 26 -1.35 -4.01 10.04
C LEU A 26 -0.20 -4.96 9.72
N ALA A 27 0.24 -4.92 8.47
CA ALA A 27 1.34 -5.78 8.04
C ALA A 27 2.56 -5.54 8.92
N TYR A 28 2.91 -4.28 9.11
CA TYR A 28 4.03 -3.91 9.95
C TYR A 28 3.76 -4.27 11.40
N PHE A 29 2.50 -4.13 11.81
CA PHE A 29 2.10 -4.44 13.19
C PHE A 29 2.45 -5.88 13.52
N ILE A 30 2.13 -6.80 12.62
CA ILE A 30 2.42 -8.21 12.83
C ILE A 30 3.94 -8.43 12.90
N GLY A 31 4.67 -7.78 12.00
CA GLY A 31 6.12 -7.92 11.96
C GLY A 31 6.75 -7.37 13.24
N LEU A 32 6.25 -6.23 13.71
CA LEU A 32 6.77 -5.63 14.92
C LEU A 32 6.56 -6.55 16.11
N LYS A 33 5.39 -7.18 16.16
CA LYS A 33 5.07 -8.09 17.26
C LYS A 33 5.14 -7.36 18.61
N HIS A 34 4.01 -6.85 19.06
CA HIS A 34 3.96 -6.15 20.34
C HIS A 34 3.99 -7.13 21.50
N HIS A 35 4.81 -6.82 22.50
CA HIS A 35 4.92 -7.70 23.67
C HIS A 35 3.74 -7.48 24.61
N HIS A 36 3.09 -8.58 24.97
CA HIS A 36 1.94 -8.51 25.88
C HIS A 36 2.41 -8.30 27.31
N ALA A 37 1.69 -7.45 28.05
CA ALA A 37 2.04 -7.17 29.44
C ALA A 37 1.59 -8.31 30.34
N GLY A 38 0.72 -9.18 29.81
CA GLY A 38 0.22 -10.32 30.57
C GLY A 38 1.35 -11.29 30.91
N TYR A 39 2.25 -11.51 29.95
CA TYR A 39 3.38 -12.42 30.14
C TYR A 39 4.66 -11.62 30.32
N GLU A 40 5.45 -12.01 31.32
CA GLU A 40 6.71 -11.34 31.61
C GLU A 40 7.83 -12.35 31.87
N GLN A 41 9.04 -12.02 31.46
CA GLN A 41 10.17 -12.92 31.66
C GLN A 41 10.26 -13.31 33.14
N PHE A 42 10.62 -14.55 33.40
CA PHE A 42 10.73 -15.02 34.78
C PHE A 42 11.63 -14.08 35.59
N SER B 1 -13.48 11.14 -28.62
CA SER B 1 -14.70 11.90 -29.02
C SER B 1 -14.80 13.17 -28.19
N ALA B 2 -14.20 13.14 -27.00
CA ALA B 2 -14.24 14.29 -26.11
C ALA B 2 -15.68 14.78 -25.92
N ASP B 3 -16.27 14.40 -24.79
CA ASP B 3 -17.65 14.80 -24.48
C ASP B 3 -17.65 15.99 -23.51
N ASP B 4 -18.09 17.14 -24.00
CA ASP B 4 -18.14 18.34 -23.16
C ASP B 4 -19.25 18.23 -22.14
N ASP B 5 -20.09 17.21 -22.28
CA ASP B 5 -21.20 17.01 -21.35
C ASP B 5 -20.68 16.72 -19.94
N ASN B 6 -19.65 15.88 -19.87
CA ASN B 6 -19.06 15.51 -18.58
C ASN B 6 -17.63 15.04 -18.78
N PHE B 7 -16.89 14.92 -17.68
CA PHE B 7 -15.50 14.47 -17.74
C PHE B 7 -15.21 13.49 -16.61
N LEU B 8 -14.98 12.22 -16.96
CA LEU B 8 -14.70 11.19 -15.97
C LEU B 8 -13.22 10.79 -16.04
N VAL B 9 -12.57 10.79 -14.89
CA VAL B 9 -11.15 10.43 -14.81
C VAL B 9 -10.87 9.19 -15.67
N PRO B 10 -9.66 9.07 -16.17
CA PRO B 10 -9.25 7.90 -17.01
C PRO B 10 -9.26 6.59 -16.21
N ILE B 11 -9.49 5.49 -16.92
CA ILE B 11 -9.53 4.17 -16.28
C ILE B 11 -8.17 3.83 -15.67
N ALA B 12 -7.09 4.11 -16.40
CA ALA B 12 -5.75 3.82 -15.92
C ALA B 12 -5.63 4.12 -14.42
N VAL B 13 -6.52 4.97 -13.91
CA VAL B 13 -6.51 5.32 -12.50
C VAL B 13 -6.86 4.11 -11.64
N GLY B 14 -7.89 3.37 -12.06
CA GLY B 14 -8.32 2.18 -11.32
C GLY B 14 -7.24 1.11 -11.33
N ALA B 15 -6.55 0.98 -12.45
CA ALA B 15 -5.50 -0.02 -12.58
C ALA B 15 -4.37 0.28 -11.60
N ALA B 16 -4.05 1.55 -11.42
CA ALA B 16 -2.98 1.94 -10.51
C ALA B 16 -3.32 1.54 -9.07
N LEU B 17 -4.54 1.86 -8.65
CA LEU B 17 -4.98 1.52 -7.30
C LEU B 17 -5.07 0.01 -7.13
N ALA B 18 -5.59 -0.67 -8.15
CA ALA B 18 -5.73 -2.11 -8.11
C ALA B 18 -4.36 -2.77 -8.00
N GLY B 19 -3.38 -2.18 -8.68
CA GLY B 19 -2.02 -2.73 -8.66
C GLY B 19 -1.42 -2.67 -7.25
N VAL B 20 -1.69 -1.57 -6.54
CA VAL B 20 -1.17 -1.40 -5.18
C VAL B 20 -1.76 -2.48 -4.27
N LEU B 21 -3.06 -2.72 -4.40
CA LEU B 21 -3.75 -3.72 -3.58
C LEU B 21 -3.16 -5.11 -3.84
N ILE B 22 -2.82 -5.39 -5.10
CA ILE B 22 -2.25 -6.68 -5.45
C ILE B 22 -0.92 -6.88 -4.73
N LEU B 23 -0.12 -5.82 -4.69
CA LEU B 23 1.18 -5.88 -4.03
C LEU B 23 1.02 -6.22 -2.54
N VAL B 24 0.04 -5.58 -1.91
CA VAL B 24 -0.22 -5.81 -0.49
C VAL B 24 -0.69 -7.25 -0.24
N LEU B 25 -1.56 -7.73 -1.11
CA LEU B 25 -2.09 -9.09 -0.97
C LEU B 25 -0.97 -10.11 -1.06
N LEU B 26 -0.05 -9.89 -1.99
CA LEU B 26 1.07 -10.80 -2.15
C LEU B 26 1.89 -10.83 -0.87
N ALA B 27 2.10 -9.66 -0.29
CA ALA B 27 2.87 -9.54 0.94
C ALA B 27 2.18 -10.30 2.05
N TYR B 28 0.85 -10.23 2.06
CA TYR B 28 0.05 -10.91 3.07
C TYR B 28 0.26 -12.42 2.99
N PHE B 29 0.23 -12.95 1.77
CA PHE B 29 0.42 -14.38 1.55
C PHE B 29 1.85 -14.80 1.88
N ILE B 30 2.82 -14.02 1.40
CA ILE B 30 4.22 -14.30 1.66
C ILE B 30 4.52 -14.19 3.15
N GLY B 31 3.95 -13.17 3.80
CA GLY B 31 4.18 -12.97 5.22
C GLY B 31 3.71 -14.17 6.03
N LEU B 32 2.55 -14.72 5.65
CA LEU B 32 2.01 -15.88 6.33
C LEU B 32 2.91 -17.09 6.13
N LYS B 33 3.43 -17.25 4.92
CA LYS B 33 4.32 -18.36 4.61
C LYS B 33 5.64 -18.21 5.36
N HIS B 34 5.79 -17.11 6.08
CA HIS B 34 7.01 -16.87 6.84
C HIS B 34 7.26 -18.00 7.84
N HIS B 35 6.19 -18.40 8.53
CA HIS B 35 6.30 -19.48 9.52
C HIS B 35 5.98 -20.83 8.87
N HIS B 36 6.95 -21.73 8.89
CA HIS B 36 6.76 -23.05 8.30
C HIS B 36 6.04 -23.98 9.27
N ALA B 37 5.01 -24.67 8.78
CA ALA B 37 4.25 -25.59 9.62
C ALA B 37 5.01 -26.89 9.79
N GLY B 38 6.05 -27.08 8.98
CA GLY B 38 6.85 -28.30 9.05
C GLY B 38 7.54 -28.42 10.41
N TYR B 39 7.98 -27.28 10.95
CA TYR B 39 8.65 -27.27 12.25
C TYR B 39 7.62 -27.28 13.37
N GLU B 40 7.82 -28.16 14.35
CA GLU B 40 6.91 -28.28 15.49
C GLU B 40 7.70 -28.39 16.79
N GLN B 41 7.12 -27.86 17.87
CA GLN B 41 7.77 -27.91 19.19
C GLN B 41 7.17 -29.03 20.03
N PHE B 42 8.03 -29.88 20.59
CA PHE B 42 7.56 -30.98 21.42
C PHE B 42 6.97 -30.46 22.72
N SER C 1 -4.48 28.82 -17.85
CA SER C 1 -4.51 27.59 -17.00
C SER C 1 -5.73 27.65 -16.08
N ALA C 2 -6.26 26.48 -15.75
CA ALA C 2 -7.43 26.41 -14.87
C ALA C 2 -7.48 25.06 -14.17
N ASP C 3 -8.17 25.02 -13.03
CA ASP C 3 -8.29 23.79 -12.26
C ASP C 3 -9.09 22.74 -13.05
N ASP C 4 -10.08 23.22 -13.80
CA ASP C 4 -10.92 22.32 -14.60
C ASP C 4 -10.20 21.95 -15.89
N ASP C 5 -10.51 20.75 -16.41
CA ASP C 5 -9.90 20.29 -17.65
C ASP C 5 -8.37 20.34 -17.55
N ASN C 6 -7.85 19.78 -16.46
CA ASN C 6 -6.40 19.76 -16.24
C ASN C 6 -5.74 18.71 -17.14
N PHE C 7 -4.60 19.08 -17.71
CA PHE C 7 -3.87 18.17 -18.59
C PHE C 7 -3.44 16.92 -17.83
N LEU C 8 -2.92 17.13 -16.62
CA LEU C 8 -2.46 16.00 -15.79
C LEU C 8 -2.98 16.15 -14.37
N VAL C 9 -3.26 15.02 -13.74
CA VAL C 9 -3.79 15.03 -12.38
C VAL C 9 -2.93 15.92 -11.47
N PRO C 10 -3.49 16.44 -10.40
CA PRO C 10 -2.72 17.29 -9.42
C PRO C 10 -1.39 16.65 -9.02
N ILE C 11 -0.39 17.50 -8.76
CA ILE C 11 0.93 17.02 -8.37
C ILE C 11 0.88 16.31 -7.01
N ALA C 12 0.15 16.91 -6.06
CA ALA C 12 0.05 16.33 -4.72
C ALA C 12 -0.52 14.91 -4.79
N VAL C 13 -1.28 14.61 -5.84
CA VAL C 13 -1.86 13.28 -5.99
C VAL C 13 -0.77 12.25 -6.28
N GLY C 14 0.16 12.61 -7.15
CA GLY C 14 1.26 11.71 -7.50
C GLY C 14 2.14 11.42 -6.30
N ALA C 15 2.33 12.44 -5.47
CA ALA C 15 3.16 12.30 -4.28
C ALA C 15 2.54 11.30 -3.31
N ALA C 16 1.22 11.34 -3.17
CA ALA C 16 0.53 10.43 -2.26
C ALA C 16 0.74 8.98 -2.68
N LEU C 17 0.54 8.71 -3.96
CA LEU C 17 0.74 7.36 -4.49
C LEU C 17 2.20 6.94 -4.38
N ALA C 18 3.09 7.87 -4.67
CA ALA C 18 4.51 7.59 -4.60
C ALA C 18 4.92 7.24 -3.17
N GLY C 19 4.31 7.92 -2.21
CA GLY C 19 4.61 7.66 -0.80
C GLY C 19 4.19 6.26 -0.38
N VAL C 20 3.05 5.80 -0.91
CA VAL C 20 2.55 4.46 -0.59
C VAL C 20 3.49 3.39 -1.11
N LEU C 21 3.98 3.58 -2.33
CA LEU C 21 4.89 2.61 -2.94
C LEU C 21 6.17 2.51 -2.10
N ILE C 22 6.64 3.64 -1.60
CA ILE C 22 7.85 3.65 -0.77
C ILE C 22 7.59 2.86 0.52
N LEU C 23 6.43 3.08 1.11
CA LEU C 23 6.06 2.39 2.35
C LEU C 23 6.04 0.87 2.14
N VAL C 24 5.50 0.45 1.01
CA VAL C 24 5.41 -0.98 0.70
C VAL C 24 6.80 -1.57 0.51
N LEU C 25 7.68 -0.83 -0.17
CA LEU C 25 9.03 -1.29 -0.42
C LEU C 25 9.78 -1.51 0.89
N LEU C 26 9.57 -0.60 1.83
CA LEU C 26 10.24 -0.72 3.12
C LEU C 26 9.79 -2.01 3.80
N ALA C 27 8.51 -2.30 3.71
CA ALA C 27 7.96 -3.52 4.30
C ALA C 27 8.70 -4.73 3.75
N TYR C 28 8.83 -4.77 2.43
CA TYR C 28 9.52 -5.87 1.77
C TYR C 28 11.00 -5.88 2.16
N PHE C 29 11.57 -4.68 2.33
CA PHE C 29 12.98 -4.55 2.70
C PHE C 29 13.26 -5.31 4.00
N ILE C 30 12.38 -5.12 4.99
CA ILE C 30 12.53 -5.80 6.28
C ILE C 30 12.42 -7.31 6.09
N GLY C 31 11.46 -7.74 5.28
CA GLY C 31 11.27 -9.17 5.02
C GLY C 31 12.49 -9.76 4.34
N LEU C 32 13.08 -9.02 3.42
CA LEU C 32 14.25 -9.49 2.71
C LEU C 32 15.42 -9.69 3.68
N LYS C 33 15.60 -8.75 4.59
CA LYS C 33 16.68 -8.83 5.56
C LYS C 33 16.38 -9.89 6.62
N HIS C 34 17.35 -10.73 6.90
CA HIS C 34 17.18 -11.79 7.90
C HIS C 34 17.27 -11.20 9.30
N HIS C 35 16.39 -11.66 10.19
CA HIS C 35 16.38 -11.18 11.57
C HIS C 35 17.46 -11.87 12.38
N HIS C 36 18.14 -11.11 13.24
CA HIS C 36 19.21 -11.66 14.08
C HIS C 36 18.72 -11.77 15.52
N ALA C 37 18.87 -12.96 16.09
CA ALA C 37 18.45 -13.19 17.48
C ALA C 37 19.47 -12.61 18.45
N GLY C 38 20.75 -12.71 18.10
CA GLY C 38 21.81 -12.19 18.95
C GLY C 38 21.69 -10.67 19.09
N TYR C 39 21.35 -10.00 17.99
CA TYR C 39 21.20 -8.54 17.98
C TYR C 39 19.74 -8.16 17.89
N GLU C 40 19.32 -7.21 18.73
CA GLU C 40 17.92 -6.76 18.73
C GLU C 40 17.76 -5.59 17.78
N GLN C 41 16.93 -5.76 16.76
CA GLN C 41 16.70 -4.70 15.78
C GLN C 41 16.30 -3.41 16.50
N PHE C 42 16.80 -2.28 16.02
CA PHE C 42 16.47 -1.00 16.64
C PHE C 42 16.70 -1.06 18.14
N SER A 1 -27.89 9.09 -12.13
CA SER A 1 -28.31 10.17 -11.20
C SER A 1 -27.57 10.01 -9.88
N ALA A 2 -26.76 11.00 -9.54
CA ALA A 2 -26.00 10.98 -8.29
C ALA A 2 -25.66 12.38 -7.82
N ASP A 3 -25.49 12.54 -6.52
CA ASP A 3 -25.17 13.85 -5.95
C ASP A 3 -23.78 14.31 -6.42
N ASP A 4 -22.87 13.36 -6.53
CA ASP A 4 -21.51 13.67 -6.98
C ASP A 4 -21.50 14.10 -8.44
N ASP A 5 -20.66 15.07 -8.76
CA ASP A 5 -20.56 15.58 -10.12
C ASP A 5 -19.96 14.52 -11.04
N ASN A 6 -20.46 14.47 -12.27
CA ASN A 6 -19.96 13.50 -13.24
C ASN A 6 -18.49 13.73 -13.53
N PHE A 7 -18.10 15.00 -13.63
CA PHE A 7 -16.72 15.36 -13.92
C PHE A 7 -15.80 14.82 -12.81
N LEU A 8 -16.24 14.95 -11.57
CA LEU A 8 -15.45 14.49 -10.43
C LEU A 8 -15.61 12.99 -10.25
N VAL A 9 -14.51 12.34 -9.91
CA VAL A 9 -14.53 10.90 -9.71
C VAL A 9 -15.30 10.54 -8.43
N PRO A 10 -15.84 9.34 -8.37
CA PRO A 10 -16.59 8.87 -7.15
C PRO A 10 -15.80 9.12 -5.86
N ILE A 11 -16.50 9.58 -4.82
CA ILE A 11 -15.86 9.85 -3.53
C ILE A 11 -15.31 8.57 -2.92
N ALA A 12 -16.09 7.50 -2.97
CA ALA A 12 -15.67 6.22 -2.41
C ALA A 12 -14.19 5.95 -2.72
N VAL A 13 -13.66 6.62 -3.74
CA VAL A 13 -12.26 6.44 -4.11
C VAL A 13 -11.34 6.80 -2.95
N GLY A 14 -11.63 7.91 -2.29
CA GLY A 14 -10.82 8.35 -1.15
C GLY A 14 -10.91 7.34 -0.01
N ALA A 15 -12.10 6.76 0.17
CA ALA A 15 -12.30 5.78 1.24
C ALA A 15 -11.41 4.56 1.02
N ALA A 16 -11.30 4.12 -0.23
CA ALA A 16 -10.48 2.96 -0.55
C ALA A 16 -9.01 3.26 -0.29
N LEU A 17 -8.61 4.50 -0.55
CA LEU A 17 -7.22 4.91 -0.35
C LEU A 17 -6.85 4.76 1.13
N ALA A 18 -7.72 5.24 2.00
CA ALA A 18 -7.48 5.15 3.44
C ALA A 18 -7.45 3.70 3.89
N GLY A 19 -8.31 2.88 3.31
CA GLY A 19 -8.38 1.47 3.65
C GLY A 19 -7.05 0.78 3.39
N VAL A 20 -6.43 1.10 2.25
CA VAL A 20 -5.15 0.51 1.89
C VAL A 20 -4.05 0.98 2.85
N LEU A 21 -4.06 2.26 3.18
CA LEU A 21 -3.06 2.83 4.08
C LEU A 21 -3.12 2.12 5.44
N ILE A 22 -4.33 1.86 5.92
CA ILE A 22 -4.50 1.18 7.19
C ILE A 22 -3.96 -0.24 7.10
N LEU A 23 -4.25 -0.92 5.99
CA LEU A 23 -3.81 -2.29 5.80
C LEU A 23 -2.29 -2.37 5.82
N VAL A 24 -1.64 -1.39 5.20
CA VAL A 24 -0.18 -1.36 5.14
C VAL A 24 0.40 -1.19 6.55
N LEU A 25 -0.22 -0.32 7.33
CA LEU A 25 0.26 -0.07 8.69
C LEU A 25 0.21 -1.34 9.53
N LEU A 26 -0.86 -2.11 9.37
CA LEU A 26 -0.99 -3.35 10.11
C LEU A 26 0.16 -4.28 9.76
N ALA A 27 0.47 -4.33 8.46
CA ALA A 27 1.56 -5.18 7.98
C ALA A 27 2.85 -4.83 8.71
N TYR A 28 3.16 -3.54 8.74
CA TYR A 28 4.36 -3.05 9.41
C TYR A 28 4.26 -3.30 10.91
N PHE A 29 3.05 -3.20 11.45
CA PHE A 29 2.83 -3.40 12.89
C PHE A 29 3.30 -4.79 13.29
N ILE A 30 2.93 -5.80 12.50
CA ILE A 30 3.33 -7.18 12.79
C ILE A 30 4.85 -7.30 12.70
N GLY A 31 5.44 -6.68 11.69
CA GLY A 31 6.89 -6.73 11.51
C GLY A 31 7.61 -6.05 12.66
N LEU A 32 7.04 -4.95 13.14
CA LEU A 32 7.65 -4.21 14.25
C LEU A 32 7.67 -5.07 15.51
N LYS A 33 6.58 -5.79 15.75
CA LYS A 33 6.49 -6.65 16.93
C LYS A 33 6.65 -5.83 18.21
N HIS A 34 5.66 -4.99 18.50
CA HIS A 34 5.71 -4.17 19.70
C HIS A 34 6.95 -3.28 19.68
N HIS A 35 6.93 -2.24 20.52
CA HIS A 35 8.05 -1.32 20.59
C HIS A 35 9.13 -1.87 21.52
N HIS A 36 10.36 -1.95 21.02
CA HIS A 36 11.47 -2.45 21.81
C HIS A 36 12.04 -1.35 22.71
N ALA A 37 12.24 -1.68 23.97
CA ALA A 37 12.77 -0.71 24.94
C ALA A 37 14.28 -0.56 24.74
N GLY A 38 14.87 -1.45 23.96
CA GLY A 38 16.31 -1.40 23.71
C GLY A 38 16.69 -0.11 22.98
N TYR A 39 15.86 0.29 22.02
CA TYR A 39 16.12 1.52 21.26
C TYR A 39 15.65 2.74 22.06
N GLU A 40 16.47 3.79 22.08
CA GLU A 40 16.11 5.01 22.80
C GLU A 40 15.25 5.92 21.93
N GLN A 41 14.02 6.17 22.36
CA GLN A 41 13.11 7.02 21.60
C GLN A 41 13.78 8.37 21.32
N PHE A 42 13.49 8.94 20.16
CA PHE A 42 14.07 10.23 19.80
C PHE A 42 13.43 11.35 20.61
N SER B 1 -2.81 30.99 -22.31
CA SER B 1 -2.41 30.19 -21.12
C SER B 1 -1.50 29.04 -21.58
N ALA B 2 -0.87 28.38 -20.61
CA ALA B 2 0.02 27.27 -20.92
C ALA B 2 -0.77 26.07 -21.44
N ASP B 3 -0.17 25.33 -22.38
CA ASP B 3 -0.83 24.17 -22.96
C ASP B 3 -1.03 23.09 -21.89
N ASP B 4 -0.07 22.99 -20.97
CA ASP B 4 -0.13 22.01 -19.89
C ASP B 4 -0.88 22.59 -18.69
N ASP B 5 -2.07 22.05 -18.43
CA ASP B 5 -2.87 22.52 -17.30
C ASP B 5 -2.33 21.95 -15.99
N ASN B 6 -2.80 22.50 -14.87
CA ASN B 6 -2.35 22.05 -13.56
C ASN B 6 -3.31 21.00 -13.00
N PHE B 7 -4.23 20.53 -13.85
CA PHE B 7 -5.20 19.51 -13.43
C PHE B 7 -5.21 18.36 -14.43
N LEU B 8 -4.62 17.24 -14.04
CA LEU B 8 -4.57 16.06 -14.90
C LEU B 8 -4.89 14.81 -14.10
N VAL B 9 -5.63 13.89 -14.71
CA VAL B 9 -6.01 12.64 -14.05
C VAL B 9 -6.02 11.49 -15.05
N PRO B 10 -4.85 11.05 -15.45
CA PRO B 10 -4.70 9.92 -16.42
C PRO B 10 -5.31 8.62 -15.88
N ILE B 11 -5.88 7.83 -16.79
CA ILE B 11 -6.50 6.56 -16.39
C ILE B 11 -5.45 5.59 -15.82
N ALA B 12 -4.31 5.49 -16.49
CA ALA B 12 -3.23 4.60 -16.06
C ALA B 12 -3.06 4.68 -14.53
N VAL B 13 -3.54 5.77 -13.94
CA VAL B 13 -3.43 5.95 -12.49
C VAL B 13 -4.25 4.89 -11.76
N GLY B 14 -5.46 4.63 -12.25
CA GLY B 14 -6.33 3.63 -11.62
C GLY B 14 -5.70 2.25 -11.69
N ALA B 15 -5.08 1.94 -12.83
CA ALA B 15 -4.43 0.64 -13.01
C ALA B 15 -3.30 0.45 -12.00
N ALA B 16 -2.55 1.51 -11.77
CA ALA B 16 -1.45 1.46 -10.82
C ALA B 16 -1.97 1.24 -9.40
N LEU B 17 -3.12 1.81 -9.10
CA LEU B 17 -3.72 1.67 -7.78
C LEU B 17 -4.01 0.19 -7.49
N ALA B 18 -4.58 -0.48 -8.48
CA ALA B 18 -4.90 -1.90 -8.32
C ALA B 18 -3.63 -2.72 -8.11
N GLY B 19 -2.57 -2.33 -8.80
CA GLY B 19 -1.30 -3.03 -8.68
C GLY B 19 -0.78 -3.00 -7.25
N VAL B 20 -0.94 -1.86 -6.59
CA VAL B 20 -0.49 -1.71 -5.21
C VAL B 20 -1.30 -2.61 -4.29
N LEU B 21 -2.61 -2.65 -4.51
CA LEU B 21 -3.51 -3.46 -3.69
C LEU B 21 -3.14 -4.95 -3.80
N ILE B 22 -2.79 -5.39 -5.01
CA ILE B 22 -2.40 -6.76 -5.22
C ILE B 22 -1.07 -7.05 -4.52
N LEU B 23 -0.16 -6.10 -4.61
CA LEU B 23 1.16 -6.26 -3.99
C LEU B 23 1.03 -6.44 -2.49
N VAL B 24 0.13 -5.69 -1.88
CA VAL B 24 -0.08 -5.77 -0.44
C VAL B 24 -0.62 -7.15 -0.06
N LEU B 25 -1.53 -7.67 -0.87
CA LEU B 25 -2.12 -8.97 -0.60
C LEU B 25 -1.05 -10.05 -0.61
N LEU B 26 -0.14 -9.96 -1.56
CA LEU B 26 0.92 -10.95 -1.64
C LEU B 26 1.76 -10.91 -0.37
N ALA B 27 2.05 -9.71 0.10
CA ALA B 27 2.83 -9.54 1.31
C ALA B 27 2.17 -10.30 2.46
N TYR B 28 0.87 -10.11 2.61
CA TYR B 28 0.10 -10.78 3.64
C TYR B 28 0.10 -12.28 3.42
N PHE B 29 0.09 -12.69 2.15
CA PHE B 29 0.08 -14.11 1.81
C PHE B 29 1.30 -14.82 2.40
N ILE B 30 2.47 -14.19 2.26
CA ILE B 30 3.71 -14.76 2.79
C ILE B 30 3.63 -14.81 4.32
N GLY B 31 3.09 -13.76 4.93
CA GLY B 31 2.97 -13.70 6.38
C GLY B 31 2.12 -14.85 6.89
N LEU B 32 1.10 -15.22 6.12
CA LEU B 32 0.22 -16.31 6.53
C LEU B 32 1.00 -17.61 6.65
N LYS B 33 1.91 -17.85 5.70
CA LYS B 33 2.71 -19.07 5.71
C LYS B 33 1.82 -20.30 5.64
N HIS B 34 2.26 -21.29 4.85
CA HIS B 34 1.50 -22.52 4.70
C HIS B 34 1.63 -23.39 5.94
N HIS B 35 0.53 -23.97 6.38
CA HIS B 35 0.54 -24.82 7.56
C HIS B 35 1.01 -26.23 7.18
N HIS B 36 2.04 -26.72 7.89
CA HIS B 36 2.58 -28.06 7.63
C HIS B 36 2.49 -28.92 8.89
N ALA B 37 1.85 -30.07 8.76
CA ALA B 37 1.68 -30.99 9.88
C ALA B 37 2.97 -31.77 10.12
N GLY B 38 3.86 -31.76 9.13
CA GLY B 38 5.11 -32.48 9.24
C GLY B 38 6.00 -31.87 10.34
N TYR B 39 5.95 -30.56 10.47
CA TYR B 39 6.74 -29.87 11.48
C TYR B 39 6.08 -30.00 12.85
N GLU B 40 6.86 -30.37 13.86
CA GLU B 40 6.34 -30.53 15.22
C GLU B 40 7.29 -29.90 16.25
N GLN B 41 6.73 -29.33 17.30
CA GLN B 41 7.55 -28.70 18.33
C GLN B 41 8.61 -29.69 18.82
N PHE B 42 9.80 -29.18 19.13
CA PHE B 42 10.88 -30.04 19.61
C PHE B 42 10.74 -30.28 21.11
N SER C 1 -17.11 24.41 3.58
CA SER C 1 -17.69 25.75 3.87
C SER C 1 -17.10 26.29 5.16
N ALA C 2 -16.39 25.42 5.89
CA ALA C 2 -15.78 25.81 7.16
C ALA C 2 -14.62 24.90 7.51
N ASP C 3 -13.68 25.41 8.30
CA ASP C 3 -12.52 24.62 8.70
C ASP C 3 -11.80 24.07 7.47
N ASP C 4 -11.75 24.88 6.42
CA ASP C 4 -11.09 24.47 5.18
C ASP C 4 -9.60 24.84 5.21
N ASP C 5 -8.75 23.82 5.31
CA ASP C 5 -7.31 24.05 5.35
C ASP C 5 -6.84 24.71 4.06
N ASN C 6 -7.36 24.23 2.93
CA ASN C 6 -6.99 24.78 1.64
C ASN C 6 -8.09 24.52 0.61
N PHE C 7 -8.06 25.26 -0.49
CA PHE C 7 -9.06 25.12 -1.54
C PHE C 7 -8.71 23.96 -2.46
N LEU C 8 -7.54 24.04 -3.08
CA LEU C 8 -7.08 22.98 -4.00
C LEU C 8 -5.62 22.66 -3.76
N VAL C 9 -5.31 21.38 -3.68
CA VAL C 9 -3.93 20.94 -3.45
C VAL C 9 -3.71 19.56 -4.06
N PRO C 10 -4.04 19.39 -5.31
CA PRO C 10 -3.87 18.11 -6.03
C PRO C 10 -2.38 17.72 -6.18
N ILE C 11 -1.51 18.72 -6.09
CA ILE C 11 -0.07 18.46 -6.24
C ILE C 11 0.45 17.60 -5.10
N ALA C 12 0.04 17.91 -3.87
CA ALA C 12 0.50 17.15 -2.70
C ALA C 12 -0.16 15.76 -2.67
N VAL C 13 -1.28 15.61 -3.39
CA VAL C 13 -1.98 14.34 -3.43
C VAL C 13 -1.12 13.28 -4.13
N GLY C 14 -0.50 13.67 -5.25
CA GLY C 14 0.34 12.74 -6.00
C GLY C 14 1.51 12.27 -5.16
N ALA C 15 2.11 13.19 -4.42
CA ALA C 15 3.25 12.85 -3.56
C ALA C 15 2.82 11.91 -2.45
N ALA C 16 1.62 12.11 -1.93
CA ALA C 16 1.10 11.27 -0.86
C ALA C 16 1.05 9.81 -1.29
N LEU C 17 0.53 9.58 -2.49
CA LEU C 17 0.43 8.22 -3.03
C LEU C 17 1.82 7.64 -3.25
N ALA C 18 2.73 8.46 -3.76
CA ALA C 18 4.09 8.01 -4.01
C ALA C 18 4.76 7.60 -2.71
N GLY C 19 4.47 8.33 -1.65
CA GLY C 19 5.06 8.03 -0.34
C GLY C 19 4.57 6.68 0.19
N VAL C 20 3.31 6.35 -0.08
CA VAL C 20 2.73 5.09 0.36
C VAL C 20 3.45 3.91 -0.31
N LEU C 21 3.69 4.03 -1.61
CA LEU C 21 4.37 2.97 -2.36
C LEU C 21 5.77 2.75 -1.79
N ILE C 22 6.44 3.83 -1.41
CA ILE C 22 7.79 3.71 -0.85
C ILE C 22 7.72 2.97 0.48
N LEU C 23 6.72 3.28 1.28
CA LEU C 23 6.56 2.64 2.58
C LEU C 23 6.38 1.13 2.42
N VAL C 24 5.57 0.74 1.44
CA VAL C 24 5.32 -0.67 1.19
C VAL C 24 6.60 -1.38 0.74
N LEU C 25 7.35 -0.73 -0.13
CA LEU C 25 8.58 -1.31 -0.65
C LEU C 25 9.58 -1.55 0.48
N LEU C 26 9.70 -0.58 1.36
CA LEU C 26 10.61 -0.72 2.48
C LEU C 26 10.20 -1.91 3.34
N ALA C 27 8.91 -2.01 3.59
CA ALA C 27 8.37 -3.10 4.39
C ALA C 27 8.56 -4.43 3.65
N TYR C 28 8.41 -4.37 2.33
CA TYR C 28 8.56 -5.57 1.50
C TYR C 28 9.97 -6.13 1.62
N PHE C 29 10.96 -5.24 1.56
CA PHE C 29 12.36 -5.65 1.66
C PHE C 29 12.64 -6.30 3.02
N ILE C 30 12.15 -5.67 4.08
CA ILE C 30 12.33 -6.19 5.42
C ILE C 30 11.61 -7.53 5.57
N GLY C 31 10.39 -7.61 5.03
CA GLY C 31 9.61 -8.84 5.11
C GLY C 31 10.27 -9.96 4.33
N LEU C 32 10.79 -9.63 3.14
CA LEU C 32 11.45 -10.63 2.31
C LEU C 32 12.68 -11.18 3.01
N LYS C 33 13.45 -10.30 3.63
CA LYS C 33 14.67 -10.71 4.33
C LYS C 33 14.37 -11.02 5.79
N HIS C 34 15.05 -12.03 6.32
CA HIS C 34 14.85 -12.42 7.71
C HIS C 34 13.37 -12.51 8.04
N HIS C 35 12.81 -13.71 7.92
CA HIS C 35 11.39 -13.90 8.21
C HIS C 35 11.13 -13.81 9.71
N HIS C 36 10.00 -13.21 10.07
CA HIS C 36 9.64 -13.07 11.48
C HIS C 36 9.09 -14.38 12.02
N ALA C 37 9.69 -14.86 13.12
CA ALA C 37 9.24 -16.11 13.74
C ALA C 37 8.16 -15.84 14.77
N GLY C 38 7.98 -14.56 15.10
CA GLY C 38 6.97 -14.18 16.09
C GLY C 38 5.57 -14.55 15.61
N TYR C 39 5.32 -14.37 14.32
CA TYR C 39 4.02 -14.69 13.74
C TYR C 39 3.90 -16.20 13.50
N GLU C 40 2.80 -16.79 13.98
CA GLU C 40 2.57 -18.23 13.80
C GLU C 40 1.14 -18.51 13.36
N GLN C 41 0.95 -19.50 12.51
CA GLN C 41 -0.39 -19.84 12.04
C GLN C 41 -1.15 -20.57 13.13
N PHE C 42 -2.37 -20.10 13.40
CA PHE C 42 -3.20 -20.71 14.44
C PHE C 42 -4.66 -20.32 14.25
N SER A 1 -30.32 -1.86 -8.41
CA SER A 1 -29.89 -0.43 -8.46
C SER A 1 -28.37 -0.36 -8.40
N ALA A 2 -27.78 0.26 -9.42
CA ALA A 2 -26.32 0.39 -9.48
C ALA A 2 -25.94 1.60 -10.33
N ASP A 3 -24.75 2.14 -10.07
CA ASP A 3 -24.25 3.31 -10.80
C ASP A 3 -23.16 2.88 -11.79
N ASP A 4 -23.49 2.87 -13.08
CA ASP A 4 -22.53 2.49 -14.10
C ASP A 4 -21.37 3.47 -14.14
N ASP A 5 -21.66 4.75 -13.88
CA ASP A 5 -20.63 5.79 -13.88
C ASP A 5 -20.02 5.92 -12.50
N ASN A 6 -18.77 5.50 -12.36
CA ASN A 6 -18.07 5.57 -11.08
C ASN A 6 -17.17 6.80 -11.04
N PHE A 7 -17.30 7.66 -12.04
CA PHE A 7 -16.50 8.88 -12.11
C PHE A 7 -17.25 10.06 -11.48
N LEU A 8 -18.46 9.77 -10.98
CA LEU A 8 -19.29 10.80 -10.35
C LEU A 8 -19.31 10.60 -8.84
N VAL A 9 -18.51 9.66 -8.36
CA VAL A 9 -18.44 9.38 -6.92
C VAL A 9 -16.99 9.35 -6.45
N PRO A 10 -16.26 10.41 -6.71
CA PRO A 10 -14.83 10.52 -6.30
C PRO A 10 -14.68 10.59 -4.78
N ILE A 11 -15.77 10.89 -4.08
CA ILE A 11 -15.73 10.99 -2.63
C ILE A 11 -15.45 9.62 -1.99
N ALA A 12 -16.15 8.59 -2.47
CA ALA A 12 -15.97 7.24 -1.94
C ALA A 12 -14.61 6.68 -2.32
N VAL A 13 -14.00 7.25 -3.36
CA VAL A 13 -12.68 6.78 -3.80
C VAL A 13 -11.62 7.10 -2.75
N GLY A 14 -11.69 8.29 -2.17
CA GLY A 14 -10.73 8.70 -1.16
C GLY A 14 -10.82 7.80 0.07
N ALA A 15 -12.05 7.40 0.41
CA ALA A 15 -12.26 6.53 1.56
C ALA A 15 -11.58 5.19 1.35
N ALA A 16 -11.65 4.68 0.14
CA ALA A 16 -11.04 3.40 -0.19
C ALA A 16 -9.52 3.49 -0.04
N LEU A 17 -8.96 4.64 -0.39
CA LEU A 17 -7.52 4.85 -0.30
C LEU A 17 -7.07 4.72 1.16
N ALA A 18 -7.81 5.34 2.06
CA ALA A 18 -7.48 5.28 3.48
C ALA A 18 -7.50 3.84 3.98
N GLY A 19 -8.44 3.05 3.47
CA GLY A 19 -8.57 1.65 3.87
C GLY A 19 -7.31 0.86 3.51
N VAL A 20 -6.73 1.15 2.33
CA VAL A 20 -5.51 0.49 1.89
C VAL A 20 -4.37 0.81 2.85
N LEU A 21 -4.31 2.08 3.25
CA LEU A 21 -3.26 2.56 4.17
C LEU A 21 -3.34 1.81 5.50
N ILE A 22 -4.55 1.53 5.97
CA ILE A 22 -4.74 0.82 7.22
C ILE A 22 -4.16 -0.59 7.11
N LEU A 23 -4.41 -1.23 5.97
CA LEU A 23 -3.93 -2.58 5.75
C LEU A 23 -2.40 -2.63 5.81
N VAL A 24 -1.76 -1.63 5.24
CA VAL A 24 -0.31 -1.55 5.23
C VAL A 24 0.23 -1.40 6.65
N LEU A 25 -0.45 -0.58 7.45
CA LEU A 25 -0.01 -0.36 8.83
C LEU A 25 -0.04 -1.65 9.62
N LEU A 26 -1.07 -2.45 9.40
CA LEU A 26 -1.18 -3.71 10.11
C LEU A 26 0.01 -4.59 9.77
N ALA A 27 0.38 -4.59 8.49
CA ALA A 27 1.52 -5.38 8.04
C ALA A 27 2.75 -5.02 8.85
N TYR A 28 3.00 -3.72 8.99
CA TYR A 28 4.13 -3.22 9.74
C TYR A 28 3.98 -3.57 11.22
N PHE A 29 2.74 -3.53 11.70
CA PHE A 29 2.45 -3.82 13.11
C PHE A 29 2.98 -5.21 13.48
N ILE A 30 2.71 -6.18 12.62
CA ILE A 30 3.17 -7.56 12.86
C ILE A 30 4.70 -7.61 12.81
N GLY A 31 5.28 -6.90 11.84
CA GLY A 31 6.74 -6.87 11.70
C GLY A 31 7.40 -6.28 12.93
N LEU A 32 6.73 -5.32 13.56
CA LEU A 32 7.26 -4.68 14.75
C LEU A 32 7.46 -5.71 15.86
N LYS A 33 6.47 -6.61 16.03
CA LYS A 33 6.55 -7.63 17.06
C LYS A 33 7.34 -8.84 16.56
N HIS A 34 7.94 -9.57 17.50
CA HIS A 34 8.73 -10.75 17.15
C HIS A 34 9.72 -10.40 16.04
N HIS A 35 10.38 -9.26 16.17
CA HIS A 35 11.35 -8.84 15.17
C HIS A 35 12.68 -9.57 15.38
N HIS A 36 13.25 -10.07 14.29
CA HIS A 36 14.52 -10.79 14.37
C HIS A 36 15.67 -9.81 14.56
N ALA A 37 16.63 -10.19 15.40
CA ALA A 37 17.78 -9.34 15.67
C ALA A 37 18.78 -9.42 14.52
N GLY A 38 18.57 -10.36 13.62
CA GLY A 38 19.45 -10.53 12.47
C GLY A 38 19.42 -9.30 11.57
N TYR A 39 18.23 -8.69 11.44
CA TYR A 39 18.05 -7.51 10.60
C TYR A 39 17.76 -6.29 11.47
N GLU A 40 18.38 -5.16 11.12
CA GLU A 40 18.18 -3.92 11.88
C GLU A 40 17.97 -2.74 10.92
N GLN A 41 17.12 -1.79 11.33
CA GLN A 41 16.87 -0.61 10.50
C GLN A 41 18.08 0.32 10.53
N PHE A 42 18.52 0.74 9.35
CA PHE A 42 19.67 1.63 9.27
C PHE A 42 20.85 1.06 10.06
N SER B 1 -17.46 14.58 -28.10
CA SER B 1 -18.71 14.55 -27.29
C SER B 1 -18.45 15.21 -25.94
N ALA B 2 -17.19 15.27 -25.55
CA ALA B 2 -16.81 15.88 -24.27
C ALA B 2 -15.37 16.37 -24.32
N ASP B 3 -15.10 17.44 -23.57
CA ASP B 3 -13.76 18.02 -23.52
C ASP B 3 -13.02 17.54 -22.27
N ASP B 4 -11.97 16.74 -22.47
CA ASP B 4 -11.19 16.22 -21.35
C ASP B 4 -10.06 17.19 -21.00
N ASP B 5 -10.22 17.88 -19.87
CA ASP B 5 -9.22 18.83 -19.42
C ASP B 5 -8.17 18.14 -18.55
N ASN B 6 -8.35 16.83 -18.36
CA ASN B 6 -7.41 16.04 -17.56
C ASN B 6 -6.19 15.65 -18.39
N PHE B 7 -5.05 16.24 -18.06
CA PHE B 7 -3.82 15.94 -18.79
C PHE B 7 -3.46 14.45 -18.66
N LEU B 8 -3.60 13.93 -17.44
CA LEU B 8 -3.28 12.52 -17.19
C LEU B 8 -4.52 11.65 -17.41
N VAL B 9 -4.34 10.57 -18.16
CA VAL B 9 -5.46 9.68 -18.45
C VAL B 9 -5.88 8.91 -17.18
N PRO B 10 -7.16 8.90 -16.83
CA PRO B 10 -7.64 8.19 -15.61
C PRO B 10 -7.59 6.66 -15.78
N ILE B 11 -7.50 6.20 -17.02
CA ILE B 11 -7.47 4.76 -17.29
C ILE B 11 -6.24 4.10 -16.68
N ALA B 12 -5.08 4.74 -16.84
CA ALA B 12 -3.83 4.20 -16.29
C ALA B 12 -3.78 4.38 -14.78
N VAL B 13 -4.58 5.32 -14.26
CA VAL B 13 -4.61 5.59 -12.83
C VAL B 13 -5.19 4.39 -12.08
N GLY B 14 -6.27 3.82 -12.62
CA GLY B 14 -6.91 2.68 -11.98
C GLY B 14 -5.94 1.50 -11.87
N ALA B 15 -5.15 1.30 -12.93
CA ALA B 15 -4.19 0.20 -12.93
C ALA B 15 -3.11 0.43 -11.87
N ALA B 16 -2.72 1.68 -11.69
CA ALA B 16 -1.70 2.01 -10.70
C ALA B 16 -2.15 1.60 -9.30
N LEU B 17 -3.39 1.93 -8.96
CA LEU B 17 -3.93 1.58 -7.65
C LEU B 17 -4.07 0.07 -7.52
N ALA B 18 -4.53 -0.58 -8.58
CA ALA B 18 -4.71 -2.02 -8.57
C ALA B 18 -3.37 -2.72 -8.38
N GLY B 19 -2.34 -2.19 -9.03
CA GLY B 19 -1.00 -2.77 -8.93
C GLY B 19 -0.51 -2.75 -7.49
N VAL B 20 -0.75 -1.64 -6.80
CA VAL B 20 -0.32 -1.51 -5.41
C VAL B 20 -1.09 -2.47 -4.50
N LEU B 21 -2.39 -2.57 -4.72
CA LEU B 21 -3.20 -3.45 -3.88
C LEU B 21 -2.72 -4.88 -4.03
N ILE B 22 -2.39 -5.29 -5.25
CA ILE B 22 -1.89 -6.65 -5.48
C ILE B 22 -0.55 -6.85 -4.77
N LEU B 23 0.31 -5.84 -4.84
CA LEU B 23 1.61 -5.92 -4.20
C LEU B 23 1.46 -6.11 -2.69
N VAL B 24 0.50 -5.41 -2.11
CA VAL B 24 0.25 -5.49 -0.67
C VAL B 24 -0.19 -6.90 -0.28
N LEU B 25 -1.06 -7.48 -1.10
CA LEU B 25 -1.56 -8.83 -0.82
C LEU B 25 -0.42 -9.83 -0.80
N LEU B 26 0.51 -9.68 -1.72
CA LEU B 26 1.64 -10.59 -1.77
C LEU B 26 2.43 -10.49 -0.47
N ALA B 27 2.63 -9.26 -0.02
CA ALA B 27 3.37 -9.02 1.22
C ALA B 27 2.60 -9.60 2.40
N TYR B 28 1.28 -9.50 2.34
CA TYR B 28 0.42 -10.02 3.40
C TYR B 28 0.60 -11.54 3.54
N PHE B 29 0.62 -12.23 2.42
CA PHE B 29 0.78 -13.69 2.42
C PHE B 29 2.14 -14.07 2.99
N ILE B 30 3.17 -13.33 2.61
CA ILE B 30 4.52 -13.59 3.09
C ILE B 30 4.58 -13.39 4.61
N GLY B 31 3.93 -12.31 5.08
CA GLY B 31 3.94 -12.02 6.51
C GLY B 31 3.35 -13.19 7.31
N LEU B 32 2.11 -13.55 7.00
CA LEU B 32 1.45 -14.65 7.69
C LEU B 32 2.16 -15.96 7.41
N LYS B 33 2.57 -16.14 6.16
CA LYS B 33 3.26 -17.36 5.74
C LYS B 33 2.30 -18.55 5.74
N HIS B 34 1.35 -18.54 6.67
CA HIS B 34 0.37 -19.63 6.76
C HIS B 34 -0.92 -19.12 7.39
N HIS B 35 -2.03 -19.72 6.99
CA HIS B 35 -3.34 -19.32 7.51
C HIS B 35 -3.62 -20.03 8.83
N HIS B 36 -4.00 -19.26 9.84
CA HIS B 36 -4.30 -19.83 11.15
C HIS B 36 -5.60 -20.61 11.11
N ALA B 37 -5.63 -21.74 11.81
CA ALA B 37 -6.82 -22.59 11.84
C ALA B 37 -7.86 -22.00 12.79
N GLY B 38 -7.45 -21.01 13.57
CA GLY B 38 -8.36 -20.36 14.51
C GLY B 38 -9.50 -19.66 13.78
N TYR B 39 -9.17 -19.03 12.66
CA TYR B 39 -10.17 -18.33 11.87
C TYR B 39 -10.90 -19.30 10.96
N GLU B 40 -12.23 -19.22 10.95
CA GLU B 40 -13.05 -20.11 10.10
C GLU B 40 -13.48 -19.38 8.83
N GLN B 41 -13.32 -20.05 7.70
CA GLN B 41 -13.69 -19.44 6.42
C GLN B 41 -15.12 -18.93 6.48
N PHE B 42 -15.38 -17.83 5.78
CA PHE B 42 -16.72 -17.25 5.78
C PHE B 42 -17.67 -18.10 4.94
N SER C 1 -21.91 25.42 -14.20
CA SER C 1 -20.71 24.79 -13.57
C SER C 1 -20.55 23.37 -14.09
N ALA C 2 -20.20 23.27 -15.37
CA ALA C 2 -20.01 21.96 -16.00
C ALA C 2 -18.84 21.22 -15.35
N ASP C 3 -17.78 21.98 -15.04
CA ASP C 3 -16.58 21.40 -14.41
C ASP C 3 -16.30 22.09 -13.08
N ASP C 4 -16.50 21.35 -11.99
CA ASP C 4 -16.27 21.89 -10.65
C ASP C 4 -14.82 21.69 -10.24
N ASP C 5 -14.09 22.80 -10.08
CA ASP C 5 -12.69 22.74 -9.69
C ASP C 5 -12.56 22.80 -8.17
N ASN C 6 -12.20 21.66 -7.57
CA ASN C 6 -12.04 21.58 -6.12
C ASN C 6 -10.57 21.59 -5.74
N PHE C 7 -9.71 21.85 -6.72
CA PHE C 7 -8.27 21.88 -6.49
C PHE C 7 -7.81 20.64 -5.76
N LEU C 8 -7.94 20.65 -4.44
CA LEU C 8 -7.53 19.53 -3.61
C LEU C 8 -6.01 19.37 -3.64
N VAL C 9 -5.35 20.26 -4.36
CA VAL C 9 -3.89 20.22 -4.48
C VAL C 9 -3.45 18.91 -5.13
N PRO C 10 -3.62 18.80 -6.42
CA PRO C 10 -3.23 17.58 -7.18
C PRO C 10 -1.76 17.21 -6.97
N ILE C 11 -0.92 18.21 -6.76
CA ILE C 11 0.50 17.98 -6.57
C ILE C 11 0.76 17.17 -5.30
N ALA C 12 0.09 17.55 -4.22
CA ALA C 12 0.26 16.85 -2.94
C ALA C 12 -0.36 15.45 -2.99
N VAL C 13 -1.27 15.24 -3.94
CA VAL C 13 -1.92 13.93 -4.08
C VAL C 13 -0.91 12.89 -4.55
N GLY C 14 -0.08 13.26 -5.52
CA GLY C 14 0.93 12.35 -6.04
C GLY C 14 1.93 11.97 -4.97
N ALA C 15 2.29 12.94 -4.13
CA ALA C 15 3.26 12.68 -3.06
C ALA C 15 2.69 11.70 -2.04
N ALA C 16 1.41 11.85 -1.74
CA ALA C 16 0.76 10.96 -0.78
C ALA C 16 0.77 9.52 -1.28
N LEU C 17 0.40 9.34 -2.55
CA LEU C 17 0.38 8.01 -3.15
C LEU C 17 1.80 7.44 -3.22
N ALA C 18 2.75 8.27 -3.59
CA ALA C 18 4.14 7.84 -3.70
C ALA C 18 4.66 7.42 -2.33
N GLY C 19 4.24 8.14 -1.29
CA GLY C 19 4.67 7.84 0.07
C GLY C 19 4.24 6.42 0.48
N VAL C 20 3.00 6.06 0.14
CA VAL C 20 2.48 4.74 0.47
C VAL C 20 3.29 3.65 -0.25
N LEU C 21 3.58 3.90 -1.52
CA LEU C 21 4.34 2.93 -2.31
C LEU C 21 5.72 2.70 -1.69
N ILE C 22 6.33 3.77 -1.17
CA ILE C 22 7.64 3.66 -0.54
C ILE C 22 7.55 2.76 0.69
N LEU C 23 6.49 2.93 1.47
CA LEU C 23 6.30 2.13 2.68
C LEU C 23 6.17 0.65 2.32
N VAL C 24 5.46 0.37 1.24
CA VAL C 24 5.27 -1.00 0.79
C VAL C 24 6.60 -1.64 0.40
N LEU C 25 7.45 -0.87 -0.26
CA LEU C 25 8.76 -1.37 -0.69
C LEU C 25 9.58 -1.79 0.52
N LEU C 26 9.53 -1.00 1.57
CA LEU C 26 10.28 -1.32 2.77
C LEU C 26 9.80 -2.66 3.33
N ALA C 27 8.49 -2.83 3.35
CA ALA C 27 7.88 -4.06 3.85
C ALA C 27 8.23 -5.21 2.93
N TYR C 28 8.26 -4.93 1.62
CA TYR C 28 8.58 -5.95 0.63
C TYR C 28 9.98 -6.51 0.87
N PHE C 29 10.93 -5.63 1.15
CA PHE C 29 12.30 -6.04 1.40
C PHE C 29 12.38 -6.94 2.63
N ILE C 30 11.70 -6.53 3.70
CA ILE C 30 11.68 -7.30 4.93
C ILE C 30 11.01 -8.66 4.69
N GLY C 31 9.91 -8.65 3.95
CA GLY C 31 9.19 -9.88 3.65
C GLY C 31 10.03 -10.80 2.79
N LEU C 32 10.82 -10.22 1.89
CA LEU C 32 11.66 -11.02 1.00
C LEU C 32 12.67 -11.81 1.81
N LYS C 33 13.27 -11.17 2.80
CA LYS C 33 14.26 -11.84 3.64
C LYS C 33 15.38 -12.43 2.78
N HIS C 34 16.51 -11.74 2.73
CA HIS C 34 17.65 -12.21 1.95
C HIS C 34 18.35 -13.36 2.66
N HIS C 35 18.58 -14.45 1.95
CA HIS C 35 19.24 -15.61 2.53
C HIS C 35 20.76 -15.38 2.59
N HIS C 36 21.38 -15.91 3.64
CA HIS C 36 22.82 -15.77 3.81
C HIS C 36 23.56 -16.76 2.92
N ALA C 37 24.74 -16.36 2.45
CA ALA C 37 25.54 -17.22 1.58
C ALA C 37 26.25 -18.30 2.40
N GLY C 38 26.21 -18.15 3.72
CA GLY C 38 26.85 -19.11 4.61
C GLY C 38 26.20 -20.48 4.49
N TYR C 39 24.88 -20.50 4.30
CA TYR C 39 24.14 -21.74 4.17
C TYR C 39 24.31 -22.30 2.75
N GLU C 40 24.55 -23.60 2.65
CA GLU C 40 24.72 -24.24 1.35
C GLU C 40 23.36 -24.46 0.70
N GLN C 41 23.13 -23.81 -0.45
CA GLN C 41 21.86 -23.97 -1.15
C GLN C 41 21.82 -25.32 -1.86
N PHE C 42 20.81 -26.12 -1.54
CA PHE C 42 20.67 -27.43 -2.17
C PHE C 42 20.07 -27.31 -3.56
N SER A 1 -13.49 17.56 -23.07
CA SER A 1 -14.39 18.31 -22.14
C SER A 1 -13.63 18.66 -20.87
N ALA A 2 -14.34 19.25 -19.91
CA ALA A 2 -13.72 19.63 -18.64
C ALA A 2 -13.24 18.39 -17.90
N ASP A 3 -14.03 17.32 -17.97
CA ASP A 3 -13.68 16.07 -17.29
C ASP A 3 -13.82 14.89 -18.25
N ASP A 4 -12.71 14.47 -18.84
CA ASP A 4 -12.73 13.34 -19.77
C ASP A 4 -13.08 12.05 -19.07
N ASP A 5 -12.54 11.87 -17.86
CA ASP A 5 -12.80 10.65 -17.08
C ASP A 5 -13.87 10.92 -16.02
N ASN A 6 -15.04 10.31 -16.22
CA ASN A 6 -16.15 10.48 -15.29
C ASN A 6 -16.11 9.40 -14.19
N PHE A 7 -15.74 9.81 -12.99
CA PHE A 7 -15.66 8.87 -11.87
C PHE A 7 -17.03 8.28 -11.58
N LEU A 8 -18.05 9.14 -11.62
CA LEU A 8 -19.43 8.72 -11.34
C LEU A 8 -19.60 8.39 -9.87
N VAL A 9 -18.59 7.74 -9.28
CA VAL A 9 -18.64 7.37 -7.86
C VAL A 9 -17.27 7.57 -7.22
N PRO A 10 -16.74 8.77 -7.31
CA PRO A 10 -15.41 9.10 -6.72
C PRO A 10 -15.41 9.06 -5.20
N ILE A 11 -16.60 9.11 -4.61
CA ILE A 11 -16.73 9.09 -3.16
C ILE A 11 -16.27 7.74 -2.59
N ALA A 12 -16.70 6.65 -3.21
CA ALA A 12 -16.31 5.32 -2.74
C ALA A 12 -14.84 5.04 -3.04
N VAL A 13 -14.27 5.79 -3.99
CA VAL A 13 -12.86 5.60 -4.34
C VAL A 13 -11.96 6.02 -3.19
N GLY A 14 -12.28 7.16 -2.56
CA GLY A 14 -11.49 7.66 -1.46
C GLY A 14 -11.55 6.70 -0.27
N ALA A 15 -12.71 6.09 -0.06
CA ALA A 15 -12.89 5.16 1.05
C ALA A 15 -11.95 3.97 0.89
N ALA A 16 -11.85 3.47 -0.34
CA ALA A 16 -10.97 2.34 -0.62
C ALA A 16 -9.52 2.71 -0.39
N LEU A 17 -9.16 3.93 -0.72
CA LEU A 17 -7.78 4.39 -0.56
C LEU A 17 -7.39 4.34 0.92
N ALA A 18 -8.28 4.79 1.78
CA ALA A 18 -8.02 4.78 3.22
C ALA A 18 -7.87 3.35 3.72
N GLY A 19 -8.66 2.43 3.16
CA GLY A 19 -8.61 1.04 3.56
C GLY A 19 -7.24 0.43 3.26
N VAL A 20 -6.71 0.76 2.09
CA VAL A 20 -5.40 0.24 1.69
C VAL A 20 -4.31 0.79 2.60
N LEU A 21 -4.40 2.09 2.91
CA LEU A 21 -3.42 2.73 3.76
C LEU A 21 -3.40 2.08 5.15
N ILE A 22 -4.58 1.77 5.68
CA ILE A 22 -4.69 1.13 6.98
C ILE A 22 -4.09 -0.27 6.93
N LEU A 23 -4.37 -0.99 5.85
CA LEU A 23 -3.86 -2.35 5.69
C LEU A 23 -2.34 -2.36 5.71
N VAL A 24 -1.73 -1.37 5.05
CA VAL A 24 -0.27 -1.28 5.00
C VAL A 24 0.31 -1.05 6.40
N LEU A 25 -0.35 -0.19 7.17
CA LEU A 25 0.13 0.11 8.53
C LEU A 25 0.13 -1.15 9.38
N LEU A 26 -0.91 -1.97 9.25
CA LEU A 26 -0.99 -3.21 10.03
C LEU A 26 0.18 -4.10 9.66
N ALA A 27 0.49 -4.17 8.37
CA ALA A 27 1.60 -4.99 7.90
C ALA A 27 2.88 -4.55 8.58
N TYR A 28 3.12 -3.24 8.57
CA TYR A 28 4.31 -2.68 9.20
C TYR A 28 4.28 -2.92 10.71
N PHE A 29 3.08 -2.87 11.27
CA PHE A 29 2.92 -3.07 12.72
C PHE A 29 3.49 -4.43 13.13
N ILE A 30 3.15 -5.46 12.36
CA ILE A 30 3.64 -6.81 12.65
C ILE A 30 5.17 -6.84 12.52
N GLY A 31 5.68 -6.22 11.46
CA GLY A 31 7.11 -6.19 11.23
C GLY A 31 7.84 -5.42 12.33
N LEU A 32 7.17 -4.42 12.88
CA LEU A 32 7.77 -3.61 13.95
C LEU A 32 8.08 -4.48 15.15
N LYS A 33 7.17 -5.38 15.49
CA LYS A 33 7.36 -6.27 16.63
C LYS A 33 7.62 -5.47 17.90
N HIS A 34 6.95 -4.31 18.01
CA HIS A 34 7.11 -3.46 19.18
C HIS A 34 8.59 -3.24 19.48
N HIS A 35 9.13 -2.13 18.96
CA HIS A 35 10.53 -1.81 19.18
C HIS A 35 10.76 -1.40 20.64
N HIS A 36 11.82 -1.92 21.23
CA HIS A 36 12.15 -1.59 22.62
C HIS A 36 12.79 -0.20 22.71
N ALA A 37 12.38 0.57 23.70
CA ALA A 37 12.92 1.92 23.89
C ALA A 37 14.30 1.85 24.53
N GLY A 38 14.67 0.67 25.03
CA GLY A 38 15.97 0.49 25.67
C GLY A 38 17.09 0.72 24.66
N TYR A 39 16.89 0.24 23.44
CA TYR A 39 17.89 0.39 22.37
C TYR A 39 17.41 1.39 21.32
N GLU A 40 18.30 2.28 20.90
CA GLU A 40 17.96 3.28 19.90
C GLU A 40 18.14 2.71 18.49
N GLN A 41 17.05 2.59 17.75
CA GLN A 41 17.11 2.06 16.40
C GLN A 41 17.59 3.15 15.43
N PHE A 42 18.59 2.82 14.62
CA PHE A 42 19.12 3.78 13.67
C PHE A 42 20.05 3.08 12.67
N SER B 1 11.95 9.68 -11.03
CA SER B 1 11.43 10.28 -9.78
C SER B 1 9.95 10.60 -9.94
N ALA B 2 9.60 11.27 -11.04
CA ALA B 2 8.22 11.63 -11.31
C ALA B 2 7.59 12.27 -10.07
N ASP B 3 8.29 13.26 -9.51
CA ASP B 3 7.79 13.96 -8.32
C ASP B 3 6.46 14.64 -8.62
N ASP B 4 6.38 15.29 -9.78
CA ASP B 4 5.14 15.97 -10.17
C ASP B 4 4.24 15.04 -10.96
N ASP B 5 3.12 14.67 -10.35
CA ASP B 5 2.17 13.78 -11.01
C ASP B 5 1.50 14.48 -12.18
N ASN B 6 1.26 13.73 -13.26
CA ASN B 6 0.62 14.28 -14.45
C ASN B 6 -0.85 13.88 -14.50
N PHE B 7 -1.71 14.81 -14.92
CA PHE B 7 -3.15 14.56 -15.01
C PHE B 7 -3.55 14.28 -16.46
N LEU B 8 -2.55 14.15 -17.34
CA LEU B 8 -2.81 13.89 -18.75
C LEU B 8 -2.79 12.39 -19.02
N VAL B 9 -2.52 11.60 -17.97
CA VAL B 9 -2.48 10.14 -18.10
C VAL B 9 -3.09 9.48 -16.86
N PRO B 10 -4.29 9.86 -16.51
CA PRO B 10 -5.00 9.29 -15.33
C PRO B 10 -5.32 7.81 -15.50
N ILE B 11 -5.33 7.35 -16.75
CA ILE B 11 -5.64 5.95 -17.03
C ILE B 11 -4.55 5.04 -16.46
N ALA B 12 -3.29 5.42 -16.65
CA ALA B 12 -2.18 4.61 -16.14
C ALA B 12 -2.10 4.70 -14.61
N VAL B 13 -2.70 5.75 -14.04
CA VAL B 13 -2.67 5.92 -12.59
C VAL B 13 -3.49 4.82 -11.90
N GLY B 14 -4.67 4.53 -12.46
CA GLY B 14 -5.53 3.51 -11.89
C GLY B 14 -4.88 2.12 -11.96
N ALA B 15 -4.17 1.87 -13.05
CA ALA B 15 -3.49 0.58 -13.23
C ALA B 15 -2.45 0.39 -12.14
N ALA B 16 -1.72 1.46 -11.82
CA ALA B 16 -0.69 1.39 -10.80
C ALA B 16 -1.31 1.11 -9.43
N LEU B 17 -2.49 1.67 -9.19
CA LEU B 17 -3.17 1.48 -7.92
C LEU B 17 -3.47 -0.01 -7.71
N ALA B 18 -3.96 -0.67 -8.75
CA ALA B 18 -4.27 -2.09 -8.67
C ALA B 18 -3.01 -2.90 -8.40
N GLY B 19 -1.91 -2.49 -9.03
CA GLY B 19 -0.64 -3.19 -8.84
C GLY B 19 -0.18 -3.13 -7.39
N VAL B 20 -0.32 -1.96 -6.79
CA VAL B 20 0.08 -1.76 -5.41
C VAL B 20 -0.82 -2.57 -4.47
N LEU B 21 -2.12 -2.55 -4.74
CA LEU B 21 -3.08 -3.25 -3.89
C LEU B 21 -2.77 -4.75 -3.89
N ILE B 22 -2.41 -5.30 -5.05
CA ILE B 22 -2.05 -6.71 -5.15
C ILE B 22 -0.79 -7.01 -4.35
N LEU B 23 0.19 -6.11 -4.45
CA LEU B 23 1.45 -6.28 -3.74
C LEU B 23 1.22 -6.31 -2.23
N VAL B 24 0.33 -5.44 -1.75
CA VAL B 24 0.02 -5.38 -0.32
C VAL B 24 -0.63 -6.68 0.15
N LEU B 25 -1.53 -7.22 -0.68
CA LEU B 25 -2.23 -8.46 -0.34
C LEU B 25 -1.23 -9.60 -0.17
N LEU B 26 -0.24 -9.66 -1.06
CA LEU B 26 0.76 -10.71 -0.98
C LEU B 26 1.51 -10.60 0.34
N ALA B 27 1.84 -9.37 0.72
CA ALA B 27 2.56 -9.13 1.97
C ALA B 27 1.76 -9.71 3.13
N TYR B 28 0.46 -9.42 3.16
CA TYR B 28 -0.41 -9.92 4.20
C TYR B 28 -0.50 -11.45 4.14
N PHE B 29 -0.48 -11.98 2.91
CA PHE B 29 -0.56 -13.43 2.73
C PHE B 29 0.56 -14.13 3.48
N ILE B 30 1.77 -13.60 3.36
CA ILE B 30 2.92 -14.19 4.05
C ILE B 30 2.75 -14.06 5.55
N GLY B 31 2.26 -12.90 6.00
CA GLY B 31 2.06 -12.68 7.43
C GLY B 31 1.04 -13.65 8.00
N LEU B 32 0.05 -14.03 7.18
CA LEU B 32 -0.99 -14.95 7.63
C LEU B 32 -0.37 -16.30 7.99
N LYS B 33 0.57 -16.76 7.16
CA LYS B 33 1.23 -18.04 7.39
C LYS B 33 0.21 -19.17 7.43
N HIS B 34 0.60 -20.34 6.93
CA HIS B 34 -0.29 -21.49 6.92
C HIS B 34 -0.74 -21.84 8.33
N HIS B 35 0.20 -21.78 9.28
CA HIS B 35 -0.11 -22.09 10.67
C HIS B 35 -0.72 -20.88 11.36
N HIS B 36 -1.79 -21.10 12.11
CA HIS B 36 -2.47 -20.02 12.82
C HIS B 36 -1.66 -19.63 14.07
N ALA B 37 -1.48 -18.33 14.25
CA ALA B 37 -0.73 -17.84 15.41
C ALA B 37 -1.60 -17.88 16.67
N GLY B 38 -2.90 -18.09 16.47
CA GLY B 38 -3.82 -18.16 17.60
C GLY B 38 -3.51 -19.34 18.51
N TYR B 39 -3.10 -20.45 17.90
CA TYR B 39 -2.76 -21.65 18.65
C TYR B 39 -1.24 -21.86 18.67
N GLU B 40 -0.71 -22.20 19.85
CA GLU B 40 0.73 -22.42 20.00
C GLU B 40 1.04 -23.91 19.97
N GLN B 41 1.81 -24.34 18.97
CA GLN B 41 2.18 -25.74 18.84
C GLN B 41 3.69 -25.88 18.66
N PHE B 42 4.24 -26.96 19.19
CA PHE B 42 5.69 -27.21 19.08
C PHE B 42 6.03 -28.61 19.55
N SER C 1 -23.71 26.96 4.19
CA SER C 1 -22.92 28.20 4.00
C SER C 1 -22.18 28.13 2.66
N ALA C 2 -21.77 26.92 2.29
CA ALA C 2 -21.04 26.72 1.03
C ALA C 2 -21.31 25.32 0.48
N ASP C 3 -21.20 25.17 -0.84
CA ASP C 3 -21.44 23.88 -1.50
C ASP C 3 -20.19 23.46 -2.28
N ASP C 4 -19.03 23.93 -1.84
CA ASP C 4 -17.77 23.59 -2.49
C ASP C 4 -17.20 22.30 -1.92
N ASP C 5 -17.93 21.68 -1.01
CA ASP C 5 -17.49 20.44 -0.39
C ASP C 5 -17.90 19.24 -1.23
N ASN C 6 -18.56 19.52 -2.36
CA ASN C 6 -19.02 18.45 -3.24
C ASN C 6 -17.83 17.67 -3.79
N PHE C 7 -16.76 18.38 -4.16
CA PHE C 7 -15.56 17.75 -4.69
C PHE C 7 -14.34 18.10 -3.83
N LEU C 8 -13.92 17.15 -2.99
CA LEU C 8 -12.76 17.36 -2.13
C LEU C 8 -11.64 16.41 -2.51
N VAL C 9 -10.46 16.97 -2.78
CA VAL C 9 -9.31 16.16 -3.16
C VAL C 9 -8.06 17.04 -3.27
N PRO C 10 -7.48 17.40 -2.14
CA PRO C 10 -6.25 18.26 -2.11
C PRO C 10 -5.08 17.60 -2.85
N ILE C 11 -4.22 18.43 -3.44
CA ILE C 11 -3.08 17.92 -4.18
C ILE C 11 -2.12 17.16 -3.26
N ALA C 12 -1.89 17.72 -2.08
CA ALA C 12 -1.00 17.08 -1.11
C ALA C 12 -1.25 15.57 -1.06
N VAL C 13 -2.41 15.13 -1.53
CA VAL C 13 -2.75 13.71 -1.53
C VAL C 13 -1.75 12.93 -2.38
N GLY C 14 -1.34 13.51 -3.51
CA GLY C 14 -0.40 12.85 -4.40
C GLY C 14 0.93 12.60 -3.68
N ALA C 15 1.37 13.57 -2.90
CA ALA C 15 2.63 13.44 -2.17
C ALA C 15 2.55 12.28 -1.18
N ALA C 16 1.41 12.16 -0.51
CA ALA C 16 1.20 11.09 0.46
C ALA C 16 1.21 9.73 -0.24
N LEU C 17 0.68 9.69 -1.45
CA LEU C 17 0.64 8.44 -2.21
C LEU C 17 2.06 7.94 -2.46
N ALA C 18 2.95 8.84 -2.84
CA ALA C 18 4.33 8.47 -3.09
C ALA C 18 4.99 7.92 -1.83
N GLY C 19 4.67 8.53 -0.69
CA GLY C 19 5.23 8.09 0.59
C GLY C 19 4.78 6.68 0.92
N VAL C 20 3.50 6.41 0.67
CA VAL C 20 2.94 5.09 0.96
C VAL C 20 3.54 4.04 0.04
N LEU C 21 3.69 4.38 -1.24
CA LEU C 21 4.24 3.46 -2.22
C LEU C 21 5.66 3.06 -1.82
N ILE C 22 6.45 4.02 -1.34
CA ILE C 22 7.81 3.74 -0.91
C ILE C 22 7.82 2.83 0.30
N LEU C 23 6.90 3.10 1.24
CA LEU C 23 6.81 2.30 2.45
C LEU C 23 6.50 0.85 2.11
N VAL C 24 5.61 0.64 1.15
CA VAL C 24 5.24 -0.71 0.73
C VAL C 24 6.44 -1.45 0.15
N LEU C 25 7.24 -0.75 -0.64
CA LEU C 25 8.42 -1.36 -1.27
C LEU C 25 9.39 -1.85 -0.19
N LEU C 26 9.58 -1.05 0.84
CA LEU C 26 10.48 -1.44 1.91
C LEU C 26 9.97 -2.70 2.58
N ALA C 27 8.66 -2.75 2.81
CA ALA C 27 8.05 -3.93 3.42
C ALA C 27 8.32 -5.15 2.57
N TYR C 28 8.07 -5.02 1.27
CA TYR C 28 8.30 -6.11 0.33
C TYR C 28 9.78 -6.46 0.28
N PHE C 29 10.63 -5.44 0.39
CA PHE C 29 12.07 -5.65 0.34
C PHE C 29 12.50 -6.67 1.40
N ILE C 30 12.00 -6.49 2.62
CA ILE C 30 12.33 -7.42 3.70
C ILE C 30 11.79 -8.81 3.40
N GLY C 31 10.56 -8.86 2.89
CA GLY C 31 9.92 -10.14 2.56
C GLY C 31 10.69 -10.85 1.46
N LEU C 32 11.27 -10.09 0.54
CA LEU C 32 12.03 -10.67 -0.56
C LEU C 32 13.22 -11.47 -0.02
N LYS C 33 13.91 -10.90 0.97
CA LYS C 33 15.06 -11.57 1.56
C LYS C 33 14.64 -12.44 2.73
N HIS C 34 15.17 -13.67 2.78
CA HIS C 34 14.84 -14.59 3.85
C HIS C 34 15.93 -15.66 3.98
N HIS C 35 15.97 -16.33 5.13
CA HIS C 35 16.97 -17.37 5.36
C HIS C 35 16.48 -18.70 4.82
N HIS C 36 17.25 -19.28 3.90
CA HIS C 36 16.88 -20.56 3.31
C HIS C 36 17.12 -21.71 4.30
N ALA C 37 16.19 -22.65 4.34
CA ALA C 37 16.30 -23.78 5.25
C ALA C 37 17.28 -24.81 4.71
N GLY C 38 17.69 -24.64 3.44
CA GLY C 38 18.62 -25.56 2.83
C GLY C 38 19.97 -25.55 3.55
N TYR C 39 20.39 -24.36 3.97
CA TYR C 39 21.66 -24.22 4.68
C TYR C 39 21.47 -24.50 6.16
N GLU C 40 22.33 -25.35 6.72
CA GLU C 40 22.26 -25.69 8.14
C GLU C 40 23.64 -25.67 8.77
N GLN C 41 23.71 -25.34 10.05
CA GLN C 41 24.98 -25.30 10.76
C GLN C 41 25.73 -26.63 10.58
N PHE C 42 27.03 -26.54 10.34
CA PHE C 42 27.83 -27.75 10.15
C PHE C 42 27.81 -28.60 11.41
N SER A 1 -33.48 4.66 -14.48
CA SER A 1 -32.62 3.44 -14.50
C SER A 1 -31.29 3.77 -15.17
N ALA A 2 -30.69 4.89 -14.77
CA ALA A 2 -29.42 5.30 -15.34
C ALA A 2 -28.30 4.40 -14.86
N ASP A 3 -27.37 4.08 -15.76
CA ASP A 3 -26.24 3.21 -15.43
C ASP A 3 -24.99 4.05 -15.14
N ASP A 4 -24.57 4.07 -13.88
CA ASP A 4 -23.39 4.83 -13.48
C ASP A 4 -23.55 6.30 -13.88
N ASP A 5 -24.65 6.90 -13.44
CA ASP A 5 -24.91 8.31 -13.74
C ASP A 5 -23.83 9.20 -13.15
N ASN A 6 -23.34 8.83 -11.97
CA ASN A 6 -22.31 9.60 -11.30
C ASN A 6 -20.92 9.14 -11.75
N PHE A 7 -20.38 9.81 -12.77
CA PHE A 7 -19.07 9.46 -13.29
C PHE A 7 -17.99 9.71 -12.24
N LEU A 8 -18.10 10.84 -11.55
CA LEU A 8 -17.12 11.20 -10.51
C LEU A 8 -17.50 10.54 -9.20
N VAL A 9 -16.51 9.94 -8.54
CA VAL A 9 -16.73 9.27 -7.27
C VAL A 9 -15.49 9.37 -6.38
N PRO A 10 -14.97 10.57 -6.22
CA PRO A 10 -13.76 10.82 -5.38
C PRO A 10 -14.01 10.49 -3.90
N ILE A 11 -15.27 10.51 -3.50
CA ILE A 11 -15.62 10.23 -2.11
C ILE A 11 -15.24 8.81 -1.71
N ALA A 12 -15.54 7.85 -2.58
CA ALA A 12 -15.23 6.44 -2.30
C ALA A 12 -13.74 6.17 -2.49
N VAL A 13 -13.07 7.04 -3.25
CA VAL A 13 -11.64 6.89 -3.51
C VAL A 13 -10.85 7.09 -2.22
N GLY A 14 -11.22 8.12 -1.45
CA GLY A 14 -10.53 8.41 -0.20
C GLY A 14 -10.65 7.24 0.78
N ALA A 15 -11.85 6.66 0.84
CA ALA A 15 -12.08 5.54 1.74
C ALA A 15 -11.23 4.34 1.34
N ALA A 16 -11.09 4.12 0.03
CA ALA A 16 -10.30 3.00 -0.47
C ALA A 16 -8.84 3.16 -0.06
N LEU A 17 -8.32 4.36 -0.23
CA LEU A 17 -6.92 4.64 0.12
C LEU A 17 -6.73 4.50 1.63
N ALA A 18 -7.70 4.99 2.39
CA ALA A 18 -7.61 4.93 3.84
C ALA A 18 -7.57 3.48 4.31
N GLY A 19 -8.35 2.63 3.67
CA GLY A 19 -8.40 1.21 4.03
C GLY A 19 -7.04 0.55 3.77
N VAL A 20 -6.41 0.92 2.67
CA VAL A 20 -5.11 0.36 2.32
C VAL A 20 -4.06 0.75 3.36
N LEU A 21 -4.10 2.01 3.80
CA LEU A 21 -3.16 2.49 4.79
C LEU A 21 -3.28 1.67 6.07
N ILE A 22 -4.51 1.30 6.43
CA ILE A 22 -4.73 0.50 7.62
C ILE A 22 -4.09 -0.86 7.46
N LEU A 23 -4.25 -1.45 6.28
CA LEU A 23 -3.69 -2.77 6.01
C LEU A 23 -2.16 -2.74 6.14
N VAL A 24 -1.55 -1.70 5.61
CA VAL A 24 -0.10 -1.56 5.66
C VAL A 24 0.38 -1.38 7.10
N LEU A 25 -0.35 -0.56 7.86
CA LEU A 25 0.03 -0.30 9.25
C LEU A 25 -0.03 -1.59 10.06
N LEU A 26 -1.06 -2.38 9.84
CA LEU A 26 -1.20 -3.62 10.56
C LEU A 26 -0.01 -4.53 10.25
N ALA A 27 0.34 -4.58 8.97
CA ALA A 27 1.45 -5.41 8.53
C ALA A 27 2.73 -4.99 9.26
N TYR A 28 2.97 -3.68 9.29
CA TYR A 28 4.13 -3.13 9.97
C TYR A 28 4.05 -3.37 11.47
N PHE A 29 2.83 -3.34 12.00
CA PHE A 29 2.61 -3.54 13.43
C PHE A 29 3.19 -4.89 13.87
N ILE A 30 2.90 -5.93 13.09
CA ILE A 30 3.41 -7.27 13.39
C ILE A 30 4.93 -7.29 13.27
N GLY A 31 5.45 -6.64 12.23
CA GLY A 31 6.88 -6.59 12.01
C GLY A 31 7.59 -5.86 13.14
N LEU A 32 6.89 -4.90 13.73
CA LEU A 32 7.47 -4.13 14.82
C LEU A 32 7.79 -5.03 16.00
N LYS A 33 6.89 -5.96 16.30
CA LYS A 33 7.07 -6.89 17.42
C LYS A 33 7.44 -8.27 16.91
N HIS A 34 8.42 -8.90 17.55
CA HIS A 34 8.86 -10.23 17.15
C HIS A 34 9.53 -10.92 18.31
N HIS A 35 9.60 -12.26 18.24
CA HIS A 35 10.23 -13.05 19.30
C HIS A 35 11.51 -13.69 18.79
N HIS A 36 12.60 -13.48 19.52
CA HIS A 36 13.90 -14.05 19.12
C HIS A 36 14.05 -15.47 19.70
N ALA A 37 14.33 -16.42 18.82
CA ALA A 37 14.49 -17.80 19.23
C ALA A 37 15.86 -18.00 19.88
N GLY A 38 16.73 -17.02 19.73
CA GLY A 38 18.07 -17.10 20.30
C GLY A 38 18.00 -17.15 21.83
N TYR A 39 17.06 -16.42 22.41
CA TYR A 39 16.90 -16.39 23.86
C TYR A 39 16.14 -17.65 24.33
N GLU A 40 16.68 -18.31 25.36
CA GLU A 40 16.04 -19.52 25.89
C GLU A 40 15.32 -19.21 27.20
N GLN A 41 14.00 -19.42 27.22
CA GLN A 41 13.22 -19.16 28.42
C GLN A 41 13.41 -20.29 29.42
N PHE A 42 13.59 -19.94 30.69
CA PHE A 42 13.78 -20.94 31.72
C PHE A 42 13.60 -20.31 33.11
N SER B 1 -7.05 18.33 -10.19
CA SER B 1 -6.23 19.58 -10.19
C SER B 1 -7.13 20.77 -10.50
N ALA B 2 -7.97 20.62 -11.52
CA ALA B 2 -8.87 21.69 -11.91
C ALA B 2 -8.10 22.99 -12.13
N ASP B 3 -6.92 22.87 -12.76
CA ASP B 3 -6.08 24.04 -13.05
C ASP B 3 -6.15 24.40 -14.53
N ASP B 4 -6.75 25.54 -14.84
CA ASP B 4 -6.87 25.99 -16.21
C ASP B 4 -7.57 24.93 -17.05
N ASP B 5 -8.47 24.18 -16.43
CA ASP B 5 -9.21 23.14 -17.13
C ASP B 5 -8.24 22.11 -17.75
N ASN B 6 -7.12 21.91 -17.08
CA ASN B 6 -6.12 20.96 -17.56
C ASN B 6 -6.69 19.55 -17.60
N PHE B 7 -7.47 19.21 -16.57
CA PHE B 7 -8.07 17.88 -16.48
C PHE B 7 -7.08 16.82 -16.90
N LEU B 8 -6.09 16.55 -16.03
CA LEU B 8 -5.07 15.54 -16.31
C LEU B 8 -5.28 14.32 -15.43
N VAL B 9 -5.88 13.28 -16.00
CA VAL B 9 -6.13 12.05 -15.26
C VAL B 9 -6.12 10.85 -16.20
N PRO B 10 -4.96 10.44 -16.64
CA PRO B 10 -4.81 9.27 -17.55
C PRO B 10 -5.34 7.98 -16.94
N ILE B 11 -5.92 7.12 -17.77
CA ILE B 11 -6.46 5.86 -17.29
C ILE B 11 -5.36 4.96 -16.72
N ALA B 12 -4.24 4.87 -17.42
CA ALA B 12 -3.11 4.04 -16.97
C ALA B 12 -2.88 4.21 -15.47
N VAL B 13 -3.38 5.31 -14.91
CA VAL B 13 -3.22 5.58 -13.49
C VAL B 13 -3.98 4.53 -12.67
N GLY B 14 -5.20 4.21 -13.10
CA GLY B 14 -6.01 3.22 -12.39
C GLY B 14 -5.35 1.85 -12.43
N ALA B 15 -4.71 1.54 -13.56
CA ALA B 15 -4.05 0.25 -13.72
C ALA B 15 -2.92 0.09 -12.69
N ALA B 16 -2.15 1.16 -12.51
CA ALA B 16 -1.05 1.13 -11.56
C ALA B 16 -1.58 0.99 -10.13
N LEU B 17 -2.71 1.63 -9.86
CA LEU B 17 -3.32 1.56 -8.53
C LEU B 17 -3.69 0.12 -8.19
N ALA B 18 -4.29 -0.58 -9.15
CA ALA B 18 -4.69 -1.96 -8.94
C ALA B 18 -3.46 -2.84 -8.69
N GLY B 19 -2.37 -2.54 -9.39
CA GLY B 19 -1.14 -3.31 -9.22
C GLY B 19 -0.61 -3.19 -7.80
N VAL B 20 -0.66 -1.98 -7.26
CA VAL B 20 -0.17 -1.74 -5.90
C VAL B 20 -1.04 -2.46 -4.87
N LEU B 21 -2.35 -2.39 -5.04
CA LEU B 21 -3.23 -3.04 -4.09
C LEU B 21 -2.95 -4.55 -4.08
N ILE B 22 -2.76 -5.12 -5.26
CA ILE B 22 -2.48 -6.53 -5.37
C ILE B 22 -1.13 -6.85 -4.73
N LEU B 23 -0.14 -6.00 -4.99
CA LEU B 23 1.19 -6.21 -4.46
C LEU B 23 1.16 -6.28 -2.93
N VAL B 24 0.37 -5.40 -2.33
CA VAL B 24 0.25 -5.36 -0.88
C VAL B 24 -0.33 -6.66 -0.35
N LEU B 25 -1.33 -7.18 -1.05
CA LEU B 25 -1.96 -8.42 -0.63
C LEU B 25 -0.95 -9.57 -0.61
N LEU B 26 -0.10 -9.62 -1.62
CA LEU B 26 0.90 -10.66 -1.67
C LEU B 26 1.80 -10.57 -0.45
N ALA B 27 2.19 -9.35 -0.11
CA ALA B 27 3.04 -9.12 1.05
C ALA B 27 2.38 -9.67 2.30
N TYR B 28 1.11 -9.33 2.48
CA TYR B 28 0.34 -9.79 3.62
C TYR B 28 0.20 -11.32 3.60
N PHE B 29 0.08 -11.86 2.39
CA PHE B 29 -0.08 -13.31 2.22
C PHE B 29 1.09 -14.04 2.88
N ILE B 30 2.30 -13.55 2.65
CA ILE B 30 3.50 -14.16 3.23
C ILE B 30 3.47 -14.01 4.75
N GLY B 31 3.06 -12.82 5.22
CA GLY B 31 3.00 -12.56 6.65
C GLY B 31 1.95 -13.45 7.32
N LEU B 32 0.88 -13.74 6.59
CA LEU B 32 -0.19 -14.56 7.14
C LEU B 32 0.33 -15.95 7.49
N LYS B 33 1.15 -16.51 6.60
CA LYS B 33 1.71 -17.83 6.81
C LYS B 33 3.15 -17.74 7.32
N HIS B 34 3.52 -18.65 8.21
CA HIS B 34 4.87 -18.67 8.77
C HIS B 34 5.76 -19.63 7.99
N HIS B 35 5.17 -20.32 7.01
CA HIS B 35 5.92 -21.26 6.19
C HIS B 35 6.80 -20.52 5.20
N HIS B 36 8.03 -20.99 5.02
CA HIS B 36 8.97 -20.37 4.09
C HIS B 36 9.15 -21.24 2.85
N ALA B 37 9.10 -20.60 1.68
CA ALA B 37 9.26 -21.33 0.43
C ALA B 37 10.72 -21.66 0.17
N GLY B 38 11.60 -21.03 0.95
CA GLY B 38 13.03 -21.27 0.80
C GLY B 38 13.39 -22.71 1.12
N TYR B 39 12.72 -23.29 2.11
CA TYR B 39 12.96 -24.67 2.50
C TYR B 39 12.18 -25.62 1.59
N GLU B 40 12.83 -26.70 1.14
CA GLU B 40 12.16 -27.67 0.27
C GLU B 40 11.14 -28.48 1.06
N GLN B 41 9.87 -28.37 0.68
CA GLN B 41 8.80 -29.10 1.37
C GLN B 41 9.16 -30.58 1.43
N PHE B 42 8.77 -31.24 2.51
CA PHE B 42 9.06 -32.66 2.66
C PHE B 42 10.52 -32.95 2.33
N SER C 1 -14.76 8.60 6.27
CA SER C 1 -14.38 10.02 6.49
C SER C 1 -15.51 10.92 6.00
N ALA C 2 -16.04 11.74 6.91
CA ALA C 2 -17.13 12.65 6.56
C ALA C 2 -16.66 13.65 5.51
N ASP C 3 -15.43 14.14 5.67
CA ASP C 3 -14.87 15.11 4.73
C ASP C 3 -13.40 14.79 4.45
N ASP C 4 -13.13 14.19 3.30
CA ASP C 4 -11.77 13.84 2.92
C ASP C 4 -11.10 14.99 2.19
N ASP C 5 -11.83 16.08 2.01
CA ASP C 5 -11.30 17.25 1.32
C ASP C 5 -10.88 16.89 -0.10
N ASN C 6 -11.57 15.91 -0.68
CA ASN C 6 -11.28 15.47 -2.04
C ASN C 6 -12.21 16.14 -3.04
N PHE C 7 -13.00 17.10 -2.56
CA PHE C 7 -13.93 17.81 -3.42
C PHE C 7 -13.19 18.58 -4.50
N LEU C 8 -12.07 19.18 -4.13
CA LEU C 8 -11.25 19.95 -5.08
C LEU C 8 -10.03 19.13 -5.50
N VAL C 9 -9.95 17.90 -5.01
CA VAL C 9 -8.83 17.04 -5.35
C VAL C 9 -7.51 17.77 -5.15
N PRO C 10 -7.14 17.99 -3.91
CA PRO C 10 -5.86 18.69 -3.57
C PRO C 10 -4.63 17.96 -4.13
N ILE C 11 -3.61 18.73 -4.51
CA ILE C 11 -2.40 18.14 -5.07
C ILE C 11 -1.68 17.27 -4.03
N ALA C 12 -1.59 17.75 -2.79
CA ALA C 12 -0.93 16.99 -1.73
C ALA C 12 -1.34 15.51 -1.78
N VAL C 13 -2.48 15.23 -2.42
CA VAL C 13 -2.97 13.87 -2.52
C VAL C 13 -1.98 13.01 -3.32
N GLY C 14 -1.49 13.56 -4.43
CA GLY C 14 -0.55 12.82 -5.26
C GLY C 14 0.74 12.52 -4.50
N ALA C 15 1.18 13.48 -3.70
CA ALA C 15 2.40 13.31 -2.92
C ALA C 15 2.24 12.17 -1.91
N ALA C 16 1.06 12.09 -1.31
CA ALA C 16 0.77 11.04 -0.34
C ALA C 16 0.77 9.68 -1.01
N LEU C 17 0.30 9.65 -2.26
CA LEU C 17 0.23 8.38 -3.01
C LEU C 17 1.64 7.81 -3.18
N ALA C 18 2.59 8.65 -3.54
CA ALA C 18 3.96 8.20 -3.73
C ALA C 18 4.55 7.72 -2.41
N GLY C 19 4.18 8.39 -1.33
CA GLY C 19 4.68 8.02 0.00
C GLY C 19 4.26 6.60 0.36
N VAL C 20 3.02 6.24 0.02
CA VAL C 20 2.51 4.91 0.32
C VAL C 20 3.25 3.85 -0.51
N LEU C 21 3.48 4.16 -1.79
CA LEU C 21 4.16 3.24 -2.68
C LEU C 21 5.57 2.94 -2.16
N ILE C 22 6.25 3.97 -1.68
CA ILE C 22 7.59 3.79 -1.14
C ILE C 22 7.54 2.94 0.12
N LEU C 23 6.56 3.20 0.96
CA LEU C 23 6.43 2.46 2.21
C LEU C 23 6.25 0.97 1.93
N VAL C 24 5.47 0.66 0.91
CA VAL C 24 5.21 -0.74 0.54
C VAL C 24 6.50 -1.43 0.11
N LEU C 25 7.31 -0.72 -0.68
CA LEU C 25 8.56 -1.29 -1.17
C LEU C 25 9.48 -1.62 0.00
N LEU C 26 9.53 -0.75 0.99
CA LEU C 26 10.38 -0.99 2.14
C LEU C 26 9.92 -2.26 2.85
N ALA C 27 8.61 -2.39 3.00
CA ALA C 27 8.03 -3.54 3.65
C ALA C 27 8.29 -4.80 2.82
N TYR C 28 8.24 -4.63 1.50
CA TYR C 28 8.46 -5.73 0.59
C TYR C 28 9.86 -6.32 0.78
N PHE C 29 10.86 -5.45 0.90
CA PHE C 29 12.23 -5.88 1.09
C PHE C 29 12.37 -6.67 2.40
N ILE C 30 11.75 -6.16 3.46
CA ILE C 30 11.80 -6.81 4.75
C ILE C 30 11.14 -8.18 4.66
N GLY C 31 10.01 -8.25 3.96
CA GLY C 31 9.28 -9.50 3.80
C GLY C 31 10.12 -10.52 3.03
N LEU C 32 10.89 -10.03 2.07
CA LEU C 32 11.73 -10.91 1.27
C LEU C 32 12.76 -11.62 2.15
N LYS C 33 13.35 -10.87 3.07
CA LYS C 33 14.35 -11.43 3.98
C LYS C 33 15.48 -12.08 3.18
N HIS C 34 16.62 -11.41 3.13
CA HIS C 34 17.77 -11.93 2.40
C HIS C 34 18.46 -13.03 3.22
N HIS C 35 18.90 -14.08 2.53
CA HIS C 35 19.57 -15.19 3.20
C HIS C 35 21.06 -15.17 2.91
N HIS C 36 21.86 -15.20 3.97
CA HIS C 36 23.32 -15.18 3.83
C HIS C 36 23.91 -16.56 4.07
N ALA C 37 24.73 -17.02 3.13
CA ALA C 37 25.35 -18.33 3.24
C ALA C 37 26.52 -18.29 4.22
N GLY C 38 26.94 -17.08 4.57
CA GLY C 38 28.05 -16.91 5.50
C GLY C 38 27.71 -17.47 6.88
N TYR C 39 26.47 -17.23 7.31
CA TYR C 39 26.02 -17.71 8.62
C TYR C 39 25.35 -19.08 8.46
N GLU C 40 25.93 -20.10 9.10
CA GLU C 40 25.36 -21.46 9.04
C GLU C 40 25.36 -22.10 10.42
N GLN C 41 24.35 -22.91 10.72
CA GLN C 41 24.26 -23.58 12.02
C GLN C 41 23.99 -25.07 11.82
N PHE C 42 24.82 -25.90 12.43
CA PHE C 42 24.66 -27.34 12.31
C PHE C 42 23.41 -27.80 13.04
N SER A 1 -10.31 15.83 -19.65
CA SER A 1 -10.13 16.22 -21.08
C SER A 1 -11.49 16.46 -21.70
N ALA A 2 -12.53 16.48 -20.88
CA ALA A 2 -13.89 16.69 -21.37
C ALA A 2 -14.29 15.59 -22.34
N ASP A 3 -15.46 14.99 -22.10
CA ASP A 3 -15.94 13.92 -22.96
C ASP A 3 -14.93 12.79 -23.02
N ASP A 4 -14.39 12.41 -21.86
CA ASP A 4 -13.40 11.34 -21.80
C ASP A 4 -14.08 9.98 -21.62
N ASP A 5 -13.95 9.13 -22.63
CA ASP A 5 -14.56 7.81 -22.59
C ASP A 5 -13.91 6.94 -21.52
N ASN A 6 -14.71 6.12 -20.85
CA ASN A 6 -14.19 5.25 -19.81
C ASN A 6 -13.50 6.06 -18.73
N PHE A 7 -14.09 7.19 -18.36
CA PHE A 7 -13.53 8.07 -17.33
C PHE A 7 -14.51 8.23 -16.18
N LEU A 8 -14.24 7.52 -15.08
CA LEU A 8 -15.11 7.58 -13.89
C LEU A 8 -14.26 7.69 -12.63
N VAL A 9 -14.77 8.41 -11.64
CA VAL A 9 -14.05 8.58 -10.37
C VAL A 9 -15.03 8.61 -9.20
N PRO A 10 -15.61 7.48 -8.89
CA PRO A 10 -16.59 7.35 -7.76
C PRO A 10 -15.96 7.73 -6.41
N ILE A 11 -16.78 8.30 -5.54
CA ILE A 11 -16.30 8.73 -4.22
C ILE A 11 -15.88 7.51 -3.39
N ALA A 12 -16.70 6.46 -3.41
CA ALA A 12 -16.40 5.25 -2.65
C ALA A 12 -14.91 4.89 -2.78
N VAL A 13 -14.25 5.42 -3.80
CA VAL A 13 -12.83 5.14 -4.00
C VAL A 13 -12.01 5.74 -2.86
N GLY A 14 -12.34 6.95 -2.47
CA GLY A 14 -11.62 7.62 -1.38
C GLY A 14 -11.71 6.81 -0.09
N ALA A 15 -12.89 6.27 0.17
CA ALA A 15 -13.09 5.47 1.38
C ALA A 15 -12.19 4.24 1.38
N ALA A 16 -12.08 3.60 0.21
CA ALA A 16 -11.24 2.41 0.09
C ALA A 16 -9.76 2.78 0.30
N LEU A 17 -9.37 3.96 -0.16
CA LEU A 17 -8.00 4.41 -0.03
C LEU A 17 -7.63 4.49 1.46
N ALA A 18 -8.53 5.05 2.27
CA ALA A 18 -8.28 5.17 3.69
C ALA A 18 -8.16 3.79 4.34
N GLY A 19 -8.99 2.86 3.91
CA GLY A 19 -8.95 1.50 4.45
C GLY A 19 -7.63 0.82 4.13
N VAL A 20 -7.13 1.04 2.90
CA VAL A 20 -5.88 0.43 2.49
C VAL A 20 -4.71 0.94 3.32
N LEU A 21 -4.67 2.24 3.59
CA LEU A 21 -3.56 2.78 4.37
C LEU A 21 -3.56 2.13 5.74
N ILE A 22 -4.74 1.87 6.29
CA ILE A 22 -4.83 1.23 7.60
C ILE A 22 -4.25 -0.18 7.52
N LEU A 23 -4.56 -0.88 6.44
CA LEU A 23 -4.07 -2.25 6.27
C LEU A 23 -2.53 -2.25 6.23
N VAL A 24 -1.96 -1.26 5.57
CA VAL A 24 -0.51 -1.15 5.46
C VAL A 24 0.12 -1.01 6.84
N LEU A 25 -0.51 -0.22 7.70
CA LEU A 25 0.01 0.00 9.05
C LEU A 25 0.06 -1.32 9.81
N LEU A 26 -0.96 -2.14 9.66
CA LEU A 26 -0.97 -3.43 10.34
C LEU A 26 0.20 -4.28 9.87
N ALA A 27 0.41 -4.28 8.56
CA ALA A 27 1.50 -5.04 7.97
C ALA A 27 2.85 -4.46 8.41
N TYR A 28 2.88 -3.13 8.52
CA TYR A 28 4.10 -2.43 8.92
C TYR A 28 4.53 -2.88 10.32
N PHE A 29 3.58 -2.98 11.23
CA PHE A 29 3.89 -3.39 12.60
C PHE A 29 4.43 -4.81 12.60
N ILE A 30 3.80 -5.70 11.84
CA ILE A 30 4.25 -7.09 11.77
C ILE A 30 5.65 -7.15 11.16
N GLY A 31 5.86 -6.37 10.10
CA GLY A 31 7.16 -6.34 9.43
C GLY A 31 8.24 -5.75 10.35
N LEU A 32 7.83 -4.81 11.19
CA LEU A 32 8.77 -4.18 12.11
C LEU A 32 9.37 -5.21 13.06
N LYS A 33 8.53 -6.11 13.55
CA LYS A 33 8.97 -7.14 14.48
C LYS A 33 9.76 -6.53 15.62
N HIS A 34 9.12 -6.39 16.78
CA HIS A 34 9.76 -5.82 17.95
C HIS A 34 11.00 -6.62 18.32
N HIS A 35 10.90 -7.93 18.23
CA HIS A 35 12.02 -8.80 18.55
C HIS A 35 13.08 -8.76 17.46
N HIS A 36 14.34 -8.77 17.85
CA HIS A 36 15.44 -8.72 16.90
C HIS A 36 15.63 -10.08 16.23
N ALA A 37 15.78 -10.08 14.90
CA ALA A 37 15.97 -11.31 14.17
C ALA A 37 17.42 -11.79 14.28
N GLY A 38 18.27 -10.93 14.81
CA GLY A 38 19.69 -11.27 14.97
C GLY A 38 19.85 -12.45 15.93
N TYR A 39 18.97 -12.52 16.93
CA TYR A 39 19.03 -13.60 17.93
C TYR A 39 17.87 -14.57 17.71
N GLU A 40 18.18 -15.86 17.74
CA GLU A 40 17.16 -16.89 17.54
C GLU A 40 16.50 -17.23 18.87
N GLN A 41 15.20 -16.98 18.97
CA GLN A 41 14.47 -17.28 20.20
C GLN A 41 14.50 -18.77 20.48
N PHE A 42 14.64 -19.13 21.75
CA PHE A 42 14.68 -20.54 22.12
C PHE A 42 13.32 -21.19 21.88
N SER B 1 1.10 30.57 -14.25
CA SER B 1 2.37 30.22 -13.53
C SER B 1 2.03 29.35 -12.33
N ALA B 2 1.37 28.22 -12.58
CA ALA B 2 1.00 27.30 -11.51
C ALA B 2 0.76 25.91 -12.06
N ASP B 3 0.94 24.90 -11.21
CA ASP B 3 0.75 23.51 -11.62
C ASP B 3 -0.68 23.06 -11.29
N ASP B 4 -1.48 22.84 -12.33
CA ASP B 4 -2.87 22.40 -12.15
C ASP B 4 -2.95 20.89 -12.05
N ASP B 5 -1.80 20.23 -12.12
CA ASP B 5 -1.76 18.78 -12.03
C ASP B 5 -2.59 18.15 -13.14
N ASN B 6 -2.34 18.56 -14.38
CA ASN B 6 -3.08 18.04 -15.53
C ASN B 6 -2.74 16.57 -15.76
N PHE B 7 -3.69 15.83 -16.29
CA PHE B 7 -3.49 14.40 -16.56
C PHE B 7 -4.27 14.00 -17.81
N LEU B 8 -3.55 13.47 -18.81
CA LEU B 8 -4.16 13.03 -20.06
C LEU B 8 -4.11 11.51 -20.17
N VAL B 9 -3.62 10.86 -19.11
CA VAL B 9 -3.51 9.40 -19.08
C VAL B 9 -4.09 8.85 -17.79
N PRO B 10 -5.32 9.19 -17.49
CA PRO B 10 -6.01 8.71 -16.26
C PRO B 10 -6.24 7.20 -16.27
N ILE B 11 -6.19 6.60 -17.46
CA ILE B 11 -6.39 5.16 -17.58
C ILE B 11 -5.29 4.39 -16.87
N ALA B 12 -4.04 4.81 -17.07
CA ALA B 12 -2.90 4.14 -16.44
C ALA B 12 -2.87 4.43 -14.93
N VAL B 13 -3.55 5.49 -14.50
CA VAL B 13 -3.57 5.84 -13.09
C VAL B 13 -4.34 4.79 -12.29
N GLY B 14 -5.48 4.35 -12.84
CA GLY B 14 -6.29 3.35 -12.18
C GLY B 14 -5.53 2.04 -12.01
N ALA B 15 -4.80 1.65 -13.06
CA ALA B 15 -4.02 0.42 -13.03
C ALA B 15 -2.91 0.51 -11.99
N ALA B 16 -2.32 1.70 -11.86
CA ALA B 16 -1.24 1.90 -10.89
C ALA B 16 -1.73 1.63 -9.47
N LEU B 17 -2.92 2.14 -9.15
CA LEU B 17 -3.49 1.92 -7.82
C LEU B 17 -3.80 0.45 -7.60
N ALA B 18 -4.31 -0.20 -8.63
CA ALA B 18 -4.65 -1.62 -8.54
C ALA B 18 -3.39 -2.45 -8.32
N GLY B 19 -2.30 -2.05 -8.97
CA GLY B 19 -1.03 -2.76 -8.84
C GLY B 19 -0.53 -2.73 -7.41
N VAL B 20 -0.70 -1.57 -6.75
CA VAL B 20 -0.26 -1.42 -5.37
C VAL B 20 -1.05 -2.35 -4.46
N LEU B 21 -2.35 -2.45 -4.71
CA LEU B 21 -3.23 -3.31 -3.92
C LEU B 21 -2.77 -4.76 -4.03
N ILE B 22 -2.33 -5.17 -5.22
CA ILE B 22 -1.87 -6.53 -5.42
C ILE B 22 -0.64 -6.79 -4.56
N LEU B 23 0.26 -5.82 -4.53
CA LEU B 23 1.49 -5.95 -3.74
C LEU B 23 1.16 -6.11 -2.26
N VAL B 24 0.20 -5.33 -1.78
CA VAL B 24 -0.21 -5.40 -0.38
C VAL B 24 -0.86 -6.75 -0.06
N LEU B 25 -1.70 -7.23 -0.97
CA LEU B 25 -2.38 -8.50 -0.77
C LEU B 25 -1.37 -9.64 -0.66
N LEU B 26 -0.35 -9.60 -1.49
CA LEU B 26 0.67 -10.63 -1.47
C LEU B 26 1.37 -10.64 -0.11
N ALA B 27 1.66 -9.44 0.39
CA ALA B 27 2.31 -9.29 1.68
C ALA B 27 1.44 -9.93 2.77
N TYR B 28 0.15 -9.60 2.74
CA TYR B 28 -0.80 -10.13 3.69
C TYR B 28 -0.92 -11.64 3.53
N PHE B 29 -0.85 -12.10 2.28
CA PHE B 29 -0.96 -13.52 1.99
C PHE B 29 0.09 -14.30 2.77
N ILE B 30 1.33 -13.81 2.75
CA ILE B 30 2.41 -14.47 3.48
C ILE B 30 2.12 -14.46 4.98
N GLY B 31 1.65 -13.32 5.48
CA GLY B 31 1.34 -13.19 6.90
C GLY B 31 0.20 -14.12 7.31
N LEU B 32 -0.71 -14.39 6.37
CA LEU B 32 -1.84 -15.27 6.64
C LEU B 32 -1.35 -16.67 6.99
N LYS B 33 -0.33 -17.13 6.28
CA LYS B 33 0.22 -18.46 6.52
C LYS B 33 0.48 -18.66 8.02
N HIS B 34 0.21 -19.88 8.49
CA HIS B 34 0.42 -20.20 9.90
C HIS B 34 1.90 -20.22 10.23
N HIS B 35 2.27 -19.64 11.38
CA HIS B 35 3.66 -19.60 11.80
C HIS B 35 4.07 -20.94 12.42
N HIS B 36 5.35 -21.28 12.27
CA HIS B 36 5.86 -22.53 12.81
C HIS B 36 5.82 -22.50 14.34
N ALA B 37 5.91 -23.68 14.95
CA ALA B 37 5.88 -23.78 16.41
C ALA B 37 7.23 -23.36 17.00
N GLY B 38 8.23 -23.24 16.14
CA GLY B 38 9.56 -22.84 16.58
C GLY B 38 9.54 -21.44 17.18
N TYR B 39 8.67 -20.59 16.64
CA TYR B 39 8.56 -19.21 17.13
C TYR B 39 7.64 -19.15 18.35
N GLU B 40 8.14 -18.58 19.43
CA GLU B 40 7.35 -18.46 20.67
C GLU B 40 7.51 -17.06 21.26
N GLN B 41 6.46 -16.59 21.94
CA GLN B 41 6.48 -15.25 22.57
C GLN B 41 6.27 -15.38 24.07
N PHE B 42 7.19 -14.80 24.84
CA PHE B 42 7.10 -14.85 26.30
C PHE B 42 5.86 -14.10 26.79
N SER C 1 -22.98 27.29 4.07
CA SER C 1 -21.85 26.40 3.71
C SER C 1 -20.57 27.23 3.60
N ALA C 2 -20.68 28.52 3.90
CA ALA C 2 -19.52 29.40 3.84
C ALA C 2 -18.47 28.99 4.86
N ASP C 3 -18.94 28.54 6.03
CA ASP C 3 -18.03 28.11 7.09
C ASP C 3 -17.24 26.88 6.65
N ASP C 4 -17.90 26.01 5.90
CA ASP C 4 -17.25 24.78 5.42
C ASP C 4 -16.59 25.03 4.08
N ASP C 5 -15.25 25.09 4.09
CA ASP C 5 -14.50 25.33 2.86
C ASP C 5 -14.35 24.04 2.07
N ASN C 6 -13.97 24.15 0.80
CA ASN C 6 -13.79 22.99 -0.05
C ASN C 6 -12.40 22.40 0.13
N PHE C 7 -12.33 21.08 0.21
CA PHE C 7 -11.05 20.40 0.39
C PHE C 7 -10.42 20.10 -0.96
N LEU C 8 -9.80 21.11 -1.57
CA LEU C 8 -9.15 20.95 -2.86
C LEU C 8 -7.64 21.00 -2.70
N VAL C 9 -7.02 19.82 -2.75
CA VAL C 9 -5.57 19.72 -2.62
C VAL C 9 -5.07 18.43 -3.24
N PRO C 10 -5.44 18.17 -4.46
CA PRO C 10 -5.02 16.94 -5.20
C PRO C 10 -3.50 16.86 -5.38
N ILE C 11 -2.84 18.01 -5.33
CA ILE C 11 -1.40 18.05 -5.49
C ILE C 11 -0.69 17.30 -4.36
N ALA C 12 -1.12 17.52 -3.13
CA ALA C 12 -0.52 16.85 -1.98
C ALA C 12 -0.96 15.39 -1.91
N VAL C 13 -2.08 15.06 -2.58
CA VAL C 13 -2.57 13.69 -2.57
C VAL C 13 -1.60 12.77 -3.30
N GLY C 14 -1.10 13.22 -4.44
CA GLY C 14 -0.16 12.41 -5.23
C GLY C 14 1.13 12.18 -4.45
N ALA C 15 1.57 13.18 -3.71
CA ALA C 15 2.79 13.06 -2.92
C ALA C 15 2.64 11.97 -1.87
N ALA C 16 1.47 11.92 -1.24
CA ALA C 16 1.21 10.91 -0.21
C ALA C 16 1.22 9.52 -0.81
N LEU C 17 0.73 9.40 -2.05
CA LEU C 17 0.69 8.11 -2.72
C LEU C 17 2.11 7.56 -2.89
N ALA C 18 3.03 8.43 -3.30
CA ALA C 18 4.41 8.01 -3.49
C ALA C 18 5.03 7.55 -2.17
N GLY C 19 4.69 8.25 -1.09
CA GLY C 19 5.20 7.90 0.23
C GLY C 19 4.76 6.50 0.65
N VAL C 20 3.51 6.17 0.35
CA VAL C 20 2.97 4.85 0.69
C VAL C 20 3.71 3.75 -0.07
N LEU C 21 3.96 4.00 -1.35
CA LEU C 21 4.65 3.03 -2.19
C LEU C 21 6.04 2.73 -1.61
N ILE C 22 6.70 3.76 -1.10
CA ILE C 22 8.03 3.58 -0.50
C ILE C 22 7.92 2.71 0.74
N LEU C 23 6.89 2.95 1.54
CA LEU C 23 6.69 2.17 2.77
C LEU C 23 6.48 0.70 2.43
N VAL C 24 5.71 0.44 1.39
CA VAL C 24 5.43 -0.92 0.96
C VAL C 24 6.72 -1.63 0.52
N LEU C 25 7.56 -0.90 -0.22
CA LEU C 25 8.81 -1.47 -0.71
C LEU C 25 9.70 -1.88 0.45
N LEU C 26 9.77 -1.05 1.47
CA LEU C 26 10.59 -1.36 2.63
C LEU C 26 10.08 -2.64 3.30
N ALA C 27 8.76 -2.75 3.39
CA ALA C 27 8.15 -3.93 3.99
C ALA C 27 8.60 -5.17 3.24
N TYR C 28 8.49 -5.12 1.92
CA TYR C 28 8.89 -6.23 1.07
C TYR C 28 10.41 -6.45 1.17
N PHE C 29 11.15 -5.36 1.33
CA PHE C 29 12.59 -5.44 1.43
C PHE C 29 12.99 -6.34 2.60
N ILE C 30 12.35 -6.14 3.75
CA ILE C 30 12.65 -6.93 4.93
C ILE C 30 12.29 -8.39 4.67
N GLY C 31 11.15 -8.63 4.04
CA GLY C 31 10.71 -9.99 3.74
C GLY C 31 11.65 -10.66 2.75
N LEU C 32 12.14 -9.90 1.77
CA LEU C 32 13.05 -10.44 0.77
C LEU C 32 14.34 -10.91 1.44
N LYS C 33 14.85 -10.11 2.37
CA LYS C 33 16.08 -10.47 3.07
C LYS C 33 17.22 -10.67 2.08
N HIS C 34 17.51 -9.64 1.31
CA HIS C 34 18.59 -9.71 0.32
C HIS C 34 18.35 -10.87 -0.64
N HIS C 35 18.97 -10.79 -1.82
CA HIS C 35 18.82 -11.83 -2.82
C HIS C 35 19.69 -13.04 -2.48
N HIS C 36 19.21 -14.23 -2.80
CA HIS C 36 19.96 -15.45 -2.52
C HIS C 36 21.05 -15.66 -3.57
N ALA C 37 22.20 -16.17 -3.13
CA ALA C 37 23.31 -16.41 -4.05
C ALA C 37 23.07 -17.69 -4.84
N GLY C 38 22.08 -18.47 -4.43
CA GLY C 38 21.75 -19.72 -5.12
C GLY C 38 21.31 -19.45 -6.55
N TYR C 39 20.58 -18.35 -6.74
CA TYR C 39 20.09 -17.99 -8.07
C TYR C 39 21.18 -17.27 -8.85
N GLU C 40 21.40 -17.69 -10.09
CA GLU C 40 22.41 -17.05 -10.94
C GLU C 40 21.89 -15.73 -11.49
N GLN C 41 22.56 -14.64 -11.11
CA GLN C 41 22.15 -13.32 -11.58
C GLN C 41 22.03 -13.31 -13.10
N PHE C 42 20.98 -12.70 -13.62
CA PHE C 42 20.78 -12.63 -15.06
C PHE C 42 21.70 -11.59 -15.68
N SER A 1 -35.41 11.37 -14.67
CA SER A 1 -34.81 10.01 -14.78
C SER A 1 -33.50 9.97 -14.01
N ALA A 2 -33.12 8.78 -13.55
CA ALA A 2 -31.88 8.62 -12.80
C ALA A 2 -31.32 7.22 -12.99
N ASP A 3 -30.00 7.08 -12.87
CA ASP A 3 -29.33 5.79 -13.02
C ASP A 3 -28.98 5.21 -11.65
N ASP A 4 -29.71 4.17 -11.24
CA ASP A 4 -29.47 3.53 -9.95
C ASP A 4 -28.46 2.38 -10.11
N ASP A 5 -27.95 2.21 -11.31
CA ASP A 5 -26.98 1.16 -11.58
C ASP A 5 -25.70 1.39 -10.77
N ASN A 6 -25.26 2.64 -10.72
CA ASN A 6 -24.06 2.99 -9.97
C ASN A 6 -22.86 2.17 -10.47
N PHE A 7 -22.83 1.93 -11.77
CA PHE A 7 -21.75 1.15 -12.37
C PHE A 7 -20.41 1.84 -12.13
N LEU A 8 -20.39 3.16 -12.33
CA LEU A 8 -19.17 3.95 -12.14
C LEU A 8 -19.22 4.70 -10.81
N VAL A 9 -18.14 4.60 -10.04
CA VAL A 9 -18.07 5.25 -8.73
C VAL A 9 -16.66 5.78 -8.50
N PRO A 10 -16.28 6.82 -9.21
CA PRO A 10 -14.94 7.44 -9.08
C PRO A 10 -14.63 7.87 -7.64
N ILE A 11 -15.66 8.28 -6.92
CA ILE A 11 -15.48 8.72 -5.53
C ILE A 11 -14.97 7.58 -4.65
N ALA A 12 -15.55 6.39 -4.82
CA ALA A 12 -15.12 5.24 -4.03
C ALA A 12 -13.59 5.18 -3.95
N VAL A 13 -12.91 5.86 -4.86
CA VAL A 13 -11.45 5.85 -4.87
C VAL A 13 -10.90 6.39 -3.56
N GLY A 14 -11.48 7.49 -3.07
CA GLY A 14 -11.02 8.07 -1.81
C GLY A 14 -11.25 7.11 -0.65
N ALA A 15 -12.40 6.43 -0.66
CA ALA A 15 -12.72 5.49 0.39
C ALA A 15 -11.73 4.32 0.37
N ALA A 16 -11.40 3.86 -0.83
CA ALA A 16 -10.45 2.76 -0.97
C ALA A 16 -9.07 3.17 -0.51
N LEU A 17 -8.70 4.42 -0.76
CA LEU A 17 -7.39 4.92 -0.37
C LEU A 17 -7.22 4.81 1.15
N ALA A 18 -8.25 5.21 1.88
CA ALA A 18 -8.19 5.14 3.34
C ALA A 18 -8.09 3.70 3.80
N GLY A 19 -8.82 2.81 3.13
CA GLY A 19 -8.80 1.40 3.47
C GLY A 19 -7.42 0.79 3.25
N VAL A 20 -6.80 1.15 2.14
CA VAL A 20 -5.48 0.62 1.81
C VAL A 20 -4.44 1.12 2.81
N LEU A 21 -4.49 2.40 3.16
CA LEU A 21 -3.52 2.95 4.10
C LEU A 21 -3.61 2.22 5.44
N ILE A 22 -4.83 1.92 5.87
CA ILE A 22 -5.02 1.21 7.12
C ILE A 22 -4.42 -0.19 7.03
N LEU A 23 -4.65 -0.84 5.90
CA LEU A 23 -4.14 -2.20 5.69
C LEU A 23 -2.61 -2.23 5.78
N VAL A 24 -1.99 -1.21 5.20
CA VAL A 24 -0.52 -1.12 5.22
C VAL A 24 0.00 -1.01 6.65
N LEU A 25 -0.69 -0.23 7.46
CA LEU A 25 -0.28 -0.04 8.85
C LEU A 25 -0.30 -1.36 9.60
N LEU A 26 -1.33 -2.17 9.35
CA LEU A 26 -1.43 -3.46 10.02
C LEU A 26 -0.23 -4.32 9.63
N ALA A 27 0.11 -4.29 8.35
CA ALA A 27 1.23 -5.06 7.85
C ALA A 27 2.54 -4.50 8.41
N TYR A 28 2.59 -3.17 8.55
CA TYR A 28 3.78 -2.51 9.07
C TYR A 28 4.09 -3.00 10.49
N PHE A 29 3.05 -3.09 11.31
CA PHE A 29 3.22 -3.54 12.68
C PHE A 29 3.70 -4.98 12.72
N ILE A 30 3.06 -5.84 11.91
CA ILE A 30 3.45 -7.23 11.86
C ILE A 30 4.87 -7.38 11.30
N GLY A 31 5.18 -6.59 10.26
CA GLY A 31 6.50 -6.66 9.65
C GLY A 31 7.61 -6.48 10.69
N LEU A 32 7.56 -5.36 11.40
CA LEU A 32 8.56 -5.09 12.44
C LEU A 32 8.44 -6.10 13.57
N LYS A 33 7.20 -6.43 13.94
CA LYS A 33 6.97 -7.39 15.02
C LYS A 33 7.77 -7.00 16.26
N HIS A 34 8.36 -5.82 16.24
CA HIS A 34 9.14 -5.35 17.37
C HIS A 34 9.16 -3.82 17.40
N HIS A 35 9.05 -3.26 18.60
CA HIS A 35 9.06 -1.81 18.76
C HIS A 35 10.50 -1.28 18.70
N HIS A 36 10.72 -0.31 17.83
CA HIS A 36 12.06 0.27 17.67
C HIS A 36 12.23 1.46 18.62
N ALA A 37 13.27 1.41 19.45
CA ALA A 37 13.53 2.48 20.40
C ALA A 37 14.20 3.65 19.70
N GLY A 38 14.77 3.40 18.52
CA GLY A 38 15.45 4.44 17.77
C GLY A 38 14.47 5.53 17.35
N TYR A 39 13.25 5.13 17.02
CA TYR A 39 12.21 6.08 16.61
C TYR A 39 11.48 6.63 17.82
N GLU A 40 11.37 7.95 17.90
CA GLU A 40 10.69 8.59 19.02
C GLU A 40 9.36 9.19 18.56
N GLN A 41 8.26 8.72 19.16
CA GLN A 41 6.95 9.22 18.79
C GLN A 41 6.92 10.75 18.87
N PHE A 42 6.23 11.37 17.93
CA PHE A 42 6.14 12.82 17.92
C PHE A 42 5.72 13.34 19.30
N SER B 1 -2.34 27.65 -26.38
CA SER B 1 -2.47 27.52 -24.91
C SER B 1 -1.16 27.00 -24.33
N ALA B 2 -1.21 26.47 -23.12
CA ALA B 2 -0.02 25.95 -22.45
C ALA B 2 -0.39 24.79 -21.53
N ASP B 3 0.52 23.85 -21.39
CA ASP B 3 0.30 22.68 -20.51
C ASP B 3 0.89 22.94 -19.13
N ASP B 4 0.03 23.31 -18.19
CA ASP B 4 0.47 23.58 -16.82
C ASP B 4 0.27 22.35 -15.93
N ASP B 5 1.24 21.44 -15.98
CA ASP B 5 1.16 20.23 -15.17
C ASP B 5 -0.15 19.49 -15.43
N ASN B 6 -0.63 19.55 -16.67
CA ASN B 6 -1.88 18.89 -17.04
C ASN B 6 -1.61 17.47 -17.52
N PHE B 7 -1.98 16.48 -16.71
CA PHE B 7 -1.78 15.08 -17.06
C PHE B 7 -3.11 14.35 -17.12
N LEU B 8 -3.60 14.10 -18.33
CA LEU B 8 -4.88 13.39 -18.50
C LEU B 8 -4.63 11.92 -18.78
N VAL B 9 -4.49 11.14 -17.71
CA VAL B 9 -4.24 9.70 -17.84
C VAL B 9 -4.77 8.97 -16.61
N PRO B 10 -6.03 9.18 -16.28
CA PRO B 10 -6.66 8.52 -15.10
C PRO B 10 -6.78 7.00 -15.28
N ILE B 11 -6.72 6.55 -16.53
CA ILE B 11 -6.84 5.12 -16.81
C ILE B 11 -5.66 4.35 -16.22
N ALA B 12 -4.44 4.88 -16.40
CA ALA B 12 -3.26 4.22 -15.87
C ALA B 12 -3.18 4.37 -14.35
N VAL B 13 -3.89 5.36 -13.80
CA VAL B 13 -3.88 5.59 -12.36
C VAL B 13 -4.57 4.43 -11.64
N GLY B 14 -5.70 3.98 -12.17
CA GLY B 14 -6.43 2.87 -11.56
C GLY B 14 -5.60 1.60 -11.57
N ALA B 15 -4.91 1.36 -12.68
CA ALA B 15 -4.08 0.16 -12.79
C ALA B 15 -2.92 0.21 -11.80
N ALA B 16 -2.36 1.40 -11.61
CA ALA B 16 -1.23 1.58 -10.69
C ALA B 16 -1.65 1.22 -9.27
N LEU B 17 -2.82 1.71 -8.87
CA LEU B 17 -3.34 1.43 -7.52
C LEU B 17 -3.63 -0.06 -7.37
N ALA B 18 -4.17 -0.66 -8.41
CA ALA B 18 -4.50 -2.08 -8.38
C ALA B 18 -3.23 -2.92 -8.17
N GLY B 19 -2.15 -2.50 -8.81
CA GLY B 19 -0.88 -3.21 -8.69
C GLY B 19 -0.39 -3.18 -7.24
N VAL B 20 -0.50 -2.01 -6.62
CA VAL B 20 -0.05 -1.86 -5.23
C VAL B 20 -0.90 -2.69 -4.28
N LEU B 21 -2.22 -2.67 -4.49
CA LEU B 21 -3.12 -3.41 -3.63
C LEU B 21 -2.79 -4.91 -3.68
N ILE B 22 -2.50 -5.42 -4.87
CA ILE B 22 -2.14 -6.82 -5.01
C ILE B 22 -0.84 -7.13 -4.28
N LEU B 23 0.13 -6.22 -4.41
CA LEU B 23 1.42 -6.39 -3.75
C LEU B 23 1.24 -6.46 -2.23
N VAL B 24 0.38 -5.61 -1.69
CA VAL B 24 0.14 -5.57 -0.26
C VAL B 24 -0.47 -6.90 0.21
N LEU B 25 -1.40 -7.43 -0.57
CA LEU B 25 -2.06 -8.68 -0.21
C LEU B 25 -1.03 -9.82 -0.12
N LEU B 26 -0.08 -9.83 -1.04
CA LEU B 26 0.95 -10.87 -1.02
C LEU B 26 1.74 -10.77 0.28
N ALA B 27 2.04 -9.54 0.67
CA ALA B 27 2.79 -9.32 1.91
C ALA B 27 2.04 -9.93 3.08
N TYR B 28 0.74 -9.66 3.15
CA TYR B 28 -0.10 -10.20 4.21
C TYR B 28 -0.17 -11.73 4.11
N PHE B 29 -0.17 -12.23 2.87
CA PHE B 29 -0.25 -13.67 2.65
C PHE B 29 0.91 -14.37 3.36
N ILE B 30 2.11 -13.84 3.21
CA ILE B 30 3.29 -14.41 3.86
C ILE B 30 3.14 -14.34 5.39
N GLY B 31 2.67 -13.20 5.88
CA GLY B 31 2.49 -13.02 7.32
C GLY B 31 1.42 -13.97 7.86
N LEU B 32 0.38 -14.20 7.07
CA LEU B 32 -0.70 -15.09 7.48
C LEU B 32 -0.17 -16.51 7.70
N LYS B 33 0.68 -16.96 6.79
CA LYS B 33 1.26 -18.29 6.89
C LYS B 33 2.37 -18.32 7.93
N HIS B 34 2.35 -19.36 8.78
CA HIS B 34 3.37 -19.50 9.82
C HIS B 34 3.63 -20.97 10.09
N HIS B 35 4.90 -21.31 10.29
CA HIS B 35 5.28 -22.70 10.56
C HIS B 35 4.90 -23.07 11.99
N HIS B 36 4.24 -24.21 12.16
CA HIS B 36 3.82 -24.67 13.49
C HIS B 36 4.78 -25.75 13.99
N ALA B 37 5.34 -25.53 15.17
CA ALA B 37 6.28 -26.49 15.77
C ALA B 37 5.52 -27.67 16.36
N GLY B 38 4.20 -27.54 16.47
CA GLY B 38 3.38 -28.60 17.01
C GLY B 38 3.46 -29.85 16.15
N TYR B 39 3.58 -29.65 14.84
CA TYR B 39 3.67 -30.77 13.89
C TYR B 39 4.76 -30.51 12.86
N GLU B 40 5.33 -31.59 12.32
CA GLU B 40 6.38 -31.47 11.31
C GLU B 40 6.13 -32.45 10.16
N GLN B 41 6.55 -32.06 8.96
CA GLN B 41 6.36 -32.90 7.77
C GLN B 41 7.68 -33.02 7.00
N PHE B 42 7.92 -34.19 6.41
CA PHE B 42 9.13 -34.41 5.64
C PHE B 42 9.20 -33.45 4.45
N SER C 1 -15.81 8.02 11.05
CA SER C 1 -14.54 8.02 11.82
C SER C 1 -13.39 8.34 10.88
N ALA C 2 -13.62 8.14 9.58
CA ALA C 2 -12.59 8.42 8.58
C ALA C 2 -12.28 9.91 8.53
N ASP C 3 -13.32 10.72 8.63
CA ASP C 3 -13.15 12.17 8.60
C ASP C 3 -12.44 12.59 7.31
N ASP C 4 -12.75 11.92 6.22
CA ASP C 4 -12.14 12.23 4.93
C ASP C 4 -12.90 13.35 4.23
N ASP C 5 -12.27 14.52 4.13
CA ASP C 5 -12.89 15.66 3.48
C ASP C 5 -12.52 15.70 2.00
N ASN C 6 -13.50 15.44 1.13
CA ASN C 6 -13.27 15.45 -0.31
C ASN C 6 -13.57 16.82 -0.89
N PHE C 7 -13.89 17.77 -0.01
CA PHE C 7 -14.20 19.13 -0.44
C PHE C 7 -13.01 19.75 -1.15
N LEU C 8 -11.83 19.56 -0.58
CA LEU C 8 -10.60 20.12 -1.16
C LEU C 8 -9.70 19.00 -1.65
N VAL C 9 -9.18 19.16 -2.88
CA VAL C 9 -8.30 18.16 -3.48
C VAL C 9 -6.95 18.79 -3.86
N PRO C 10 -6.10 19.05 -2.89
CA PRO C 10 -4.76 19.66 -3.14
C PRO C 10 -3.77 18.65 -3.73
N ILE C 11 -2.70 19.17 -4.33
CA ILE C 11 -1.69 18.31 -4.93
C ILE C 11 -1.00 17.44 -3.87
N ALA C 12 -0.69 18.06 -2.72
CA ALA C 12 -0.03 17.33 -1.64
C ALA C 12 -0.62 15.93 -1.47
N VAL C 13 -1.83 15.72 -2.00
CA VAL C 13 -2.48 14.42 -1.91
C VAL C 13 -1.67 13.36 -2.66
N GLY C 14 -1.21 13.72 -3.86
CA GLY C 14 -0.42 12.79 -4.67
C GLY C 14 0.88 12.44 -3.97
N ALA C 15 1.47 13.42 -3.29
CA ALA C 15 2.73 13.20 -2.58
C ALA C 15 2.55 12.14 -1.50
N ALA C 16 1.43 12.19 -0.80
CA ALA C 16 1.15 11.22 0.25
C ALA C 16 1.01 9.82 -0.34
N LEU C 17 0.41 9.74 -1.53
CA LEU C 17 0.21 8.45 -2.19
C LEU C 17 1.56 7.80 -2.46
N ALA C 18 2.51 8.59 -2.97
CA ALA C 18 3.85 8.08 -3.27
C ALA C 18 4.53 7.60 -1.99
N GLY C 19 4.30 8.32 -0.89
CA GLY C 19 4.92 7.95 0.38
C GLY C 19 4.46 6.56 0.82
N VAL C 20 3.20 6.26 0.57
CA VAL C 20 2.64 4.96 0.96
C VAL C 20 3.31 3.84 0.15
N LEU C 21 3.49 4.09 -1.15
CA LEU C 21 4.10 3.10 -2.02
C LEU C 21 5.53 2.80 -1.55
N ILE C 22 6.25 3.82 -1.11
CA ILE C 22 7.61 3.64 -0.62
C ILE C 22 7.61 2.76 0.63
N LEU C 23 6.65 3.00 1.51
CA LEU C 23 6.54 2.23 2.74
C LEU C 23 6.30 0.75 2.42
N VAL C 24 5.46 0.49 1.43
CA VAL C 24 5.15 -0.88 1.03
C VAL C 24 6.40 -1.58 0.50
N LEU C 25 7.19 -0.85 -0.28
CA LEU C 25 8.41 -1.42 -0.85
C LEU C 25 9.37 -1.85 0.26
N LEU C 26 9.50 -1.03 1.28
CA LEU C 26 10.39 -1.35 2.39
C LEU C 26 9.94 -2.65 3.05
N ALA C 27 8.63 -2.77 3.23
CA ALA C 27 8.07 -3.96 3.85
C ALA C 27 8.42 -5.18 3.01
N TYR C 28 8.18 -5.08 1.70
CA TYR C 28 8.48 -6.16 0.77
C TYR C 28 9.98 -6.43 0.75
N PHE C 29 10.77 -5.37 0.89
CA PHE C 29 12.23 -5.50 0.87
C PHE C 29 12.68 -6.46 1.97
N ILE C 30 12.13 -6.28 3.16
CA ILE C 30 12.48 -7.15 4.29
C ILE C 30 12.07 -8.59 3.98
N GLY C 31 10.87 -8.77 3.42
CA GLY C 31 10.38 -10.09 3.09
C GLY C 31 11.25 -10.74 2.01
N LEU C 32 11.73 -9.94 1.08
CA LEU C 32 12.56 -10.45 0.00
C LEU C 32 13.85 -11.04 0.56
N LYS C 33 14.44 -10.35 1.54
CA LYS C 33 15.67 -10.81 2.16
C LYS C 33 16.74 -11.06 1.09
N HIS C 34 17.98 -11.22 1.54
CA HIS C 34 19.09 -11.47 0.62
C HIS C 34 18.87 -12.77 -0.14
N HIS C 35 18.42 -13.81 0.58
CA HIS C 35 18.17 -15.10 -0.04
C HIS C 35 16.86 -15.08 -0.80
N HIS C 36 16.84 -15.73 -1.96
CA HIS C 36 15.64 -15.78 -2.79
C HIS C 36 14.90 -17.09 -2.59
N ALA C 37 13.59 -17.01 -2.37
CA ALA C 37 12.78 -18.20 -2.15
C ALA C 37 12.51 -18.91 -3.48
N GLY C 38 12.81 -18.23 -4.58
CA GLY C 38 12.59 -18.79 -5.90
C GLY C 38 13.46 -20.02 -6.12
N TYR C 39 14.70 -19.95 -5.63
CA TYR C 39 15.63 -21.07 -5.77
C TYR C 39 15.37 -22.11 -4.69
N GLU C 40 15.28 -23.38 -5.09
CA GLU C 40 15.04 -24.46 -4.14
C GLU C 40 16.36 -25.00 -3.61
N GLN C 41 16.60 -24.82 -2.32
CA GLN C 41 17.83 -25.29 -1.71
C GLN C 41 18.01 -26.79 -1.99
N PHE C 42 19.24 -27.20 -2.24
CA PHE C 42 19.51 -28.61 -2.51
C PHE C 42 18.61 -29.11 -3.64
N SER A 1 -24.69 4.60 -11.60
CA SER A 1 -23.80 3.61 -10.93
C SER A 1 -23.19 4.25 -9.68
N ALA A 2 -23.41 5.55 -9.53
CA ALA A 2 -22.88 6.28 -8.38
C ALA A 2 -23.78 7.46 -8.02
N ASP A 3 -23.83 7.80 -6.74
CA ASP A 3 -24.66 8.90 -6.28
C ASP A 3 -23.86 10.20 -6.29
N ASP A 4 -22.60 10.11 -6.71
CA ASP A 4 -21.73 11.28 -6.78
C ASP A 4 -21.86 11.97 -8.13
N ASP A 5 -22.51 13.13 -8.14
CA ASP A 5 -22.71 13.88 -9.38
C ASP A 5 -21.36 14.34 -9.93
N ASN A 6 -20.46 14.71 -9.03
CA ASN A 6 -19.14 15.18 -9.43
C ASN A 6 -18.18 14.00 -9.59
N PHE A 7 -17.85 13.66 -10.84
CA PHE A 7 -16.95 12.54 -11.11
C PHE A 7 -15.51 13.05 -11.28
N LEU A 8 -15.34 14.37 -11.16
CA LEU A 8 -14.01 14.97 -11.30
C LEU A 8 -13.08 14.45 -10.22
N VAL A 9 -13.60 14.35 -9.00
CA VAL A 9 -12.80 13.87 -7.87
C VAL A 9 -13.71 13.23 -6.82
N PRO A 10 -14.15 12.02 -7.05
CA PRO A 10 -15.04 11.30 -6.09
C PRO A 10 -14.39 11.12 -4.72
N ILE A 11 -15.19 11.20 -3.67
CA ILE A 11 -14.67 11.05 -2.31
C ILE A 11 -14.13 9.64 -2.08
N ALA A 12 -14.88 8.64 -2.54
CA ALA A 12 -14.47 7.25 -2.37
C ALA A 12 -12.97 7.08 -2.65
N VAL A 13 -12.40 8.05 -3.37
CA VAL A 13 -10.98 8.01 -3.69
C VAL A 13 -10.14 8.13 -2.41
N GLY A 14 -10.53 9.05 -1.53
CA GLY A 14 -9.80 9.25 -0.29
C GLY A 14 -9.92 8.03 0.61
N ALA A 15 -11.12 7.45 0.67
CA ALA A 15 -11.35 6.28 1.50
C ALA A 15 -10.49 5.10 1.02
N ALA A 16 -10.37 4.97 -0.30
CA ALA A 16 -9.58 3.88 -0.87
C ALA A 16 -8.12 3.99 -0.44
N LEU A 17 -7.58 5.20 -0.52
CA LEU A 17 -6.19 5.44 -0.13
C LEU A 17 -6.02 5.23 1.38
N ALA A 18 -7.00 5.67 2.15
CA ALA A 18 -6.94 5.52 3.60
C ALA A 18 -6.95 4.05 3.98
N GLY A 19 -7.73 3.26 3.25
CA GLY A 19 -7.83 1.83 3.52
C GLY A 19 -6.49 1.13 3.29
N VAL A 20 -5.78 1.53 2.23
CA VAL A 20 -4.49 0.94 1.91
C VAL A 20 -3.46 1.27 2.99
N LEU A 21 -3.46 2.52 3.44
CA LEU A 21 -2.52 2.95 4.47
C LEU A 21 -2.75 2.16 5.76
N ILE A 22 -4.01 1.96 6.11
CA ILE A 22 -4.35 1.21 7.32
C ILE A 22 -3.87 -0.23 7.18
N LEU A 23 -4.08 -0.79 5.99
CA LEU A 23 -3.68 -2.17 5.74
C LEU A 23 -2.18 -2.35 5.92
N VAL A 24 -1.41 -1.38 5.42
CA VAL A 24 0.04 -1.43 5.53
C VAL A 24 0.48 -1.33 6.99
N LEU A 25 -0.17 -0.44 7.73
CA LEU A 25 0.18 -0.24 9.14
C LEU A 25 -0.05 -1.52 9.94
N LEU A 26 -1.13 -2.22 9.62
CA LEU A 26 -1.42 -3.46 10.32
C LEU A 26 -0.28 -4.45 10.10
N ALA A 27 0.17 -4.54 8.86
CA ALA A 27 1.26 -5.44 8.52
C ALA A 27 2.55 -4.99 9.22
N TYR A 28 2.73 -3.67 9.30
CA TYR A 28 3.91 -3.10 9.93
C TYR A 28 3.96 -3.48 11.41
N PHE A 29 2.81 -3.40 12.07
CA PHE A 29 2.73 -3.74 13.50
C PHE A 29 3.07 -5.21 13.72
N ILE A 30 2.57 -6.07 12.84
CA ILE A 30 2.83 -7.50 12.95
C ILE A 30 4.32 -7.77 12.78
N GLY A 31 4.95 -7.09 11.81
CA GLY A 31 6.37 -7.27 11.57
C GLY A 31 7.20 -6.53 12.61
N LEU A 32 6.58 -5.54 13.25
CA LEU A 32 7.28 -4.76 14.26
C LEU A 32 7.67 -5.65 15.45
N LYS A 33 6.77 -6.54 15.83
CA LYS A 33 7.03 -7.43 16.95
C LYS A 33 8.32 -8.21 16.73
N HIS A 34 9.17 -8.26 17.75
CA HIS A 34 10.44 -8.98 17.66
C HIS A 34 10.26 -10.42 18.15
N HIS A 35 10.71 -11.37 17.33
CA HIS A 35 10.61 -12.77 17.69
C HIS A 35 11.63 -13.14 18.75
N HIS A 36 11.25 -14.03 19.66
CA HIS A 36 12.15 -14.45 20.72
C HIS A 36 13.30 -15.28 20.16
N ALA A 37 14.52 -14.96 20.58
CA ALA A 37 15.70 -15.67 20.11
C ALA A 37 15.85 -17.01 20.84
N GLY A 38 15.07 -17.17 21.90
CA GLY A 38 15.12 -18.40 22.68
C GLY A 38 14.71 -19.60 21.84
N TYR A 39 13.76 -19.39 20.93
CA TYR A 39 13.29 -20.46 20.06
C TYR A 39 14.24 -20.64 18.87
N GLU A 40 14.62 -21.89 18.59
CA GLU A 40 15.52 -22.18 17.46
C GLU A 40 15.03 -23.39 16.68
N GLN A 41 15.27 -23.38 15.38
CA GLN A 41 14.84 -24.50 14.53
C GLN A 41 15.69 -25.73 14.82
N PHE A 42 15.05 -26.89 14.96
CA PHE A 42 15.77 -28.12 15.25
C PHE A 42 14.93 -29.33 14.86
N SER B 1 -7.70 3.85 -21.19
CA SER B 1 -7.51 3.60 -22.65
C SER B 1 -7.80 4.89 -23.42
N ALA B 2 -8.17 5.93 -22.69
CA ALA B 2 -8.48 7.21 -23.32
C ALA B 2 -7.21 7.83 -23.91
N ASP B 3 -7.36 8.48 -25.07
CA ASP B 3 -6.24 9.12 -25.74
C ASP B 3 -6.06 10.55 -25.24
N ASP B 4 -6.95 10.96 -24.34
CA ASP B 4 -6.89 12.30 -23.78
C ASP B 4 -5.61 12.51 -22.99
N ASP B 5 -5.20 11.47 -22.27
CA ASP B 5 -3.98 11.55 -21.47
C ASP B 5 -4.07 12.69 -20.46
N ASN B 6 -5.28 12.92 -19.93
CA ASN B 6 -5.49 13.99 -18.96
C ASN B 6 -5.21 13.49 -17.55
N PHE B 7 -4.61 14.35 -16.73
CA PHE B 7 -4.28 14.00 -15.35
C PHE B 7 -5.33 14.56 -14.40
N LEU B 8 -6.35 15.20 -14.96
CA LEU B 8 -7.42 15.78 -14.15
C LEU B 8 -8.14 14.69 -13.37
N VAL B 9 -8.43 13.57 -14.05
CA VAL B 9 -9.13 12.47 -13.42
C VAL B 9 -9.15 11.26 -14.36
N PRO B 10 -8.00 10.75 -14.70
CA PRO B 10 -7.89 9.57 -15.61
C PRO B 10 -8.39 8.29 -14.96
N ILE B 11 -8.94 7.38 -15.77
CA ILE B 11 -9.47 6.12 -15.25
C ILE B 11 -8.34 5.23 -14.74
N ALA B 12 -7.14 5.41 -15.29
CA ALA B 12 -5.98 4.62 -14.87
C ALA B 12 -5.72 4.77 -13.36
N VAL B 13 -6.25 5.85 -12.77
CA VAL B 13 -6.06 6.08 -11.34
C VAL B 13 -6.65 4.93 -10.53
N GLY B 14 -7.85 4.49 -10.91
CA GLY B 14 -8.51 3.39 -10.21
C GLY B 14 -7.70 2.10 -10.36
N ALA B 15 -7.21 1.85 -11.57
CA ALA B 15 -6.43 0.65 -11.83
C ALA B 15 -5.11 0.68 -11.06
N ALA B 16 -4.51 1.86 -10.95
CA ALA B 16 -3.26 2.01 -10.24
C ALA B 16 -3.41 1.59 -8.77
N LEU B 17 -4.48 2.06 -8.14
CA LEU B 17 -4.74 1.71 -6.75
C LEU B 17 -4.99 0.21 -6.61
N ALA B 18 -5.75 -0.34 -7.55
CA ALA B 18 -6.06 -1.75 -7.53
C ALA B 18 -4.79 -2.59 -7.66
N GLY B 19 -3.87 -2.12 -8.49
CA GLY B 19 -2.61 -2.82 -8.71
C GLY B 19 -1.78 -2.87 -7.43
N VAL B 20 -1.84 -1.80 -6.65
CA VAL B 20 -1.09 -1.73 -5.39
C VAL B 20 -1.61 -2.77 -4.40
N LEU B 21 -2.93 -2.90 -4.35
CA LEU B 21 -3.56 -3.87 -3.45
C LEU B 21 -3.14 -5.29 -3.82
N ILE B 22 -3.05 -5.56 -5.11
CA ILE B 22 -2.64 -6.87 -5.58
C ILE B 22 -1.19 -7.15 -5.18
N LEU B 23 -0.36 -6.12 -5.32
CA LEU B 23 1.05 -6.25 -4.99
C LEU B 23 1.23 -6.61 -3.51
N VAL B 24 0.44 -5.97 -2.66
CA VAL B 24 0.51 -6.22 -1.23
C VAL B 24 0.07 -7.64 -0.90
N LEU B 25 -1.00 -8.09 -1.55
CA LEU B 25 -1.50 -9.44 -1.31
C LEU B 25 -0.46 -10.48 -1.70
N LEU B 26 0.18 -10.28 -2.83
CA LEU B 26 1.20 -11.22 -3.28
C LEU B 26 2.34 -11.24 -2.27
N ALA B 27 2.73 -10.05 -1.81
CA ALA B 27 3.80 -9.92 -0.83
C ALA B 27 3.39 -10.58 0.48
N TYR B 28 2.11 -10.43 0.83
CA TYR B 28 1.59 -11.00 2.05
C TYR B 28 1.74 -12.51 2.06
N PHE B 29 1.41 -13.14 0.94
CA PHE B 29 1.51 -14.60 0.82
C PHE B 29 2.95 -15.05 1.00
N ILE B 30 3.87 -14.31 0.39
CA ILE B 30 5.29 -14.63 0.49
C ILE B 30 5.75 -14.50 1.94
N GLY B 31 5.30 -13.44 2.61
CA GLY B 31 5.68 -13.22 4.00
C GLY B 31 5.26 -14.39 4.88
N LEU B 32 4.04 -14.86 4.69
CA LEU B 32 3.54 -15.99 5.48
C LEU B 32 4.34 -17.24 5.18
N LYS B 33 4.64 -17.47 3.89
CA LYS B 33 5.39 -18.64 3.47
C LYS B 33 6.47 -18.25 2.47
N HIS B 34 7.66 -18.78 2.66
CA HIS B 34 8.78 -18.49 1.77
C HIS B 34 9.84 -19.58 1.87
N HIS B 35 9.90 -20.44 0.85
CA HIS B 35 10.87 -21.53 0.83
C HIS B 35 11.93 -21.27 -0.23
N HIS B 36 13.18 -21.20 0.20
CA HIS B 36 14.30 -20.96 -0.71
C HIS B 36 15.36 -22.05 -0.57
N ALA B 37 15.69 -22.69 -1.69
CA ALA B 37 16.70 -23.76 -1.68
C ALA B 37 18.01 -23.24 -2.26
N GLY B 38 17.93 -22.47 -3.33
CA GLY B 38 19.12 -21.92 -3.96
C GLY B 38 19.86 -20.98 -3.03
N TYR B 39 19.10 -20.17 -2.30
CA TYR B 39 19.70 -19.22 -1.35
C TYR B 39 20.10 -19.93 -0.07
N GLU B 40 21.30 -19.62 0.44
CA GLU B 40 21.80 -20.24 1.67
C GLU B 40 22.42 -19.19 2.59
N GLN B 41 22.30 -19.40 3.89
CA GLN B 41 22.86 -18.45 4.85
C GLN B 41 24.35 -18.24 4.56
N PHE B 42 24.83 -17.03 4.80
CA PHE B 42 26.24 -16.73 4.55
C PHE B 42 27.14 -17.61 5.41
N SER C 1 2.92 23.18 8.92
CA SER C 1 4.18 23.96 9.00
C SER C 1 4.56 24.45 7.61
N ALA C 2 3.97 23.83 6.60
CA ALA C 2 4.25 24.20 5.21
C ALA C 2 3.82 25.64 4.95
N ASP C 3 2.69 26.02 5.53
CA ASP C 3 2.16 27.37 5.35
C ASP C 3 2.01 27.70 3.86
N ASP C 4 1.70 26.68 3.07
CA ASP C 4 1.53 26.85 1.63
C ASP C 4 0.33 27.74 1.34
N ASP C 5 -0.70 27.62 2.17
CA ASP C 5 -1.91 28.42 2.00
C ASP C 5 -2.47 28.23 0.59
N ASN C 6 -2.30 27.03 0.05
CA ASN C 6 -2.79 26.72 -1.29
C ASN C 6 -4.21 26.17 -1.24
N PHE C 7 -5.16 26.90 -1.84
CA PHE C 7 -6.54 26.47 -1.84
C PHE C 7 -6.69 25.13 -2.56
N LEU C 8 -6.03 25.01 -3.71
CA LEU C 8 -6.09 23.78 -4.50
C LEU C 8 -4.72 23.10 -4.53
N VAL C 9 -4.72 21.80 -4.26
CA VAL C 9 -3.48 21.02 -4.25
C VAL C 9 -3.74 19.60 -4.74
N PRO C 10 -4.37 19.48 -5.88
CA PRO C 10 -4.68 18.15 -6.48
C PRO C 10 -3.41 17.36 -6.84
N ILE C 11 -2.30 18.08 -7.00
CA ILE C 11 -1.03 17.44 -7.35
C ILE C 11 -0.55 16.51 -6.24
N ALA C 12 -0.64 16.98 -5.00
CA ALA C 12 -0.20 16.19 -3.84
C ALA C 12 -0.63 14.73 -4.01
N VAL C 13 -1.64 14.48 -4.86
CA VAL C 13 -2.13 13.13 -5.07
C VAL C 13 -1.02 12.22 -5.59
N GLY C 14 -0.23 12.74 -6.54
CA GLY C 14 0.88 11.96 -7.08
C GLY C 14 1.92 11.66 -6.01
N ALA C 15 2.22 12.67 -5.20
CA ALA C 15 3.21 12.51 -4.13
C ALA C 15 2.69 11.54 -3.07
N ALA C 16 1.39 11.62 -2.77
CA ALA C 16 0.80 10.75 -1.77
C ALA C 16 0.94 9.28 -2.18
N LEU C 17 0.66 9.01 -3.45
CA LEU C 17 0.77 7.64 -3.96
C LEU C 17 2.22 7.17 -3.92
N ALA C 18 3.14 8.07 -4.26
CA ALA C 18 4.55 7.73 -4.26
C ALA C 18 5.01 7.35 -2.85
N GLY C 19 4.49 8.05 -1.86
CA GLY C 19 4.85 7.78 -0.47
C GLY C 19 4.37 6.39 -0.04
N VAL C 20 3.17 6.02 -0.49
CA VAL C 20 2.60 4.72 -0.15
C VAL C 20 3.46 3.59 -0.70
N LEU C 21 3.92 3.75 -1.94
CA LEU C 21 4.76 2.74 -2.56
C LEU C 21 6.05 2.55 -1.75
N ILE C 22 6.61 3.65 -1.26
CA ILE C 22 7.82 3.59 -0.47
C ILE C 22 7.56 2.82 0.82
N LEU C 23 6.41 3.07 1.44
CA LEU C 23 6.05 2.40 2.68
C LEU C 23 5.95 0.90 2.47
N VAL C 24 5.38 0.51 1.34
CA VAL C 24 5.22 -0.91 1.02
C VAL C 24 6.57 -1.59 0.91
N LEU C 25 7.53 -0.90 0.30
CA LEU C 25 8.87 -1.47 0.14
C LEU C 25 9.50 -1.75 1.49
N LEU C 26 9.33 -0.82 2.42
CA LEU C 26 9.89 -1.01 3.75
C LEU C 26 9.26 -2.23 4.40
N ALA C 27 7.94 -2.34 4.25
CA ALA C 27 7.20 -3.47 4.81
C ALA C 27 7.63 -4.76 4.13
N TYR C 28 7.91 -4.68 2.85
CA TYR C 28 8.33 -5.84 2.08
C TYR C 28 9.60 -6.44 2.66
N PHE C 29 10.57 -5.58 2.97
CA PHE C 29 11.84 -6.02 3.53
C PHE C 29 11.62 -6.70 4.88
N ILE C 30 10.83 -6.06 5.74
CA ILE C 30 10.53 -6.60 7.06
C ILE C 30 9.75 -7.91 6.91
N GLY C 31 8.78 -7.92 6.00
CA GLY C 31 7.96 -9.09 5.78
C GLY C 31 8.81 -10.29 5.38
N LEU C 32 9.91 -10.03 4.67
CA LEU C 32 10.79 -11.10 4.24
C LEU C 32 11.38 -11.83 5.45
N LYS C 33 11.78 -11.05 6.45
CA LYS C 33 12.36 -11.63 7.66
C LYS C 33 13.57 -12.50 7.31
N HIS C 34 14.72 -12.15 7.88
CA HIS C 34 15.94 -12.90 7.61
C HIS C 34 15.78 -14.36 8.05
N HIS C 35 15.20 -14.55 9.23
CA HIS C 35 14.97 -15.90 9.75
C HIS C 35 13.63 -16.44 9.29
N HIS C 36 13.63 -17.67 8.77
CA HIS C 36 12.40 -18.29 8.30
C HIS C 36 11.49 -18.62 9.47
N ALA C 37 10.25 -18.13 9.42
CA ALA C 37 9.27 -18.38 10.49
C ALA C 37 8.31 -19.50 10.09
N GLY C 38 8.35 -19.87 8.82
CA GLY C 38 7.47 -20.94 8.32
C GLY C 38 7.76 -22.26 9.02
N TYR C 39 9.04 -22.52 9.29
CA TYR C 39 9.44 -23.76 9.96
C TYR C 39 9.17 -23.66 11.46
N GLU C 40 8.42 -24.61 12.00
CA GLU C 40 8.11 -24.61 13.44
C GLU C 40 8.27 -26.02 14.02
N GLN C 41 8.66 -26.10 15.30
CA GLN C 41 8.83 -27.40 15.94
C GLN C 41 7.47 -28.00 16.26
N PHE C 42 7.27 -29.25 15.88
CA PHE C 42 6.01 -29.93 16.16
C PHE C 42 5.88 -30.26 17.64
#